data_6PWL
#
_entry.id   6PWL
#
_cell.length_a   87.735
_cell.length_b   81.279
_cell.length_c   105.117
_cell.angle_alpha   90.000
_cell.angle_beta   112.990
_cell.angle_gamma   90.000
#
_symmetry.space_group_name_H-M   'P 1 21 1'
#
loop_
_entity.id
_entity.type
_entity.pdbx_description
1 polymer Beta-lactamase
2 non-polymer '(7Z)-7-(2-amino-1,3-thiazol-4-yl)-1,1,3-trihydroxy-10,10-dimethyl-1,6-dioxo-2,9-dioxa-5,8-diaza-1lambda~5~-phospha-3-boraundec-7-en-11-oic acid'
3 non-polymer GLYCINE
4 water water
#
_entity_poly.entity_id   1
_entity_poly.type   'polypeptide(L)'
_entity_poly.pdbx_seq_one_letter_code
;MDNTPKDQEIKKLVDQNFKPLLEKYDVPGMAVGVIQNNKKYEMYYGLQSVQDKKAVNSNTIFELGSVSKLFTATAGGYAK
NKGKISFDDTPGKYWKELKNTPIDQVNLLQLATYTSGNLALQFPDEVQTDQQVLTFFKDWKPKNPIGEYRQYSNPSIGLF
GKVVALSMNKPFDQVLEKTIFPALGLKHSYVNVPKTQMQNYAFGYNQENQPIRVNPGPLDAPAYGVKSTLPDMLSFIHAN
LNPQKYPTDIQRAINETHQGRYQVNTMYQALGWEEFSYPATLQTLLDSNSEQIVMKPNKVTAISKEPSVKMYHKTGSTSG
FGTYVVFIPKENIGLVMLTNKRIPNEERIKAAYVVLNAIKK
;
_entity_poly.pdbx_strand_id   A,B,C,D
#
loop_
_chem_comp.id
_chem_comp.type
_chem_comp.name
_chem_comp.formula
LP0 non-polymer '(7Z)-7-(2-amino-1,3-thiazol-4-yl)-1,1,3-trihydroxy-10,10-dimethyl-1,6-dioxo-2,9-dioxa-5,8-diaza-1lambda~5~-phospha-3-boraundec-7-en-11-oic acid' 'C10 H16 B N4 O9 P S'
#
# COMPACT_ATOMS: atom_id res chain seq x y z
N LYS A 6 -16.00 19.49 -29.11
CA LYS A 6 -14.62 19.32 -29.66
C LYS A 6 -14.17 17.86 -29.46
N ASP A 7 -14.28 17.34 -28.24
CA ASP A 7 -13.95 15.92 -27.91
C ASP A 7 -14.75 14.99 -28.85
N GLN A 8 -16.00 15.36 -29.15
CA GLN A 8 -16.92 14.57 -30.00
C GLN A 8 -16.37 14.44 -31.43
N GLU A 9 -15.52 15.36 -31.86
CA GLU A 9 -14.95 15.37 -33.22
C GLU A 9 -13.89 14.30 -33.39
N ILE A 10 -13.21 13.76 -32.36
CA ILE A 10 -12.03 12.86 -32.55
C ILE A 10 -12.46 11.60 -33.33
N LYS A 11 -13.55 10.96 -32.93
CA LYS A 11 -14.04 9.73 -33.63
C LYS A 11 -14.27 10.07 -35.11
N LYS A 12 -14.93 11.21 -35.39
CA LYS A 12 -15.30 11.61 -36.78
C LYS A 12 -14.03 11.82 -37.60
N LEU A 13 -13.02 12.49 -37.02
CA LEU A 13 -11.73 12.73 -37.71
C LEU A 13 -11.08 11.39 -38.07
N VAL A 14 -11.07 10.44 -37.14
CA VAL A 14 -10.42 9.11 -37.35
C VAL A 14 -11.24 8.34 -38.40
N ASP A 15 -12.57 8.38 -38.30
CA ASP A 15 -13.47 7.78 -39.33
C ASP A 15 -13.17 8.41 -40.70
N GLN A 16 -12.95 9.72 -40.74
CA GLN A 16 -12.74 10.47 -42.01
C GLN A 16 -11.40 10.10 -42.65
N ASN A 17 -10.37 9.84 -41.84
CA ASN A 17 -8.95 9.82 -42.30
C ASN A 17 -8.37 8.39 -42.27
N PHE A 18 -8.77 7.56 -41.32
CA PHE A 18 -8.21 6.20 -41.14
C PHE A 18 -9.15 5.15 -41.75
N LYS A 19 -10.45 5.23 -41.47
CA LYS A 19 -11.44 4.19 -41.87
C LYS A 19 -11.36 3.87 -43.37
N PRO A 20 -11.22 4.87 -44.28
CA PRO A 20 -11.18 4.59 -45.71
C PRO A 20 -10.00 3.72 -46.15
N LEU A 21 -8.92 3.68 -45.38
CA LEU A 21 -7.71 2.88 -45.69
C LEU A 21 -8.03 1.38 -45.66
N LEU A 22 -9.01 0.97 -44.84
CA LEU A 22 -9.42 -0.46 -44.75
C LEU A 22 -9.91 -0.94 -46.12
N GLU A 23 -10.84 -0.22 -46.74
CA GLU A 23 -11.36 -0.59 -48.08
C GLU A 23 -10.26 -0.43 -49.13
N LYS A 24 -9.49 0.66 -49.04
CA LYS A 24 -8.46 1.02 -50.05
C LYS A 24 -7.41 -0.08 -50.14
N TYR A 25 -6.96 -0.63 -49.02
CA TYR A 25 -5.84 -1.61 -48.97
C TYR A 25 -6.32 -3.01 -48.56
N ASP A 26 -7.63 -3.19 -48.40
CA ASP A 26 -8.26 -4.48 -48.02
C ASP A 26 -7.61 -4.94 -46.71
N VAL A 27 -7.65 -4.07 -45.70
CA VAL A 27 -7.09 -4.34 -44.34
C VAL A 27 -8.19 -4.95 -43.50
N PRO A 28 -8.03 -6.19 -42.97
CA PRO A 28 -9.07 -6.80 -42.17
C PRO A 28 -9.42 -6.04 -40.89
N GLY A 29 -8.40 -5.55 -40.16
CA GLY A 29 -8.58 -4.96 -38.82
C GLY A 29 -7.65 -3.78 -38.56
N MET A 30 -8.12 -2.83 -37.78
CA MET A 30 -7.34 -1.61 -37.42
C MET A 30 -7.74 -1.12 -36.04
N ALA A 31 -6.77 -0.66 -35.25
CA ALA A 31 -6.99 0.04 -33.99
C ALA A 31 -6.26 1.38 -34.06
N VAL A 32 -7.00 2.47 -33.89
CA VAL A 32 -6.45 3.86 -33.88
C VAL A 32 -6.78 4.47 -32.53
N GLY A 33 -5.74 4.91 -31.83
CA GLY A 33 -5.84 5.57 -30.54
C GLY A 33 -5.35 7.00 -30.64
N VAL A 34 -6.09 7.92 -30.02
CA VAL A 34 -5.62 9.31 -29.80
C VAL A 34 -5.55 9.52 -28.29
N ILE A 35 -4.50 10.20 -27.85
CA ILE A 35 -4.42 10.69 -26.45
C ILE A 35 -4.27 12.21 -26.52
N GLN A 36 -5.15 12.93 -25.85
CA GLN A 36 -5.18 14.42 -25.81
C GLN A 36 -5.44 14.85 -24.37
N ASN A 37 -4.51 15.59 -23.77
CA ASN A 37 -4.63 16.13 -22.39
C ASN A 37 -4.99 14.98 -21.45
N ASN A 38 -4.31 13.84 -21.59
CA ASN A 38 -4.42 12.68 -20.65
C ASN A 38 -5.78 11.99 -20.78
N LYS A 39 -6.56 12.28 -21.83
CA LYS A 39 -7.79 11.52 -22.19
C LYS A 39 -7.47 10.61 -23.38
N LYS A 40 -7.83 9.33 -23.27
CA LYS A 40 -7.59 8.30 -24.32
C LYS A 40 -8.88 8.06 -25.12
N TYR A 41 -8.74 8.02 -26.44
CA TYR A 41 -9.80 7.70 -27.42
C TYR A 41 -9.35 6.45 -28.19
N GLU A 42 -10.16 5.40 -28.14
CA GLU A 42 -9.88 4.12 -28.83
C GLU A 42 -10.94 3.90 -29.92
N MET A 43 -10.49 3.80 -31.17
CA MET A 43 -11.34 3.46 -32.34
C MET A 43 -10.90 2.10 -32.87
N TYR A 44 -11.84 1.16 -32.95
CA TYR A 44 -11.61 -0.23 -33.44
C TYR A 44 -12.45 -0.46 -34.71
N TYR A 45 -11.82 -1.08 -35.69
CA TYR A 45 -12.41 -1.37 -37.03
C TYR A 45 -12.11 -2.81 -37.41
N GLY A 46 -13.13 -3.53 -37.90
CA GLY A 46 -12.90 -4.81 -38.58
C GLY A 46 -12.46 -5.91 -37.62
N LEU A 47 -11.66 -6.84 -38.15
CA LEU A 47 -11.47 -8.19 -37.58
C LEU A 47 -9.99 -8.40 -37.23
N GLN A 48 -9.75 -8.94 -36.04
CA GLN A 48 -8.42 -9.43 -35.58
C GLN A 48 -8.12 -10.77 -36.29
N SER A 49 -9.16 -11.57 -36.56
CA SER A 49 -9.07 -12.83 -37.34
C SER A 49 -10.24 -12.87 -38.34
N VAL A 50 -9.91 -12.93 -39.63
CA VAL A 50 -10.91 -13.06 -40.73
C VAL A 50 -11.61 -14.41 -40.57
N GLN A 51 -10.83 -15.48 -40.44
CA GLN A 51 -11.36 -16.87 -40.42
C GLN A 51 -12.26 -17.05 -39.18
N ASP A 52 -11.89 -16.48 -38.03
CA ASP A 52 -12.64 -16.64 -36.76
C ASP A 52 -13.74 -15.59 -36.63
N LYS A 53 -13.82 -14.63 -37.56
CA LYS A 53 -14.79 -13.51 -37.51
C LYS A 53 -14.71 -12.84 -36.13
N LYS A 54 -13.49 -12.66 -35.61
CA LYS A 54 -13.22 -12.11 -34.27
C LYS A 54 -12.86 -10.63 -34.40
N ALA A 55 -13.62 -9.75 -33.73
CA ALA A 55 -13.57 -8.30 -33.92
C ALA A 55 -12.31 -7.75 -33.26
N VAL A 56 -11.70 -6.74 -33.85
CA VAL A 56 -10.63 -5.96 -33.18
C VAL A 56 -11.27 -5.28 -31.97
N ASN A 57 -10.59 -5.34 -30.82
CA ASN A 57 -11.05 -4.76 -29.55
C ASN A 57 -9.85 -4.39 -28.70
N SER A 58 -10.10 -3.90 -27.49
CA SER A 58 -9.07 -3.40 -26.56
C SER A 58 -8.15 -4.54 -26.09
N ASN A 59 -8.53 -5.81 -26.28
CA ASN A 59 -7.69 -6.99 -25.93
C ASN A 59 -6.83 -7.43 -27.13
N THR A 60 -7.07 -6.92 -28.33
CA THR A 60 -6.39 -7.42 -29.55
C THR A 60 -4.89 -7.11 -29.46
N ILE A 61 -4.04 -8.12 -29.63
CA ILE A 61 -2.56 -8.00 -29.63
C ILE A 61 -2.09 -7.93 -31.09
N PHE A 62 -1.33 -6.89 -31.40
CA PHE A 62 -0.75 -6.61 -32.73
C PHE A 62 0.78 -6.70 -32.66
N GLU A 63 1.43 -7.12 -33.74
CA GLU A 63 2.90 -7.04 -33.89
C GLU A 63 3.28 -5.58 -34.16
N LEU A 64 4.20 -5.03 -33.36
CA LEU A 64 4.63 -3.61 -33.46
C LEU A 64 5.72 -3.43 -34.52
N GLY A 65 6.34 -4.51 -34.98
CA GLY A 65 7.53 -4.44 -35.85
C GLY A 65 8.56 -3.47 -35.27
N SER A 66 9.08 -2.56 -36.08
CA SER A 66 10.19 -1.65 -35.71
C SER A 66 9.79 -0.67 -34.60
N VAL A 67 8.51 -0.52 -34.28
CA VAL A 67 8.12 0.27 -33.08
C VAL A 67 8.68 -0.42 -31.82
N SER A 68 9.01 -1.72 -31.90
CA SER A 68 9.76 -2.47 -30.86
C SER A 68 11.06 -1.74 -30.49
N LYS A 69 11.71 -1.08 -31.45
CA LYS A 69 13.00 -0.35 -31.26
C LYS A 69 12.85 0.73 -30.18
N LEU A 70 11.64 1.27 -30.00
CA LEU A 70 11.37 2.32 -28.97
C LEU A 70 11.49 1.72 -27.57
N PHE A 71 11.06 0.47 -27.39
CA PHE A 71 11.20 -0.25 -26.11
C PHE A 71 12.67 -0.61 -25.89
N THR A 72 13.38 -1.01 -26.95
CA THR A 72 14.84 -1.30 -26.88
C THR A 72 15.58 -0.04 -26.44
N ALA A 73 15.25 1.11 -27.05
CA ALA A 73 15.83 2.44 -26.73
C ALA A 73 15.54 2.76 -25.25
N THR A 74 14.30 2.56 -24.81
CA THR A 74 13.87 2.84 -23.42
C THR A 74 14.68 1.95 -22.47
N ALA A 75 14.83 0.66 -22.79
CA ALA A 75 15.62 -0.32 -21.99
C ALA A 75 17.08 0.18 -21.89
N GLY A 76 17.62 0.70 -22.99
CA GLY A 76 18.98 1.28 -23.05
C GLY A 76 19.10 2.49 -22.14
N GLY A 77 18.16 3.44 -22.24
CA GLY A 77 18.13 4.65 -21.39
C GLY A 77 18.01 4.29 -19.91
N TYR A 78 17.27 3.23 -19.59
CA TYR A 78 17.05 2.73 -18.20
C TYR A 78 18.39 2.19 -17.66
N ALA A 79 19.05 1.32 -18.44
CA ALA A 79 20.36 0.71 -18.11
C ALA A 79 21.41 1.82 -17.89
N LYS A 80 21.44 2.82 -18.78
CA LYS A 80 22.41 3.94 -18.71
C LYS A 80 22.24 4.72 -17.41
N ASN A 81 21.00 5.11 -17.09
N ASN A 81 21.00 5.12 -17.09
CA ASN A 81 20.70 6.02 -15.95
CA ASN A 81 20.68 6.01 -15.94
C ASN A 81 20.79 5.23 -14.63
C ASN A 81 20.81 5.23 -14.62
N LYS A 82 20.83 3.89 -14.68
CA LYS A 82 21.14 3.00 -13.53
C LYS A 82 22.64 2.74 -13.47
N GLY A 83 23.41 3.27 -14.43
CA GLY A 83 24.88 3.19 -14.49
C GLY A 83 25.36 1.83 -14.93
N LYS A 84 24.49 0.99 -15.51
CA LYS A 84 24.81 -0.39 -15.93
C LYS A 84 25.62 -0.34 -17.22
N ILE A 85 25.43 0.73 -18.02
CA ILE A 85 26.17 0.97 -19.29
C ILE A 85 26.46 2.46 -19.41
N SER A 86 27.45 2.80 -20.23
CA SER A 86 27.69 4.14 -20.82
C SER A 86 27.54 4.01 -22.34
N PHE A 87 26.96 5.02 -22.99
CA PHE A 87 26.77 5.03 -24.47
C PHE A 87 28.13 5.18 -25.17
N ASP A 88 29.17 5.58 -24.42
CA ASP A 88 30.57 5.67 -24.91
C ASP A 88 31.22 4.28 -24.91
N ASP A 89 30.67 3.32 -24.16
CA ASP A 89 31.18 1.93 -24.08
C ASP A 89 31.10 1.25 -25.45
N THR A 90 31.85 0.17 -25.63
CA THR A 90 31.86 -0.67 -26.86
C THR A 90 31.32 -2.04 -26.49
N PRO A 91 30.81 -2.83 -27.47
CA PRO A 91 30.09 -4.07 -27.15
C PRO A 91 30.94 -5.13 -26.45
N GLY A 92 32.24 -5.19 -26.78
CA GLY A 92 33.22 -6.14 -26.22
C GLY A 92 33.29 -6.07 -24.70
N LYS A 93 33.00 -4.91 -24.11
CA LYS A 93 32.98 -4.68 -22.63
C LYS A 93 31.93 -5.59 -21.98
N TYR A 94 30.87 -5.97 -22.70
CA TYR A 94 29.71 -6.73 -22.17
C TYR A 94 29.65 -8.11 -22.84
N TRP A 95 29.78 -8.18 -24.17
CA TRP A 95 29.90 -9.44 -24.92
C TRP A 95 31.39 -9.75 -25.15
N LYS A 96 31.99 -10.48 -24.21
CA LYS A 96 33.46 -10.67 -24.06
C LYS A 96 34.06 -11.19 -25.38
N GLU A 97 33.35 -12.07 -26.10
CA GLU A 97 33.82 -12.72 -27.34
C GLU A 97 33.99 -11.69 -28.47
N LEU A 98 33.50 -10.45 -28.30
CA LEU A 98 33.70 -9.35 -29.28
C LEU A 98 34.83 -8.41 -28.86
N LYS A 99 35.37 -8.57 -27.65
CA LYS A 99 36.50 -7.75 -27.13
C LYS A 99 37.66 -7.81 -28.15
N ASN A 100 38.20 -6.64 -28.50
CA ASN A 100 39.37 -6.44 -29.38
C ASN A 100 39.11 -6.94 -30.81
N THR A 101 37.84 -7.01 -31.23
CA THR A 101 37.42 -7.26 -32.65
C THR A 101 37.06 -5.91 -33.28
N PRO A 102 37.04 -5.78 -34.62
CA PRO A 102 36.72 -4.50 -35.27
C PRO A 102 35.41 -3.84 -34.80
N ILE A 103 34.34 -4.63 -34.59
CA ILE A 103 33.01 -4.10 -34.12
C ILE A 103 33.18 -3.47 -32.74
N ASP A 104 34.23 -3.84 -31.98
CA ASP A 104 34.50 -3.29 -30.63
C ASP A 104 35.07 -1.86 -30.70
N GLN A 105 35.18 -1.29 -31.91
CA GLN A 105 35.56 0.12 -32.13
C GLN A 105 34.29 0.97 -32.30
N VAL A 106 33.12 0.34 -32.33
CA VAL A 106 31.80 1.04 -32.42
C VAL A 106 31.23 1.14 -31.01
N ASN A 107 30.76 2.32 -30.60
CA ASN A 107 30.22 2.52 -29.23
C ASN A 107 28.72 2.19 -29.25
N LEU A 108 28.10 2.11 -28.08
CA LEU A 108 26.69 1.66 -27.92
C LEU A 108 25.75 2.65 -28.61
N LEU A 109 26.04 3.96 -28.54
CA LEU A 109 25.19 4.99 -29.18
C LEU A 109 25.19 4.79 -30.70
N GLN A 110 26.36 4.53 -31.28
CA GLN A 110 26.52 4.36 -32.75
C GLN A 110 25.75 3.11 -33.19
N LEU A 111 25.76 2.04 -32.38
CA LEU A 111 24.96 0.83 -32.65
C LEU A 111 23.46 1.16 -32.60
N ALA A 112 23.03 1.87 -31.55
CA ALA A 112 21.59 2.20 -31.31
C ALA A 112 21.08 3.11 -32.42
N THR A 113 21.93 3.96 -33.00
CA THR A 113 21.54 5.02 -33.98
C THR A 113 22.10 4.73 -35.39
N TYR A 114 22.55 3.49 -35.63
CA TYR A 114 22.74 2.90 -36.98
C TYR A 114 23.94 3.52 -37.73
N THR A 115 25.01 3.89 -37.02
CA THR A 115 26.17 4.62 -37.64
C THR A 115 27.47 3.82 -37.50
N SER A 116 27.40 2.49 -37.40
CA SER A 116 28.58 1.59 -37.48
C SER A 116 29.31 1.81 -38.80
N GLY A 117 28.60 2.21 -39.86
CA GLY A 117 29.14 2.47 -41.20
C GLY A 117 29.24 1.20 -42.05
N ASN A 118 28.79 0.04 -41.54
CA ASN A 118 28.73 -1.21 -42.34
C ASN A 118 27.74 -2.22 -41.75
N LEU A 119 26.49 -1.81 -41.51
CA LEU A 119 25.40 -2.76 -41.13
C LEU A 119 24.14 -2.43 -41.92
N ALA A 120 23.63 -3.42 -42.66
CA ALA A 120 22.48 -3.31 -43.56
C ALA A 120 21.18 -3.48 -42.74
N LEU A 121 20.03 -3.32 -43.41
CA LEU A 121 18.69 -3.43 -42.79
C LEU A 121 18.57 -4.75 -42.05
N GLN A 122 18.95 -5.86 -42.71
CA GLN A 122 18.76 -7.22 -42.19
C GLN A 122 20.11 -7.93 -42.08
N PHE A 123 20.21 -8.88 -41.15
CA PHE A 123 21.21 -9.97 -41.17
C PHE A 123 21.09 -10.73 -42.49
N PRO A 124 22.17 -11.36 -42.99
CA PRO A 124 22.05 -12.34 -44.07
C PRO A 124 21.09 -13.48 -43.69
N ASP A 125 20.32 -14.00 -44.65
CA ASP A 125 19.31 -15.06 -44.43
C ASP A 125 19.92 -16.23 -43.65
N GLU A 126 21.17 -16.59 -43.97
CA GLU A 126 21.87 -17.78 -43.42
C GLU A 126 22.10 -17.63 -41.91
N VAL A 127 22.20 -16.39 -41.40
CA VAL A 127 22.42 -16.09 -39.96
C VAL A 127 21.10 -16.32 -39.22
N GLN A 128 21.07 -17.28 -38.31
CA GLN A 128 19.86 -17.73 -37.57
C GLN A 128 20.21 -18.01 -36.10
N THR A 129 21.22 -18.86 -35.86
CA THR A 129 21.61 -19.33 -34.51
C THR A 129 22.44 -18.25 -33.81
N ASP A 130 22.55 -18.32 -32.48
CA ASP A 130 23.37 -17.41 -31.64
C ASP A 130 24.83 -17.47 -32.10
N GLN A 131 25.29 -18.68 -32.46
CA GLN A 131 26.68 -18.95 -32.90
C GLN A 131 26.92 -18.21 -34.21
N GLN A 132 25.98 -18.31 -35.17
CA GLN A 132 26.03 -17.62 -36.48
C GLN A 132 25.99 -16.10 -36.26
N VAL A 133 25.23 -15.64 -35.26
CA VAL A 133 25.13 -14.19 -34.93
C VAL A 133 26.48 -13.72 -34.35
N LEU A 134 27.04 -14.47 -33.40
CA LEU A 134 28.37 -14.14 -32.80
C LEU A 134 29.41 -14.10 -33.92
N THR A 135 29.46 -15.14 -34.77
CA THR A 135 30.37 -15.25 -35.93
C THR A 135 30.25 -14.02 -36.81
N PHE A 136 29.02 -13.62 -37.15
CA PHE A 136 28.74 -12.44 -38.03
C PHE A 136 29.48 -11.21 -37.48
N PHE A 137 29.36 -10.94 -36.16
CA PHE A 137 29.92 -9.73 -35.51
C PHE A 137 31.44 -9.87 -35.31
N LYS A 138 31.93 -11.08 -35.03
CA LYS A 138 33.39 -11.36 -34.95
C LYS A 138 34.05 -11.06 -36.31
N ASP A 139 33.40 -11.46 -37.40
CA ASP A 139 33.93 -11.33 -38.79
C ASP A 139 33.69 -9.93 -39.35
N TRP A 140 32.88 -9.11 -38.66
CA TRP A 140 32.54 -7.74 -39.09
C TRP A 140 33.80 -6.89 -39.22
N LYS A 141 33.90 -6.13 -40.31
CA LYS A 141 34.97 -5.13 -40.59
C LYS A 141 34.30 -3.82 -40.97
N PRO A 142 34.92 -2.66 -40.68
CA PRO A 142 34.33 -1.36 -41.05
C PRO A 142 34.31 -1.16 -42.57
N LYS A 143 33.51 -0.21 -43.03
CA LYS A 143 33.50 0.27 -44.43
C LYS A 143 33.54 1.80 -44.41
N ASN A 144 32.43 2.46 -44.09
CA ASN A 144 32.39 3.94 -44.00
C ASN A 144 32.99 4.35 -42.67
N PRO A 145 33.52 5.59 -42.54
CA PRO A 145 34.00 6.09 -41.26
C PRO A 145 32.95 5.88 -40.15
N ILE A 146 33.32 5.22 -39.07
CA ILE A 146 32.43 4.92 -37.90
C ILE A 146 31.83 6.23 -37.39
N GLY A 147 30.50 6.29 -37.26
CA GLY A 147 29.78 7.42 -36.65
C GLY A 147 29.32 8.43 -37.69
N GLU A 148 29.77 8.32 -38.95
CA GLU A 148 29.55 9.34 -40.00
C GLU A 148 28.35 9.01 -40.89
N TYR A 149 28.01 7.73 -41.10
CA TYR A 149 26.93 7.32 -42.04
C TYR A 149 25.81 6.55 -41.32
N ARG A 150 24.58 7.02 -41.51
CA ARG A 150 23.37 6.33 -40.99
C ARG A 150 22.89 5.31 -42.03
N GLN A 151 22.86 4.03 -41.66
CA GLN A 151 22.10 3.01 -42.43
C GLN A 151 21.15 2.28 -41.47
N TYR A 152 19.85 2.54 -41.60
CA TYR A 152 18.78 1.90 -40.79
C TYR A 152 19.01 0.39 -40.76
N SER A 153 19.19 -0.20 -39.58
CA SER A 153 19.73 -1.58 -39.41
C SER A 153 19.15 -2.30 -38.19
N ASN A 154 18.49 -3.44 -38.43
CA ASN A 154 18.02 -4.39 -37.38
C ASN A 154 19.23 -4.97 -36.63
N PRO A 155 20.27 -5.49 -37.32
CA PRO A 155 21.44 -6.00 -36.63
C PRO A 155 22.10 -4.96 -35.68
N SER A 156 22.14 -3.70 -36.10
CA SER A 156 22.83 -2.60 -35.35
C SER A 156 22.13 -2.41 -33.99
N ILE A 157 20.82 -2.12 -34.00
CA ILE A 157 20.07 -1.89 -32.72
C ILE A 157 19.84 -3.24 -32.03
N GLY A 158 19.79 -4.34 -32.79
CA GLY A 158 19.77 -5.71 -32.22
C GLY A 158 20.96 -5.94 -31.30
N LEU A 159 22.19 -5.64 -31.76
CA LEU A 159 23.40 -5.84 -30.93
C LEU A 159 23.33 -4.92 -29.71
N PHE A 160 22.88 -3.67 -29.88
CA PHE A 160 22.66 -2.72 -28.77
C PHE A 160 21.74 -3.35 -27.73
N GLY A 161 20.61 -3.91 -28.17
CA GLY A 161 19.65 -4.58 -27.27
C GLY A 161 20.28 -5.73 -26.51
N LYS A 162 21.04 -6.58 -27.20
CA LYS A 162 21.72 -7.75 -26.56
C LYS A 162 22.68 -7.26 -25.47
N VAL A 163 23.43 -6.20 -25.75
CA VAL A 163 24.43 -5.61 -24.83
C VAL A 163 23.71 -5.01 -23.62
N VAL A 164 22.60 -4.29 -23.83
CA VAL A 164 21.77 -3.74 -22.72
C VAL A 164 21.37 -4.88 -21.81
N ALA A 165 20.90 -6.00 -22.38
CA ALA A 165 20.44 -7.19 -21.63
C ALA A 165 21.60 -7.77 -20.83
N LEU A 166 22.77 -7.94 -21.46
CA LEU A 166 24.01 -8.45 -20.78
C LEU A 166 24.32 -7.54 -19.58
N SER A 167 24.24 -6.23 -19.76
CA SER A 167 24.56 -5.20 -18.72
C SER A 167 23.63 -5.36 -17.52
N MET A 168 22.43 -5.92 -17.72
CA MET A 168 21.40 -6.08 -16.66
C MET A 168 21.31 -7.54 -16.23
N ASN A 169 22.18 -8.41 -16.76
CA ASN A 169 22.31 -9.85 -16.36
C ASN A 169 20.95 -10.55 -16.46
N LYS A 170 20.19 -10.25 -17.52
CA LYS A 170 18.86 -10.83 -17.82
C LYS A 170 18.77 -11.01 -19.32
N PRO A 171 18.11 -12.07 -19.83
CA PRO A 171 17.82 -12.15 -21.26
C PRO A 171 16.93 -10.96 -21.66
N PHE A 172 17.07 -10.50 -22.90
CA PHE A 172 16.38 -9.28 -23.40
C PHE A 172 14.86 -9.38 -23.18
N ASP A 173 14.27 -10.56 -23.43
CA ASP A 173 12.81 -10.79 -23.29
C ASP A 173 12.39 -10.44 -21.85
N GLN A 174 13.21 -10.83 -20.86
CA GLN A 174 12.93 -10.62 -19.42
C GLN A 174 13.17 -9.15 -19.05
N VAL A 175 14.17 -8.51 -19.65
CA VAL A 175 14.41 -7.05 -19.44
C VAL A 175 13.10 -6.30 -19.70
N LEU A 176 12.45 -6.57 -20.83
CA LEU A 176 11.18 -5.88 -21.21
C LEU A 176 10.03 -6.41 -20.34
N GLU A 177 9.82 -7.73 -20.28
CA GLU A 177 8.61 -8.33 -19.68
C GLU A 177 8.62 -8.17 -18.15
N LYS A 178 9.80 -8.20 -17.51
CA LYS A 178 9.92 -8.19 -16.03
C LYS A 178 10.27 -6.80 -15.50
N THR A 179 10.94 -5.93 -16.27
CA THR A 179 11.41 -4.61 -15.78
C THR A 179 10.71 -3.46 -16.50
N ILE A 180 10.83 -3.36 -17.84
CA ILE A 180 10.45 -2.14 -18.59
C ILE A 180 8.92 -2.05 -18.71
N PHE A 181 8.23 -3.11 -19.13
CA PHE A 181 6.76 -3.09 -19.34
C PHE A 181 6.05 -2.80 -18.01
N PRO A 182 6.40 -3.49 -16.90
CA PRO A 182 5.80 -3.20 -15.60
C PRO A 182 6.02 -1.75 -15.15
N ALA A 183 7.23 -1.23 -15.37
CA ALA A 183 7.61 0.17 -15.01
C ALA A 183 6.73 1.16 -15.80
N LEU A 184 6.31 0.80 -17.00
CA LEU A 184 5.46 1.67 -17.87
C LEU A 184 3.98 1.38 -17.62
N GLY A 185 3.67 0.43 -16.72
CA GLY A 185 2.29 0.02 -16.39
C GLY A 185 1.58 -0.61 -17.59
N LEU A 186 2.32 -1.38 -18.40
CA LEU A 186 1.76 -2.10 -19.57
C LEU A 186 1.35 -3.51 -19.11
N LYS A 187 0.08 -3.87 -19.36
CA LYS A 187 -0.59 -5.11 -18.87
C LYS A 187 -0.51 -6.22 -19.92
N HIS A 188 -0.51 -5.89 -21.21
CA HIS A 188 -0.63 -6.87 -22.32
C HIS A 188 0.38 -6.57 -23.42
N SER A 189 1.64 -6.38 -23.03
CA SER A 189 2.78 -6.17 -23.96
C SER A 189 3.78 -7.31 -23.77
N TYR A 190 4.20 -7.91 -24.88
CA TYR A 190 4.95 -9.20 -24.87
C TYR A 190 6.06 -9.19 -25.91
N VAL A 191 7.16 -9.87 -25.57
CA VAL A 191 8.16 -10.41 -26.52
C VAL A 191 7.67 -11.80 -26.96
N ASN A 192 7.22 -12.61 -26.00
CA ASN A 192 6.63 -13.96 -26.23
C ASN A 192 5.19 -13.95 -25.72
N VAL A 193 4.20 -14.03 -26.62
CA VAL A 193 2.76 -14.01 -26.22
C VAL A 193 2.48 -15.35 -25.55
N PRO A 194 2.04 -15.36 -24.27
CA PRO A 194 1.78 -16.62 -23.56
C PRO A 194 0.54 -17.35 -24.10
N LYS A 195 0.47 -18.65 -23.84
CA LYS A 195 -0.65 -19.56 -24.24
C LYS A 195 -1.99 -18.87 -23.96
N THR A 196 -2.11 -18.26 -22.79
CA THR A 196 -3.36 -17.66 -22.25
C THR A 196 -3.79 -16.43 -23.05
N GLN A 197 -2.92 -15.89 -23.90
CA GLN A 197 -3.19 -14.64 -24.67
C GLN A 197 -3.22 -14.91 -26.17
N MET A 198 -2.92 -16.15 -26.61
CA MET A 198 -2.89 -16.49 -28.05
C MET A 198 -4.27 -16.22 -28.69
N GLN A 199 -5.36 -16.39 -27.95
CA GLN A 199 -6.75 -16.09 -28.42
C GLN A 199 -6.90 -14.60 -28.77
N ASN A 200 -6.06 -13.72 -28.20
CA ASN A 200 -6.14 -12.25 -28.42
C ASN A 200 -5.11 -11.80 -29.46
N TYR A 201 -4.21 -12.69 -29.86
CA TYR A 201 -3.13 -12.39 -30.85
C TYR A 201 -3.75 -12.42 -32.23
N ALA A 202 -3.89 -11.25 -32.85
CA ALA A 202 -4.40 -11.07 -34.23
C ALA A 202 -3.55 -11.93 -35.17
N PHE A 203 -4.15 -12.43 -36.24
CA PHE A 203 -3.38 -12.85 -37.43
C PHE A 203 -2.98 -11.54 -38.15
N GLY A 204 -1.74 -11.51 -38.67
CA GLY A 204 -1.33 -10.60 -39.73
C GLY A 204 -1.80 -11.15 -41.06
N TYR A 205 -1.91 -10.30 -42.07
CA TYR A 205 -2.32 -10.69 -43.43
C TYR A 205 -1.33 -10.10 -44.42
N ASN A 206 -0.77 -10.96 -45.28
CA ASN A 206 0.24 -10.55 -46.31
C ASN A 206 -0.50 -9.96 -47.51
N GLN A 207 0.22 -9.69 -48.60
CA GLN A 207 -0.33 -9.00 -49.79
C GLN A 207 -1.28 -9.93 -50.54
N GLU A 208 -1.28 -11.24 -50.22
CA GLU A 208 -2.25 -12.22 -50.78
C GLU A 208 -3.41 -12.46 -49.78
N ASN A 209 -3.51 -11.62 -48.74
CA ASN A 209 -4.49 -11.75 -47.61
C ASN A 209 -4.47 -13.17 -47.04
N GLN A 210 -3.28 -13.77 -46.93
CA GLN A 210 -3.04 -15.03 -46.20
C GLN A 210 -2.63 -14.68 -44.77
N PRO A 211 -3.18 -15.39 -43.76
CA PRO A 211 -2.83 -15.17 -42.37
C PRO A 211 -1.37 -15.58 -42.09
N ILE A 212 -0.65 -14.73 -41.37
CA ILE A 212 0.80 -14.90 -41.08
C ILE A 212 1.09 -14.25 -39.74
N ARG A 213 2.05 -14.81 -39.01
CA ARG A 213 2.63 -14.21 -37.79
C ARG A 213 4.14 -14.15 -38.01
N VAL A 214 4.80 -13.23 -37.31
CA VAL A 214 6.26 -12.99 -37.42
C VAL A 214 6.97 -14.29 -37.03
N ASN A 215 8.01 -14.68 -37.76
CA ASN A 215 8.81 -15.91 -37.48
C ASN A 215 9.97 -15.54 -36.57
N PRO A 216 10.47 -16.48 -35.73
CA PRO A 216 11.71 -16.28 -35.00
C PRO A 216 12.83 -15.86 -35.96
N GLY A 217 13.70 -14.94 -35.54
CA GLY A 217 14.88 -14.52 -36.30
C GLY A 217 16.01 -14.07 -35.38
N PRO A 218 17.23 -13.82 -35.93
CA PRO A 218 18.38 -13.41 -35.13
C PRO A 218 18.16 -12.01 -34.52
N LEU A 219 18.33 -11.90 -33.20
CA LEU A 219 18.11 -10.67 -32.37
C LEU A 219 16.78 -10.02 -32.77
N ASP A 220 15.73 -10.83 -32.95
CA ASP A 220 14.40 -10.35 -33.40
C ASP A 220 13.78 -9.45 -32.33
N ALA A 221 13.81 -9.85 -31.06
CA ALA A 221 13.10 -9.17 -29.96
C ALA A 221 13.46 -7.68 -29.93
N PRO A 222 14.76 -7.30 -29.85
CA PRO A 222 15.12 -5.88 -29.79
C PRO A 222 14.86 -5.08 -31.08
N ALA A 223 14.78 -5.73 -32.24
CA ALA A 223 14.69 -5.06 -33.56
C ALA A 223 13.21 -4.89 -33.97
N TYR A 224 12.37 -5.91 -33.78
CA TYR A 224 11.00 -5.90 -34.33
C TYR A 224 10.07 -6.90 -33.62
N GLY A 225 10.39 -7.32 -32.39
CA GLY A 225 9.84 -8.55 -31.80
C GLY A 225 8.76 -8.33 -30.75
N VAL A 226 8.26 -7.09 -30.54
CA VAL A 226 7.28 -6.79 -29.47
C VAL A 226 5.85 -6.80 -30.04
N LYS A 227 4.91 -7.28 -29.24
CA LYS A 227 3.45 -7.31 -29.53
C LYS A 227 2.73 -6.60 -28.38
N SER A 228 1.68 -5.85 -28.71
CA SER A 228 0.98 -4.98 -27.73
C SER A 228 -0.45 -4.69 -28.20
N THR A 229 -1.23 -4.10 -27.31
CA THR A 229 -2.66 -3.75 -27.51
C THR A 229 -2.73 -2.24 -27.73
N LEU A 230 -3.85 -1.72 -28.24
CA LEU A 230 -4.01 -0.25 -28.38
C LEU A 230 -3.93 0.43 -27.02
N PRO A 231 -4.64 -0.03 -25.95
CA PRO A 231 -4.56 0.63 -24.65
C PRO A 231 -3.11 0.74 -24.14
N ASP A 232 -2.34 -0.35 -24.24
CA ASP A 232 -0.92 -0.38 -23.82
C ASP A 232 -0.12 0.66 -24.60
N MET A 233 -0.31 0.75 -25.91
CA MET A 233 0.47 1.68 -26.76
C MET A 233 0.06 3.12 -26.46
N LEU A 234 -1.21 3.37 -26.11
CA LEU A 234 -1.66 4.70 -25.65
C LEU A 234 -1.01 5.04 -24.29
N SER A 235 -0.84 4.07 -23.41
CA SER A 235 -0.13 4.25 -22.12
C SER A 235 1.33 4.62 -22.40
N PHE A 236 1.96 3.93 -23.35
CA PHE A 236 3.36 4.20 -23.73
C PHE A 236 3.51 5.62 -24.26
N ILE A 237 2.58 6.07 -25.11
CA ILE A 237 2.58 7.47 -25.63
C ILE A 237 2.34 8.44 -24.46
N HIS A 238 1.44 8.09 -23.53
CA HIS A 238 1.18 8.92 -22.33
C HIS A 238 2.48 9.12 -21.55
N ALA A 239 3.24 8.05 -21.33
CA ALA A 239 4.53 8.06 -20.60
C ALA A 239 5.51 9.00 -21.31
N ASN A 240 5.53 8.96 -22.66
CA ASN A 240 6.43 9.82 -23.49
C ASN A 240 5.98 11.28 -23.43
N LEU A 241 4.68 11.55 -23.33
CA LEU A 241 4.13 12.93 -23.24
C LEU A 241 4.29 13.48 -21.81
N ASN A 242 4.11 12.65 -20.80
CA ASN A 242 3.83 13.05 -19.39
C ASN A 242 4.52 12.04 -18.48
N PRO A 243 5.87 12.00 -18.48
CA PRO A 243 6.61 11.04 -17.66
C PRO A 243 6.48 11.23 -16.14
N GLN A 244 5.99 12.39 -15.65
CA GLN A 244 6.08 12.79 -14.22
C GLN A 244 5.42 11.74 -13.31
N LYS A 245 4.39 11.03 -13.79
CA LYS A 245 3.63 10.06 -12.98
C LYS A 245 4.42 8.75 -12.82
N TYR A 246 5.53 8.57 -13.54
CA TYR A 246 6.27 7.29 -13.64
C TYR A 246 7.52 7.34 -12.75
N PRO A 247 8.07 6.17 -12.34
CA PRO A 247 9.26 6.12 -11.50
C PRO A 247 10.39 6.96 -12.12
N THR A 248 11.26 7.53 -11.28
CA THR A 248 12.43 8.35 -11.69
C THR A 248 13.26 7.60 -12.75
N ASP A 249 13.56 6.32 -12.50
CA ASP A 249 14.39 5.45 -13.36
C ASP A 249 13.82 5.41 -14.79
N ILE A 250 12.50 5.23 -14.94
CA ILE A 250 11.85 5.12 -16.27
C ILE A 250 11.65 6.52 -16.87
N GLN A 251 11.41 7.54 -16.04
CA GLN A 251 11.36 8.97 -16.47
C GLN A 251 12.68 9.32 -17.16
N ARG A 252 13.81 9.02 -16.50
N ARG A 252 13.81 9.02 -16.50
CA ARG A 252 15.17 9.27 -17.02
CA ARG A 252 15.18 9.27 -17.02
C ARG A 252 15.37 8.50 -18.34
C ARG A 252 15.37 8.50 -18.34
N ALA A 253 14.97 7.22 -18.35
CA ALA A 253 15.02 6.34 -19.54
C ALA A 253 14.27 6.98 -20.71
N ILE A 254 13.05 7.46 -20.48
CA ILE A 254 12.18 8.09 -21.51
C ILE A 254 12.85 9.36 -22.01
N ASN A 255 13.33 10.22 -21.12
CA ASN A 255 13.99 11.51 -21.51
C ASN A 255 15.21 11.18 -22.38
N GLU A 256 15.95 10.13 -22.04
CA GLU A 256 17.14 9.68 -22.82
C GLU A 256 16.74 9.39 -24.28
N THR A 257 15.54 8.83 -24.51
CA THR A 257 15.08 8.44 -25.87
C THR A 257 14.66 9.68 -26.67
N HIS A 258 14.45 10.82 -26.03
CA HIS A 258 13.98 12.07 -26.69
C HIS A 258 15.16 12.93 -27.14
N GLN A 259 16.38 12.59 -26.74
CA GLN A 259 17.59 13.41 -27.03
C GLN A 259 18.07 13.13 -28.45
N GLY A 260 17.95 14.10 -29.36
CA GLY A 260 18.51 14.04 -30.71
C GLY A 260 20.02 13.86 -30.64
N ARG A 261 20.56 12.98 -31.48
CA ARG A 261 22.00 12.60 -31.46
C ARG A 261 22.72 13.17 -32.69
N TYR A 262 22.02 13.30 -33.82
CA TYR A 262 22.56 13.85 -35.09
C TYR A 262 21.39 14.15 -36.03
N GLN A 263 21.67 14.76 -37.18
CA GLN A 263 20.66 15.14 -38.19
C GLN A 263 20.93 14.43 -39.51
N VAL A 264 19.88 14.08 -40.23
CA VAL A 264 19.90 13.84 -41.71
C VAL A 264 18.85 14.79 -42.31
N ASN A 265 19.32 15.95 -42.75
CA ASN A 265 18.50 17.13 -43.13
C ASN A 265 17.48 17.42 -42.03
N THR A 266 16.18 17.29 -42.31
CA THR A 266 15.07 17.69 -41.41
C THR A 266 14.81 16.63 -40.33
N MET A 267 15.40 15.45 -40.44
CA MET A 267 15.17 14.33 -39.49
C MET A 267 16.31 14.31 -38.48
N TYR A 268 15.98 14.37 -37.20
CA TYR A 268 16.91 14.21 -36.06
C TYR A 268 16.76 12.78 -35.54
N GLN A 269 17.86 12.03 -35.49
CA GLN A 269 17.85 10.66 -34.94
C GLN A 269 17.97 10.74 -33.42
N ALA A 270 16.92 10.43 -32.69
CA ALA A 270 16.97 10.20 -31.23
C ALA A 270 17.23 8.71 -30.99
N LEU A 271 17.09 8.25 -29.75
CA LEU A 271 17.23 6.81 -29.42
C LEU A 271 15.90 6.12 -29.78
N GLY A 272 15.89 5.34 -30.86
CA GLY A 272 14.68 4.71 -31.42
C GLY A 272 13.80 5.71 -32.13
N TRP A 273 13.33 6.73 -31.42
CA TRP A 273 12.44 7.78 -31.97
C TRP A 273 13.13 8.55 -33.09
N GLU A 274 12.39 8.89 -34.14
CA GLU A 274 12.72 9.97 -35.10
C GLU A 274 12.16 11.27 -34.53
N GLU A 275 12.92 12.35 -34.62
CA GLU A 275 12.60 13.67 -34.00
C GLU A 275 12.57 14.72 -35.09
N PHE A 276 11.63 15.67 -34.99
CA PHE A 276 11.45 16.78 -35.94
C PHE A 276 11.14 18.06 -35.19
N SER A 277 11.52 19.19 -35.78
CA SER A 277 11.04 20.52 -35.39
C SER A 277 9.52 20.55 -35.56
N TYR A 278 8.80 20.98 -34.53
CA TYR A 278 7.33 21.18 -34.56
C TYR A 278 7.02 22.67 -34.66
N PRO A 279 6.08 23.10 -35.54
CA PRO A 279 5.37 22.18 -36.45
C PRO A 279 6.27 21.65 -37.57
N ALA A 280 6.03 20.42 -38.01
CA ALA A 280 6.70 19.80 -39.17
C ALA A 280 5.73 19.82 -40.36
N THR A 281 6.23 20.08 -41.57
CA THR A 281 5.43 19.96 -42.81
C THR A 281 5.14 18.48 -43.06
N LEU A 282 4.05 18.17 -43.76
CA LEU A 282 3.71 16.78 -44.12
C LEU A 282 4.90 16.13 -44.82
N GLN A 283 5.54 16.86 -45.76
CA GLN A 283 6.62 16.24 -46.59
C GLN A 283 7.84 15.95 -45.72
N THR A 284 8.14 16.75 -44.70
CA THR A 284 9.23 16.44 -43.72
C THR A 284 8.97 15.06 -43.09
N LEU A 285 7.75 14.82 -42.63
CA LEU A 285 7.39 13.55 -41.95
C LEU A 285 7.43 12.41 -42.97
N LEU A 286 6.93 12.64 -44.19
CA LEU A 286 6.97 11.62 -45.29
C LEU A 286 8.41 11.31 -45.68
N ASP A 287 9.23 12.36 -45.85
CA ASP A 287 10.68 12.25 -46.22
C ASP A 287 11.43 11.37 -45.25
N SER A 288 11.06 11.36 -43.97
CA SER A 288 11.76 10.58 -42.91
C SER A 288 11.79 9.10 -43.28
N ASN A 289 10.77 8.60 -43.98
CA ASN A 289 10.65 7.15 -44.31
C ASN A 289 10.67 6.97 -45.84
N SER A 290 11.34 7.87 -46.56
CA SER A 290 11.63 7.78 -48.02
C SER A 290 12.62 6.64 -48.24
N GLU A 291 12.64 6.09 -49.47
CA GLU A 291 13.62 5.07 -49.90
C GLU A 291 15.04 5.51 -49.52
N GLN A 292 15.37 6.78 -49.82
CA GLN A 292 16.72 7.36 -49.62
C GLN A 292 17.13 7.22 -48.15
N ILE A 293 16.23 7.56 -47.21
CA ILE A 293 16.54 7.56 -45.75
C ILE A 293 16.55 6.13 -45.22
N VAL A 294 15.55 5.33 -45.58
CA VAL A 294 15.33 3.99 -44.95
C VAL A 294 16.31 2.98 -45.52
N MET A 295 16.59 3.02 -46.84
CA MET A 295 17.24 1.88 -47.55
C MET A 295 18.72 2.15 -47.85
N LYS A 296 19.14 3.42 -47.89
CA LYS A 296 20.48 3.81 -48.37
C LYS A 296 21.28 4.41 -47.22
N PRO A 297 22.64 4.33 -47.26
CA PRO A 297 23.48 5.04 -46.30
C PRO A 297 23.33 6.54 -46.54
N ASN A 298 23.32 7.34 -45.47
CA ASN A 298 23.29 8.83 -45.57
C ASN A 298 24.29 9.39 -44.57
N LYS A 299 25.16 10.27 -45.04
CA LYS A 299 26.16 10.96 -44.19
C LYS A 299 25.36 11.83 -43.21
N VAL A 300 25.65 11.72 -41.91
CA VAL A 300 24.94 12.49 -40.86
C VAL A 300 25.67 13.84 -40.71
N THR A 301 24.97 14.85 -40.19
CA THR A 301 25.60 16.07 -39.64
C THR A 301 25.40 16.07 -38.13
N ALA A 302 26.29 16.74 -37.39
CA ALA A 302 26.02 17.23 -36.03
C ALA A 302 24.72 18.04 -36.08
N ILE A 303 23.93 18.02 -35.02
CA ILE A 303 22.77 18.92 -34.85
C ILE A 303 23.27 20.37 -34.87
N SER A 304 22.75 21.16 -35.81
CA SER A 304 23.05 22.60 -35.93
C SER A 304 21.90 23.34 -35.25
N LYS A 305 20.69 23.23 -35.83
CA LYS A 305 19.46 23.81 -35.25
C LYS A 305 18.92 22.80 -34.24
N GLU A 306 19.05 23.07 -32.95
CA GLU A 306 18.38 22.29 -31.86
C GLU A 306 16.97 22.83 -31.73
N PRO A 307 15.93 22.07 -32.14
CA PRO A 307 14.57 22.62 -32.17
C PRO A 307 14.09 22.90 -30.74
N SER A 308 13.42 24.04 -30.56
CA SER A 308 12.82 24.48 -29.27
C SER A 308 11.65 23.56 -28.95
N VAL A 309 10.82 23.32 -29.96
CA VAL A 309 9.54 22.54 -29.88
C VAL A 309 9.67 21.37 -30.85
N LYS A 310 9.47 20.14 -30.36
CA LYS A 310 9.79 18.90 -31.10
C LYS A 310 8.54 18.02 -31.22
N MET A 311 8.51 17.18 -32.24
CA MET A 311 7.58 16.03 -32.31
C MET A 311 8.40 14.80 -32.66
N TYR A 312 7.84 13.64 -32.41
CA TYR A 312 8.53 12.34 -32.55
C TYR A 312 7.60 11.35 -33.25
N HIS A 313 8.14 10.47 -34.09
CA HIS A 313 7.34 9.37 -34.66
C HIS A 313 8.22 8.14 -34.89
N LYS A 314 7.56 7.02 -35.17
CA LYS A 314 8.22 5.77 -35.58
C LYS A 314 7.19 4.93 -36.31
N THR A 315 7.56 4.41 -37.47
CA THR A 315 6.79 3.38 -38.23
C THR A 315 7.29 2.00 -37.79
N GLY A 316 6.43 0.99 -37.94
CA GLY A 316 6.81 -0.41 -37.78
C GLY A 316 6.06 -1.26 -38.78
N SER A 317 6.75 -2.23 -39.39
CA SER A 317 6.12 -3.24 -40.27
C SER A 317 6.72 -4.60 -39.96
N THR A 318 5.87 -5.62 -39.89
CA THR A 318 6.23 -7.04 -40.11
C THR A 318 5.55 -7.43 -41.43
N SER A 319 5.67 -8.68 -41.85
CA SER A 319 5.04 -9.14 -43.11
C SER A 319 3.52 -8.93 -43.03
N GLY A 320 2.92 -9.05 -41.85
CA GLY A 320 1.44 -9.03 -41.70
C GLY A 320 0.87 -7.81 -40.98
N PHE A 321 1.70 -6.88 -40.48
CA PHE A 321 1.23 -5.80 -39.57
C PHE A 321 1.90 -4.47 -39.90
N GLY A 322 1.11 -3.38 -39.80
CA GLY A 322 1.56 -1.99 -39.88
C GLY A 322 1.36 -1.29 -38.55
N THR A 323 2.34 -0.47 -38.14
CA THR A 323 2.29 0.33 -36.91
C THR A 323 2.77 1.75 -37.22
N TYR A 324 2.14 2.73 -36.59
CA TYR A 324 2.62 4.13 -36.58
C TYR A 324 2.29 4.74 -35.22
N VAL A 325 3.31 5.34 -34.59
CA VAL A 325 3.17 6.09 -33.31
C VAL A 325 3.79 7.47 -33.52
N VAL A 326 3.11 8.50 -33.05
CA VAL A 326 3.55 9.93 -33.15
C VAL A 326 3.09 10.65 -31.88
N PHE A 327 3.91 11.55 -31.33
CA PHE A 327 3.46 12.43 -30.23
C PHE A 327 4.11 13.80 -30.35
N ILE A 328 3.41 14.80 -29.80
CA ILE A 328 3.78 16.25 -29.84
C ILE A 328 3.65 16.77 -28.41
N PRO A 329 4.74 16.79 -27.61
CA PRO A 329 4.66 17.20 -26.20
C PRO A 329 3.96 18.55 -25.99
N LYS A 330 4.27 19.54 -26.82
CA LYS A 330 3.76 20.93 -26.72
C LYS A 330 2.23 20.95 -26.82
N GLU A 331 1.64 20.05 -27.60
CA GLU A 331 0.17 19.98 -27.79
C GLU A 331 -0.44 18.93 -26.87
N ASN A 332 0.39 18.22 -26.09
N ASN A 332 0.39 18.22 -26.09
CA ASN A 332 -0.03 17.12 -25.17
CA ASN A 332 -0.03 17.12 -25.18
C ASN A 332 -0.91 16.12 -25.93
C ASN A 332 -0.91 16.12 -25.93
N ILE A 333 -0.54 15.78 -27.17
CA ILE A 333 -1.34 14.88 -28.04
C ILE A 333 -0.43 13.82 -28.64
N GLY A 334 -1.00 12.65 -28.94
CA GLY A 334 -0.31 11.57 -29.65
C GLY A 334 -1.31 10.65 -30.31
N LEU A 335 -0.83 9.81 -31.20
CA LEU A 335 -1.67 8.89 -31.98
C LEU A 335 -0.92 7.58 -32.16
N VAL A 336 -1.67 6.48 -32.09
CA VAL A 336 -1.20 5.12 -32.38
C VAL A 336 -2.13 4.54 -33.44
N MET A 337 -1.55 3.97 -34.49
CA MET A 337 -2.28 3.18 -35.51
C MET A 337 -1.69 1.77 -35.52
N LEU A 338 -2.55 0.76 -35.37
CA LEU A 338 -2.18 -0.67 -35.49
C LEU A 338 -3.10 -1.29 -36.55
N THR A 339 -2.52 -1.95 -37.55
CA THR A 339 -3.25 -2.71 -38.60
C THR A 339 -2.70 -4.12 -38.67
N ASN A 340 -3.55 -5.11 -39.00
CA ASN A 340 -3.10 -6.50 -39.24
C ASN A 340 -3.01 -6.72 -40.75
N LYS A 341 -2.67 -5.67 -41.48
CA LYS A 341 -2.12 -5.74 -42.85
C LYS A 341 -1.28 -4.48 -43.07
N ARG A 342 -0.13 -4.61 -43.71
CA ARG A 342 0.75 -3.47 -44.06
C ARG A 342 -0.02 -2.55 -45.01
N ILE A 343 0.06 -1.25 -44.76
CA ILE A 343 -0.37 -0.19 -45.71
C ILE A 343 0.84 0.74 -45.86
N PRO A 344 0.98 1.47 -46.99
CA PRO A 344 2.13 2.35 -47.19
C PRO A 344 2.35 3.29 -46.00
N ASN A 345 3.60 3.46 -45.60
CA ASN A 345 4.03 4.41 -44.53
C ASN A 345 3.40 5.78 -44.79
N GLU A 346 3.41 6.23 -46.05
CA GLU A 346 2.91 7.56 -46.46
C GLU A 346 1.46 7.72 -45.99
N GLU A 347 0.64 6.68 -46.11
CA GLU A 347 -0.80 6.75 -45.74
C GLU A 347 -0.94 6.90 -44.23
N ARG A 348 -0.13 6.17 -43.46
CA ARG A 348 -0.16 6.19 -41.99
C ARG A 348 0.19 7.61 -41.52
N ILE A 349 1.29 8.14 -42.06
CA ILE A 349 1.86 9.45 -41.66
C ILE A 349 0.87 10.55 -42.03
N LYS A 350 0.31 10.51 -43.25
CA LYS A 350 -0.66 11.54 -43.72
C LYS A 350 -1.93 11.50 -42.90
N ALA A 351 -2.54 10.33 -42.69
CA ALA A 351 -3.79 10.21 -41.91
C ALA A 351 -3.58 10.83 -40.52
N ALA A 352 -2.49 10.48 -39.85
CA ALA A 352 -2.14 10.98 -38.49
C ALA A 352 -1.95 12.50 -38.52
N TYR A 353 -1.27 13.01 -39.56
CA TYR A 353 -1.00 14.46 -39.76
C TYR A 353 -2.33 15.23 -39.81
N VAL A 354 -3.27 14.79 -40.65
CA VAL A 354 -4.58 15.46 -40.81
C VAL A 354 -5.32 15.43 -39.47
N VAL A 355 -5.36 14.29 -38.79
CA VAL A 355 -6.12 14.14 -37.51
C VAL A 355 -5.49 15.04 -36.43
N LEU A 356 -4.18 14.96 -36.23
CA LEU A 356 -3.51 15.72 -35.13
C LEU A 356 -3.59 17.22 -35.41
N ASN A 357 -3.55 17.65 -36.69
CA ASN A 357 -3.63 19.09 -37.06
C ASN A 357 -5.07 19.63 -36.92
N ALA A 358 -6.09 18.76 -37.01
CA ALA A 358 -7.51 19.16 -36.96
C ALA A 358 -8.01 19.23 -35.51
N ILE A 359 -7.43 18.45 -34.60
CA ILE A 359 -7.73 18.48 -33.14
C ILE A 359 -7.07 19.72 -32.54
N LYS A 360 -5.74 19.73 -32.47
CA LYS A 360 -4.90 20.68 -31.67
C LYS A 360 -5.42 22.12 -31.74
N LYS A 361 -5.87 22.53 -32.93
CA LYS A 361 -6.28 23.91 -33.28
C LYS A 361 -6.68 23.92 -34.77
N THR B 4 -35.12 45.26 0.45
CA THR B 4 -34.68 43.83 0.49
C THR B 4 -33.60 43.68 1.55
N PRO B 5 -33.75 42.77 2.54
CA PRO B 5 -32.76 42.62 3.60
C PRO B 5 -31.46 42.06 3.01
N LYS B 6 -30.34 42.36 3.68
CA LYS B 6 -28.95 42.08 3.22
C LYS B 6 -28.85 40.61 2.77
N ASP B 7 -29.29 39.69 3.62
CA ASP B 7 -29.16 38.23 3.38
C ASP B 7 -29.84 37.89 2.05
N GLN B 8 -30.98 38.53 1.73
CA GLN B 8 -31.74 38.22 0.49
C GLN B 8 -31.00 38.79 -0.71
N GLU B 9 -30.34 39.94 -0.56
CA GLU B 9 -29.65 40.59 -1.71
C GLU B 9 -28.35 39.82 -2.04
N ILE B 10 -27.68 39.30 -1.01
CA ILE B 10 -26.51 38.39 -1.17
C ILE B 10 -26.98 37.09 -1.83
N LYS B 11 -28.10 36.52 -1.37
CA LYS B 11 -28.67 35.28 -1.97
C LYS B 11 -28.93 35.52 -3.46
N LYS B 12 -29.51 36.65 -3.83
CA LYS B 12 -29.87 36.96 -5.24
C LYS B 12 -28.59 37.05 -6.08
N LEU B 13 -27.55 37.68 -5.57
CA LEU B 13 -26.24 37.80 -6.26
C LEU B 13 -25.67 36.41 -6.49
N VAL B 14 -25.72 35.55 -5.47
CA VAL B 14 -25.16 34.17 -5.53
C VAL B 14 -26.03 33.34 -6.49
N ASP B 15 -27.36 33.47 -6.43
CA ASP B 15 -28.29 32.85 -7.39
C ASP B 15 -27.96 33.30 -8.81
N GLN B 16 -27.65 34.59 -9.00
CA GLN B 16 -27.38 35.18 -10.33
C GLN B 16 -26.07 34.64 -10.90
N ASN B 17 -25.07 34.41 -10.04
CA ASN B 17 -23.65 34.26 -10.48
C ASN B 17 -23.15 32.83 -10.26
N PHE B 18 -23.56 32.16 -9.17
CA PHE B 18 -23.06 30.80 -8.84
C PHE B 18 -24.07 29.74 -9.31
N LYS B 19 -25.35 29.93 -9.02
CA LYS B 19 -26.40 28.90 -9.24
C LYS B 19 -26.39 28.39 -10.68
N PRO B 20 -26.22 29.24 -11.72
CA PRO B 20 -26.23 28.76 -13.10
C PRO B 20 -25.09 27.80 -13.45
N LEU B 21 -23.99 27.82 -12.70
CA LEU B 21 -22.83 26.90 -12.91
C LEU B 21 -23.25 25.45 -12.65
N LEU B 22 -24.23 25.21 -11.78
CA LEU B 22 -24.71 23.85 -11.44
C LEU B 22 -25.26 23.19 -12.71
N GLU B 23 -26.19 23.87 -13.41
CA GLU B 23 -26.77 23.38 -14.68
C GLU B 23 -25.68 23.32 -15.75
N LYS B 24 -24.86 24.36 -15.84
CA LYS B 24 -23.85 24.51 -16.93
C LYS B 24 -22.85 23.35 -16.90
N TYR B 25 -22.39 22.95 -15.70
CA TYR B 25 -21.30 21.95 -15.54
C TYR B 25 -21.84 20.66 -14.90
N ASP B 26 -23.15 20.55 -14.71
CA ASP B 26 -23.82 19.35 -14.14
C ASP B 26 -23.17 19.05 -12.79
N VAL B 27 -23.15 20.04 -11.90
CA VAL B 27 -22.55 19.94 -10.53
C VAL B 27 -23.65 19.50 -9.58
N PRO B 28 -23.49 18.35 -8.90
CA PRO B 28 -24.55 17.88 -8.00
C PRO B 28 -24.81 18.79 -6.80
N GLY B 29 -23.75 19.30 -6.16
CA GLY B 29 -23.88 20.05 -4.89
C GLY B 29 -22.91 21.23 -4.82
N MET B 30 -23.32 22.30 -4.14
CA MET B 30 -22.46 23.51 -3.98
C MET B 30 -22.82 24.22 -2.68
N ALA B 31 -21.81 24.76 -2.00
CA ALA B 31 -21.96 25.64 -0.83
C ALA B 31 -21.18 26.92 -1.12
N VAL B 32 -21.87 28.06 -1.04
CA VAL B 32 -21.27 29.40 -1.23
C VAL B 32 -21.51 30.20 0.05
N GLY B 33 -20.44 30.71 0.64
CA GLY B 33 -20.49 31.53 1.85
C GLY B 33 -19.91 32.90 1.57
N VAL B 34 -20.55 33.93 2.12
CA VAL B 34 -19.98 35.31 2.13
C VAL B 34 -19.85 35.71 3.59
N ILE B 35 -18.74 36.38 3.93
CA ILE B 35 -18.59 37.06 5.25
C ILE B 35 -18.36 38.54 4.94
N GLN B 36 -19.16 39.41 5.55
CA GLN B 36 -19.04 40.88 5.44
C GLN B 36 -19.20 41.49 6.84
N ASN B 37 -18.20 42.22 7.32
CA ASN B 37 -18.21 42.90 8.63
C ASN B 37 -18.63 41.89 9.71
N ASN B 38 -18.06 40.70 9.70
CA ASN B 38 -18.26 39.66 10.75
C ASN B 38 -19.69 39.08 10.74
N LYS B 39 -20.48 39.34 9.69
CA LYS B 39 -21.79 38.67 9.42
C LYS B 39 -21.57 37.60 8.34
N LYS B 40 -22.03 36.37 8.60
CA LYS B 40 -21.83 35.20 7.72
C LYS B 40 -23.14 34.90 6.99
N TYR B 41 -23.05 34.66 5.68
CA TYR B 41 -24.18 34.28 4.80
C TYR B 41 -23.85 32.93 4.17
N GLU B 42 -24.71 31.93 4.37
CA GLU B 42 -24.50 30.55 3.87
C GLU B 42 -25.60 30.21 2.83
N MET B 43 -25.20 29.89 1.60
CA MET B 43 -26.10 29.44 0.50
C MET B 43 -25.74 27.99 0.14
N TYR B 44 -26.71 27.07 0.20
CA TYR B 44 -26.52 25.64 -0.12
C TYR B 44 -27.42 25.25 -1.30
N TYR B 45 -26.87 24.48 -2.23
CA TYR B 45 -27.54 24.01 -3.48
C TYR B 45 -27.30 22.52 -3.66
N GLY B 46 -28.34 21.78 -4.05
CA GLY B 46 -28.19 20.42 -4.57
C GLY B 46 -27.78 19.42 -3.52
N LEU B 47 -27.01 18.41 -3.93
CA LEU B 47 -26.86 17.13 -3.18
C LEU B 47 -25.39 16.91 -2.82
N GLN B 48 -25.17 16.54 -1.56
CA GLN B 48 -23.86 16.06 -1.05
C GLN B 48 -23.64 14.63 -1.55
N SER B 49 -24.70 13.84 -1.64
CA SER B 49 -24.70 12.46 -2.21
C SER B 49 -25.94 12.32 -3.11
N VAL B 50 -25.70 12.09 -4.40
CA VAL B 50 -26.78 11.88 -5.40
C VAL B 50 -27.52 10.59 -5.03
N GLN B 51 -26.76 9.50 -4.82
CA GLN B 51 -27.38 8.16 -4.61
C GLN B 51 -28.15 8.16 -3.28
N ASP B 52 -27.67 8.84 -2.25
CA ASP B 52 -28.30 8.86 -0.90
C ASP B 52 -29.34 9.98 -0.81
N LYS B 53 -29.48 10.79 -1.87
CA LYS B 53 -30.47 11.91 -1.94
C LYS B 53 -30.28 12.81 -0.71
N LYS B 54 -29.03 13.08 -0.33
CA LYS B 54 -28.68 13.88 0.86
C LYS B 54 -28.32 15.29 0.39
N ALA B 55 -29.05 16.29 0.89
CA ALA B 55 -28.92 17.71 0.49
C ALA B 55 -27.63 18.26 1.08
N VAL B 56 -26.95 19.12 0.31
CA VAL B 56 -25.82 19.92 0.86
C VAL B 56 -26.39 20.81 1.97
N ASN B 57 -25.69 20.88 3.10
CA ASN B 57 -26.11 21.67 4.28
C ASN B 57 -24.86 22.10 5.05
N SER B 58 -25.06 22.80 6.17
CA SER B 58 -23.99 23.38 7.02
C SER B 58 -23.09 22.29 7.59
N ASN B 59 -23.53 21.03 7.62
CA ASN B 59 -22.76 19.87 8.15
C ASN B 59 -21.95 19.21 7.03
N THR B 60 -22.21 19.53 5.76
CA THR B 60 -21.57 18.82 4.62
C THR B 60 -20.06 19.07 4.64
N ILE B 61 -19.28 18.00 4.60
CA ILE B 61 -17.79 18.02 4.55
C ILE B 61 -17.36 17.87 3.09
N PHE B 62 -16.55 18.83 2.62
CA PHE B 62 -16.00 18.89 1.26
C PHE B 62 -14.48 18.71 1.32
N GLU B 63 -13.89 18.11 0.29
CA GLU B 63 -12.41 18.09 0.09
C GLU B 63 -11.97 19.47 -0.39
N LEU B 64 -11.01 20.08 0.31
CA LEU B 64 -10.53 21.45 0.01
C LEU B 64 -9.48 21.41 -1.10
N GLY B 65 -8.91 20.24 -1.40
CA GLY B 65 -7.74 20.13 -2.29
C GLY B 65 -6.65 21.11 -1.87
N SER B 66 -6.12 21.88 -2.81
CA SER B 66 -4.94 22.76 -2.62
C SER B 66 -5.27 23.91 -1.66
N VAL B 67 -6.54 24.18 -1.34
CA VAL B 67 -6.84 25.15 -0.24
C VAL B 67 -6.26 24.61 1.08
N SER B 68 -5.99 23.30 1.17
CA SER B 68 -5.25 22.67 2.30
C SER B 68 -3.90 23.38 2.51
N LYS B 69 -3.25 23.85 1.45
CA LYS B 69 -1.93 24.54 1.50
C LYS B 69 -1.99 25.76 2.42
N LEU B 70 -3.16 26.39 2.56
CA LEU B 70 -3.35 27.58 3.42
C LEU B 70 -3.21 27.16 4.90
N PHE B 71 -3.68 25.98 5.26
CA PHE B 71 -3.53 25.43 6.64
C PHE B 71 -2.07 25.04 6.87
N THR B 72 -1.42 24.47 5.86
CA THR B 72 0.03 24.12 5.91
C THR B 72 0.84 25.39 6.14
N ALA B 73 0.53 26.45 5.38
CA ALA B 73 1.18 27.78 5.49
C ALA B 73 0.97 28.33 6.91
N THR B 74 -0.25 28.24 7.42
CA THR B 74 -0.61 28.75 8.77
C THR B 74 0.20 27.98 9.81
N ALA B 75 0.28 26.66 9.68
CA ALA B 75 1.08 25.78 10.58
C ALA B 75 2.55 26.21 10.56
N GLY B 76 3.07 26.53 9.36
CA GLY B 76 4.45 27.02 9.18
C GLY B 76 4.68 28.35 9.88
N GLY B 77 3.77 29.31 9.67
CA GLY B 77 3.83 30.62 10.33
C GLY B 77 3.77 30.51 11.84
N TYR B 78 2.99 29.55 12.36
CA TYR B 78 2.82 29.29 13.81
C TYR B 78 4.15 28.78 14.38
N ALA B 79 4.72 27.77 13.72
CA ALA B 79 6.02 27.17 14.10
C ALA B 79 7.11 28.25 14.11
N LYS B 80 7.16 29.09 13.07
CA LYS B 80 8.20 30.15 12.92
C LYS B 80 8.10 31.14 14.08
N ASN B 81 6.89 31.65 14.36
CA ASN B 81 6.69 32.75 15.34
C ASN B 81 6.79 32.21 16.77
N LYS B 82 6.74 30.89 16.94
CA LYS B 82 7.05 30.19 18.22
C LYS B 82 8.55 29.86 18.30
N GLY B 83 9.31 30.19 17.24
CA GLY B 83 10.76 29.99 17.15
C GLY B 83 11.15 28.54 16.94
N LYS B 84 10.20 27.68 16.55
CA LYS B 84 10.43 26.23 16.33
C LYS B 84 11.20 26.02 15.03
N ILE B 85 11.05 26.94 14.07
CA ILE B 85 11.77 26.94 12.77
C ILE B 85 12.13 28.38 12.39
N SER B 86 13.12 28.52 11.51
CA SER B 86 13.40 29.72 10.69
C SER B 86 13.17 29.34 9.21
N PHE B 87 12.61 30.25 8.43
CA PHE B 87 12.37 30.04 6.97
C PHE B 87 13.70 30.01 6.22
N ASP B 88 14.78 30.47 6.85
CA ASP B 88 16.17 30.39 6.31
C ASP B 88 16.75 28.98 6.52
N ASP B 89 16.16 28.19 7.43
CA ASP B 89 16.61 26.80 7.73
C ASP B 89 16.44 25.92 6.49
N THR B 90 17.13 24.79 6.47
CA THR B 90 17.05 23.76 5.41
C THR B 90 16.47 22.50 6.04
N PRO B 91 15.87 21.59 5.23
CA PRO B 91 15.11 20.46 5.75
C PRO B 91 15.93 19.48 6.61
N GLY B 92 17.21 19.31 6.27
CA GLY B 92 18.17 18.43 6.97
C GLY B 92 18.28 18.73 8.46
N LYS B 93 18.05 19.98 8.85
CA LYS B 93 18.10 20.45 10.26
C LYS B 93 17.03 19.73 11.09
N TYR B 94 15.93 19.29 10.46
CA TYR B 94 14.75 18.70 11.14
C TYR B 94 14.57 17.25 10.71
N TRP B 95 14.67 16.95 9.41
CA TRP B 95 14.69 15.57 8.89
C TRP B 95 16.15 15.15 8.70
N LYS B 96 16.74 14.54 9.74
CA LYS B 96 18.21 14.32 9.89
C LYS B 96 18.76 13.56 8.67
N GLU B 97 18.00 12.61 8.13
CA GLU B 97 18.42 11.73 7.01
C GLU B 97 18.58 12.54 5.72
N LEU B 98 18.16 13.82 5.69
CA LEU B 98 18.37 14.73 4.53
C LEU B 98 19.56 15.66 4.76
N LYS B 99 20.14 15.67 5.97
CA LYS B 99 21.33 16.50 6.28
C LYS B 99 22.44 16.21 5.26
N ASN B 100 23.02 17.26 4.68
CA ASN B 100 24.18 17.24 3.75
C ASN B 100 23.83 16.49 2.45
N THR B 101 22.55 16.43 2.08
CA THR B 101 22.05 15.98 0.75
C THR B 101 21.75 17.21 -0.09
N PRO B 102 21.69 17.10 -1.44
CA PRO B 102 21.41 18.25 -2.30
C PRO B 102 20.16 19.06 -1.90
N ILE B 103 19.05 18.40 -1.52
CA ILE B 103 17.78 19.08 -1.13
C ILE B 103 18.04 19.97 0.10
N ASP B 104 19.08 19.66 0.88
CA ASP B 104 19.45 20.42 2.11
C ASP B 104 20.08 21.77 1.76
N GLN B 105 20.19 22.10 0.47
CA GLN B 105 20.64 23.44 -0.01
C GLN B 105 19.42 24.35 -0.24
N VAL B 106 18.21 23.80 -0.14
CA VAL B 106 16.94 24.55 -0.34
C VAL B 106 16.40 24.93 1.04
N ASN B 107 16.01 26.19 1.26
CA ASN B 107 15.50 26.63 2.59
C ASN B 107 13.99 26.38 2.65
N LEU B 108 13.40 26.52 3.83
CA LEU B 108 11.98 26.18 4.09
C LEU B 108 11.07 27.11 3.29
N LEU B 109 11.42 28.38 3.14
CA LEU B 109 10.59 29.36 2.38
C LEU B 109 10.54 28.93 0.92
N GLN B 110 11.68 28.52 0.35
CA GLN B 110 11.77 28.10 -1.08
C GLN B 110 10.92 26.86 -1.28
N LEU B 111 10.91 25.92 -0.31
CA LEU B 111 10.04 24.72 -0.38
C LEU B 111 8.56 25.14 -0.32
N ALA B 112 8.20 26.02 0.60
CA ALA B 112 6.80 26.48 0.83
C ALA B 112 6.27 27.24 -0.40
N THR B 113 7.15 27.93 -1.14
CA THR B 113 6.76 28.84 -2.26
C THR B 113 7.26 28.31 -3.61
N TYR B 114 7.63 27.02 -3.66
CA TYR B 114 7.74 26.19 -4.89
C TYR B 114 8.96 26.60 -5.76
N THR B 115 10.08 27.03 -5.15
CA THR B 115 11.25 27.57 -5.91
C THR B 115 12.52 26.72 -5.68
N SER B 116 12.38 25.43 -5.36
CA SER B 116 13.52 24.47 -5.30
C SER B 116 14.26 24.42 -6.64
N GLY B 117 13.53 24.66 -7.73
CA GLY B 117 14.06 24.65 -9.11
C GLY B 117 14.06 23.26 -9.72
N ASN B 118 13.55 22.24 -9.01
CA ASN B 118 13.41 20.87 -9.59
C ASN B 118 12.38 20.03 -8.81
N LEU B 119 11.16 20.53 -8.62
CA LEU B 119 10.04 19.73 -8.05
C LEU B 119 8.77 19.98 -8.86
N ALA B 120 8.22 18.89 -9.42
CA ALA B 120 7.04 18.87 -10.30
C ALA B 120 5.75 18.96 -9.47
N LEU B 121 4.61 19.07 -10.14
CA LEU B 121 3.28 19.18 -9.49
C LEU B 121 3.09 17.99 -8.54
N GLN B 122 3.38 16.77 -8.99
CA GLN B 122 3.09 15.52 -8.23
C GLN B 122 4.38 14.73 -8.03
N PHE B 123 4.44 13.96 -6.95
CA PHE B 123 5.39 12.82 -6.79
C PHE B 123 5.12 11.81 -7.91
N PRO B 124 6.11 10.99 -8.30
CA PRO B 124 5.82 9.76 -9.05
C PRO B 124 4.79 8.85 -8.33
N ASP B 125 3.91 8.20 -9.09
CA ASP B 125 2.86 7.28 -8.57
C ASP B 125 3.45 6.29 -7.58
N GLU B 126 4.65 5.78 -7.85
CA GLU B 126 5.23 4.66 -7.06
C GLU B 126 5.63 5.14 -5.66
N VAL B 127 5.83 6.45 -5.46
CA VAL B 127 6.14 7.03 -4.12
C VAL B 127 4.85 7.06 -3.30
N GLN B 128 4.81 6.31 -2.20
CA GLN B 128 3.61 6.12 -1.33
C GLN B 128 4.02 6.12 0.15
N THR B 129 4.98 5.28 0.54
CA THR B 129 5.41 5.10 1.95
C THR B 129 6.37 6.23 2.33
N ASP B 130 6.54 6.47 3.63
N ASP B 130 6.55 6.48 3.64
CA ASP B 130 7.45 7.48 4.20
CA ASP B 130 7.47 7.55 4.12
C ASP B 130 8.89 7.18 3.73
C ASP B 130 8.90 7.18 3.72
N GLN B 131 9.24 5.89 3.65
CA GLN B 131 10.58 5.42 3.21
C GLN B 131 10.80 5.81 1.75
N GLN B 132 9.81 5.57 0.89
CA GLN B 132 9.84 5.95 -0.56
C GLN B 132 9.93 7.48 -0.68
N VAL B 133 9.26 8.21 0.22
CA VAL B 133 9.27 9.70 0.24
C VAL B 133 10.68 10.17 0.65
N LEU B 134 11.25 9.58 1.71
CA LEU B 134 12.63 9.90 2.17
C LEU B 134 13.60 9.64 1.03
N THR B 135 13.53 8.46 0.41
CA THR B 135 14.36 8.03 -0.73
C THR B 135 14.28 9.08 -1.85
N PHE B 136 13.06 9.49 -2.21
CA PHE B 136 12.82 10.49 -3.29
C PHE B 136 13.66 11.76 -3.03
N PHE B 137 13.65 12.28 -1.80
CA PHE B 137 14.33 13.55 -1.42
C PHE B 137 15.83 13.34 -1.24
N LYS B 138 16.25 12.17 -0.75
CA LYS B 138 17.69 11.79 -0.66
C LYS B 138 18.29 11.80 -2.07
N ASP B 139 17.57 11.25 -3.05
CA ASP B 139 18.04 11.08 -4.45
C ASP B 139 17.89 12.39 -5.24
N TRP B 140 17.18 13.37 -4.71
CA TRP B 140 16.90 14.67 -5.39
C TRP B 140 18.21 15.39 -5.71
N LYS B 141 18.32 15.95 -6.91
CA LYS B 141 19.43 16.83 -7.36
C LYS B 141 18.85 18.13 -7.93
N PRO B 142 19.57 19.27 -7.84
CA PRO B 142 19.07 20.53 -8.38
C PRO B 142 18.97 20.52 -9.92
N LYS B 143 18.23 21.46 -10.48
CA LYS B 143 18.22 21.71 -11.95
C LYS B 143 18.34 23.22 -12.17
N ASN B 144 17.26 23.99 -11.98
CA ASN B 144 17.31 25.47 -12.13
C ASN B 144 17.96 26.07 -10.89
N PRO B 145 18.54 27.29 -11.00
CA PRO B 145 19.03 28.02 -9.85
C PRO B 145 17.99 28.07 -8.72
N ILE B 146 18.39 27.62 -7.54
CA ILE B 146 17.53 27.54 -6.33
C ILE B 146 16.99 28.94 -6.03
N GLY B 147 15.67 29.05 -5.85
CA GLY B 147 15.01 30.30 -5.43
C GLY B 147 14.56 31.16 -6.60
N GLU B 148 14.90 30.80 -7.83
CA GLU B 148 14.71 31.67 -9.02
C GLU B 148 13.46 31.28 -9.82
N TYR B 149 13.04 30.03 -9.81
CA TYR B 149 11.93 29.51 -10.67
C TYR B 149 10.80 28.92 -9.81
N ARG B 150 9.58 29.45 -10.00
CA ARG B 150 8.36 28.91 -9.37
C ARG B 150 7.80 27.77 -10.21
N GLN B 151 7.73 26.56 -9.65
CA GLN B 151 6.95 25.45 -10.24
C GLN B 151 5.99 24.93 -9.17
N TYR B 152 4.70 25.23 -9.32
CA TYR B 152 3.64 24.81 -8.36
C TYR B 152 3.80 23.31 -8.12
N SER B 153 3.98 22.91 -6.85
CA SER B 153 4.46 21.54 -6.50
C SER B 153 3.87 21.07 -5.16
N ASN B 154 3.16 19.94 -5.19
CA ASN B 154 2.68 19.21 -3.98
C ASN B 154 3.87 18.70 -3.18
N PRO B 155 4.85 18.00 -3.80
CA PRO B 155 6.03 17.55 -3.07
C PRO B 155 6.77 18.68 -2.33
N SER B 156 6.86 19.87 -2.94
CA SER B 156 7.62 21.02 -2.41
C SER B 156 6.98 21.48 -1.08
N ILE B 157 5.70 21.85 -1.10
CA ILE B 157 5.00 22.34 0.13
C ILE B 157 4.73 21.13 1.05
N GLY B 158 4.60 19.93 0.49
CA GLY B 158 4.54 18.66 1.25
C GLY B 158 5.74 18.53 2.17
N LEU B 159 6.95 18.66 1.64
CA LEU B 159 8.20 18.55 2.44
C LEU B 159 8.22 19.65 3.50
N PHE B 160 7.83 20.88 3.14
CA PHE B 160 7.72 22.01 4.10
C PHE B 160 6.80 21.60 5.26
N GLY B 161 5.62 21.05 4.93
CA GLY B 161 4.65 20.59 5.94
C GLY B 161 5.26 19.56 6.88
N LYS B 162 5.93 18.56 6.32
CA LYS B 162 6.56 17.46 7.11
C LYS B 162 7.59 18.06 8.07
N VAL B 163 8.40 19.01 7.60
CA VAL B 163 9.48 19.66 8.41
C VAL B 163 8.83 20.48 9.54
N VAL B 164 7.77 21.24 9.23
CA VAL B 164 7.01 22.01 10.26
C VAL B 164 6.55 21.03 11.35
N ALA B 165 5.99 19.88 10.96
CA ALA B 165 5.48 18.84 11.88
C ALA B 165 6.63 18.31 12.76
N LEU B 166 7.77 17.97 12.16
CA LEU B 166 8.98 17.51 12.89
C LEU B 166 9.39 18.57 13.92
N SER B 167 9.38 19.85 13.54
CA SER B 167 9.78 20.99 14.39
C SER B 167 8.86 21.09 15.62
N MET B 168 7.62 20.59 15.52
CA MET B 168 6.60 20.66 16.60
C MET B 168 6.43 19.28 17.24
N ASN B 169 7.25 18.30 16.87
CA ASN B 169 7.33 16.95 17.49
C ASN B 169 5.95 16.28 17.48
N LYS B 170 5.19 16.44 16.40
CA LYS B 170 3.86 15.84 16.20
C LYS B 170 3.73 15.44 14.72
N PRO B 171 3.03 14.33 14.39
CA PRO B 171 2.67 14.06 13.00
C PRO B 171 1.83 15.23 12.45
N PHE B 172 1.95 15.50 11.15
CA PHE B 172 1.29 16.67 10.49
C PHE B 172 -0.22 16.66 10.76
N ASP B 173 -0.87 15.49 10.71
CA ASP B 173 -2.34 15.37 10.93
C ASP B 173 -2.69 15.94 12.31
N GLN B 174 -1.85 15.67 13.31
CA GLN B 174 -2.05 16.10 14.72
C GLN B 174 -1.74 17.59 14.85
N VAL B 175 -0.72 18.09 14.13
CA VAL B 175 -0.41 19.54 14.10
C VAL B 175 -1.69 20.30 13.76
N LEU B 176 -2.42 19.89 12.71
CA LEU B 176 -3.66 20.58 12.30
C LEU B 176 -4.80 20.26 13.27
N GLU B 177 -5.06 18.98 13.54
CA GLU B 177 -6.28 18.53 14.27
C GLU B 177 -6.19 18.92 15.76
N LYS B 178 -4.98 18.93 16.35
CA LYS B 178 -4.79 19.18 17.81
C LYS B 178 -4.34 20.61 18.08
N THR B 179 -3.65 21.30 17.16
CA THR B 179 -3.08 22.65 17.44
C THR B 179 -3.76 23.72 16.56
N ILE B 180 -3.68 23.60 15.23
CA ILE B 180 -4.02 24.72 14.30
C ILE B 180 -5.54 24.88 14.20
N PHE B 181 -6.31 23.81 13.97
CA PHE B 181 -7.78 23.90 13.81
C PHE B 181 -8.38 24.45 15.11
N PRO B 182 -8.04 23.91 16.30
CA PRO B 182 -8.56 24.44 17.56
C PRO B 182 -8.21 25.92 17.77
N ALA B 183 -6.98 26.33 17.44
CA ALA B 183 -6.49 27.73 17.55
C ALA B 183 -7.34 28.64 16.66
N LEU B 184 -7.85 28.13 15.54
CA LEU B 184 -8.67 28.93 14.58
C LEU B 184 -10.16 28.76 14.93
N GLY B 185 -10.48 27.99 15.97
CA GLY B 185 -11.86 27.69 16.41
C GLY B 185 -12.66 26.91 15.36
N LEU B 186 -12.01 26.01 14.62
CA LEU B 186 -12.66 25.16 13.59
C LEU B 186 -13.05 23.82 14.25
N LYS B 187 -14.32 23.46 14.19
CA LYS B 187 -14.86 22.27 14.91
C LYS B 187 -15.13 21.11 13.95
N HIS B 188 -15.24 21.33 12.64
CA HIS B 188 -15.55 20.26 11.66
C HIS B 188 -14.59 20.31 10.48
N SER B 189 -13.30 20.45 10.78
CA SER B 189 -12.19 20.43 9.80
C SER B 189 -11.29 19.24 10.15
N TYR B 190 -10.93 18.46 9.14
CA TYR B 190 -10.29 17.14 9.32
C TYR B 190 -9.18 16.93 8.28
N VAL B 191 -8.12 16.26 8.72
CA VAL B 191 -7.17 15.55 7.83
C VAL B 191 -7.72 14.14 7.60
N ASN B 192 -8.20 13.49 8.67
CA ASN B 192 -8.87 12.17 8.65
C ASN B 192 -10.30 12.35 9.16
N VAL B 193 -11.30 12.18 8.30
CA VAL B 193 -12.72 12.32 8.70
C VAL B 193 -13.03 11.09 9.56
N PRO B 194 -13.47 11.28 10.83
CA PRO B 194 -13.76 10.14 11.71
C PRO B 194 -15.03 9.38 11.28
N LYS B 195 -15.13 8.11 11.69
CA LYS B 195 -16.28 7.21 11.37
C LYS B 195 -17.60 7.97 11.61
N THR B 196 -17.68 8.71 12.71
CA THR B 196 -18.90 9.41 13.18
C THR B 196 -19.27 10.57 12.26
N GLN B 197 -18.40 10.99 11.35
CA GLN B 197 -18.65 12.14 10.43
C GLN B 197 -18.74 11.68 8.96
N MET B 198 -18.51 10.39 8.68
CA MET B 198 -18.53 9.87 7.29
C MET B 198 -19.92 10.13 6.67
N GLN B 199 -21.00 10.13 7.46
CA GLN B 199 -22.38 10.45 6.98
C GLN B 199 -22.45 11.87 6.42
N ASN B 200 -21.55 12.77 6.85
CA ASN B 200 -21.56 14.20 6.42
C ASN B 200 -20.53 14.43 5.30
N TYR B 201 -19.68 13.44 5.01
CA TYR B 201 -18.62 13.54 3.99
C TYR B 201 -19.28 13.34 2.61
N ALA B 202 -19.38 14.43 1.85
CA ALA B 202 -19.92 14.43 0.47
C ALA B 202 -19.13 13.42 -0.36
N PHE B 203 -19.79 12.78 -1.34
CA PHE B 203 -19.08 12.19 -2.49
C PHE B 203 -18.59 13.35 -3.37
N GLY B 204 -17.38 13.22 -3.92
CA GLY B 204 -16.96 13.98 -5.11
C GLY B 204 -17.53 13.31 -6.35
N TYR B 205 -17.61 14.02 -7.45
CA TYR B 205 -18.10 13.48 -8.75
C TYR B 205 -17.09 13.89 -9.83
N ASN B 206 -16.65 12.92 -10.63
CA ASN B 206 -15.70 13.11 -11.75
C ASN B 206 -16.47 13.65 -12.97
N GLN B 207 -15.80 13.74 -14.11
CA GLN B 207 -16.36 14.40 -15.33
C GLN B 207 -17.47 13.54 -15.93
N GLU B 208 -17.60 12.27 -15.51
CA GLU B 208 -18.70 11.35 -15.89
C GLU B 208 -19.78 11.31 -14.80
N ASN B 209 -19.71 12.24 -13.84
CA ASN B 209 -20.63 12.35 -12.67
C ASN B 209 -20.69 11.02 -11.91
N GLN B 210 -19.56 10.32 -11.82
CA GLN B 210 -19.40 9.10 -11.00
CA GLN B 210 -19.41 9.10 -10.99
C GLN B 210 -18.81 9.49 -9.65
N PRO B 211 -19.35 8.94 -8.54
CA PRO B 211 -18.88 9.27 -7.20
C PRO B 211 -17.45 8.78 -6.94
N ILE B 212 -16.62 9.65 -6.34
CA ILE B 212 -15.18 9.40 -6.06
C ILE B 212 -14.80 10.18 -4.80
N ARG B 213 -13.82 9.70 -4.04
CA ARG B 213 -13.17 10.45 -2.93
C ARG B 213 -11.66 10.43 -3.18
N VAL B 214 -10.94 11.40 -2.60
CA VAL B 214 -9.47 11.54 -2.76
C VAL B 214 -8.81 10.26 -2.25
N ASN B 215 -7.79 9.78 -2.96
CA ASN B 215 -7.02 8.57 -2.61
C ASN B 215 -5.86 8.96 -1.69
N PRO B 216 -5.45 8.09 -0.74
CA PRO B 216 -4.25 8.33 0.05
C PRO B 216 -3.06 8.56 -0.88
N GLY B 217 -2.16 9.47 -0.53
CA GLY B 217 -0.94 9.72 -1.32
C GLY B 217 0.22 10.18 -0.45
N PRO B 218 1.45 10.25 -1.01
CA PRO B 218 2.62 10.71 -0.27
C PRO B 218 2.48 12.20 0.07
N LEU B 219 2.67 12.53 1.36
CA LEU B 219 2.53 13.88 1.96
C LEU B 219 1.24 14.53 1.44
N ASP B 220 0.14 13.77 1.40
CA ASP B 220 -1.17 14.24 0.90
C ASP B 220 -1.70 15.34 1.83
N ALA B 221 -1.65 15.13 3.14
CA ALA B 221 -2.28 16.03 4.13
C ALA B 221 -1.82 17.47 3.92
N PRO B 222 -0.50 17.77 3.93
CA PRO B 222 -0.04 19.15 3.75
C PRO B 222 -0.29 19.76 2.36
N ALA B 223 -0.43 18.95 1.32
CA ALA B 223 -0.55 19.43 -0.09
C ALA B 223 -2.02 19.62 -0.48
N TYR B 224 -2.92 18.69 -0.12
CA TYR B 224 -4.31 18.70 -0.65
C TYR B 224 -5.26 17.87 0.22
N GLY B 225 -4.93 17.62 1.49
CA GLY B 225 -5.55 16.51 2.25
C GLY B 225 -6.61 16.93 3.27
N VAL B 226 -7.00 18.21 3.31
CA VAL B 226 -7.94 18.72 4.36
C VAL B 226 -9.37 18.73 3.83
N LYS B 227 -10.32 18.41 4.72
CA LYS B 227 -11.77 18.42 4.47
C LYS B 227 -12.42 19.34 5.51
N SER B 228 -13.43 20.10 5.11
CA SER B 228 -14.06 21.14 5.95
C SER B 228 -15.48 21.43 5.46
N THR B 229 -16.21 22.18 6.26
CA THR B 229 -17.62 22.59 6.06
C THR B 229 -17.62 24.06 5.66
N LEU B 230 -18.72 24.57 5.11
CA LEU B 230 -18.80 26.01 4.78
C LEU B 230 -18.65 26.86 6.03
N PRO B 231 -19.35 26.60 7.16
CA PRO B 231 -19.21 27.41 8.37
C PRO B 231 -17.74 27.52 8.83
N ASP B 232 -17.03 26.39 8.86
CA ASP B 232 -15.60 26.34 9.24
C ASP B 232 -14.78 27.23 8.30
N MET B 233 -15.03 27.14 7.00
CA MET B 233 -14.23 27.90 6.00
C MET B 233 -14.54 29.39 6.11
N LEU B 234 -15.78 29.76 6.45
CA LEU B 234 -16.14 31.17 6.75
C LEU B 234 -15.42 31.66 8.01
N SER B 235 -15.27 30.80 9.02
CA SER B 235 -14.49 31.12 10.25
C SER B 235 -13.03 31.34 9.87
N PHE B 236 -12.48 30.49 9.00
CA PHE B 236 -11.07 30.61 8.55
C PHE B 236 -10.86 31.93 7.81
N ILE B 237 -11.80 32.32 6.95
CA ILE B 237 -11.75 33.63 6.25
C ILE B 237 -11.86 34.77 7.28
N HIS B 238 -12.73 34.61 8.29
N HIS B 238 -12.72 34.61 8.30
CA HIS B 238 -12.88 35.59 9.39
CA HIS B 238 -12.89 35.59 9.39
C HIS B 238 -11.52 35.81 10.08
C HIS B 238 -11.52 35.81 10.08
N ALA B 239 -10.82 34.72 10.41
CA ALA B 239 -9.49 34.75 11.04
C ALA B 239 -8.49 35.52 10.17
N ASN B 240 -8.55 35.33 8.85
CA ASN B 240 -7.65 35.98 7.88
C ASN B 240 -8.01 37.47 7.72
N LEU B 241 -9.28 37.82 7.86
CA LEU B 241 -9.76 39.23 7.80
C LEU B 241 -9.50 39.97 9.11
N ASN B 242 -9.48 39.27 10.25
CA ASN B 242 -9.36 39.88 11.60
C ASN B 242 -8.37 39.11 12.47
N PRO B 243 -7.09 38.96 12.08
CA PRO B 243 -6.13 38.21 12.89
C PRO B 243 -5.83 38.82 14.28
N GLN B 244 -6.03 40.12 14.43
CA GLN B 244 -5.87 40.86 15.73
C GLN B 244 -6.80 40.26 16.79
N LYS B 245 -7.93 39.67 16.40
CA LYS B 245 -8.95 39.12 17.34
C LYS B 245 -8.50 37.75 17.87
N TYR B 246 -7.37 37.20 17.39
CA TYR B 246 -6.88 35.85 17.78
C TYR B 246 -5.69 35.97 18.72
N PRO B 247 -5.40 34.95 19.55
CA PRO B 247 -4.20 34.94 20.40
C PRO B 247 -2.94 35.16 19.56
N THR B 248 -1.92 35.77 20.17
CA THR B 248 -0.65 36.23 19.55
C THR B 248 -0.07 35.18 18.59
N ASP B 249 0.11 33.93 19.03
CA ASP B 249 0.81 32.86 18.25
C ASP B 249 0.10 32.63 16.92
N ILE B 250 -1.23 32.53 16.92
CA ILE B 250 -2.01 32.21 15.68
C ILE B 250 -2.21 33.51 14.88
N GLN B 251 -2.33 34.67 15.54
CA GLN B 251 -2.37 35.99 14.88
C GLN B 251 -1.10 36.17 14.04
N ARG B 252 0.07 35.92 14.63
CA ARG B 252 1.39 36.02 13.96
C ARG B 252 1.43 35.03 12.80
N ALA B 253 0.96 33.79 13.02
CA ALA B 253 0.89 32.72 12.00
C ALA B 253 0.09 33.20 10.79
N ILE B 254 -1.10 33.76 11.04
CA ILE B 254 -2.00 34.25 9.95
C ILE B 254 -1.30 35.38 9.19
N ASN B 255 -0.74 36.36 9.91
CA ASN B 255 -0.06 37.52 9.27
C ASN B 255 1.10 37.02 8.41
N GLU B 256 1.82 36.02 8.88
CA GLU B 256 2.97 35.40 8.16
C GLU B 256 2.50 34.90 6.79
N THR B 257 1.28 34.36 6.70
CA THR B 257 0.75 33.80 5.41
C THR B 257 0.38 34.92 4.45
N HIS B 258 0.26 36.17 4.91
CA HIS B 258 -0.15 37.33 4.07
C HIS B 258 1.06 38.03 3.45
N GLN B 259 2.27 37.67 3.84
CA GLN B 259 3.51 38.39 3.42
C GLN B 259 3.95 37.89 2.03
N GLY B 260 3.86 38.76 1.03
CA GLY B 260 4.39 38.49 -0.33
C GLY B 260 5.88 38.21 -0.28
N ARG B 261 6.33 37.20 -1.01
CA ARG B 261 7.74 36.72 -0.99
C ARG B 261 8.44 37.05 -2.31
N TYR B 262 7.69 37.05 -3.41
CA TYR B 262 8.19 37.37 -4.77
C TYR B 262 6.99 37.60 -5.67
N GLN B 263 7.22 38.05 -6.91
CA GLN B 263 6.09 38.20 -7.87
C GLN B 263 6.35 37.38 -9.13
N VAL B 264 5.24 36.94 -9.72
CA VAL B 264 5.17 36.50 -11.15
C VAL B 264 4.16 37.42 -11.82
N ASN B 265 4.69 38.47 -12.48
CA ASN B 265 3.92 39.63 -13.00
C ASN B 265 3.06 40.19 -11.86
N THR B 266 1.74 40.16 -12.00
CA THR B 266 0.76 40.83 -11.11
C THR B 266 0.45 39.94 -9.90
N MET B 267 0.90 38.68 -9.90
CA MET B 267 0.66 37.74 -8.78
C MET B 267 1.84 37.77 -7.83
N TYR B 268 1.56 38.04 -6.55
CA TYR B 268 2.53 37.96 -5.44
C TYR B 268 2.31 36.61 -4.75
N GLN B 269 3.35 35.78 -4.67
CA GLN B 269 3.30 34.51 -3.93
C GLN B 269 3.52 34.82 -2.45
N ALA B 270 2.47 34.68 -1.64
CA ALA B 270 2.57 34.67 -0.17
C ALA B 270 2.76 33.21 0.27
N LEU B 271 2.64 32.94 1.57
CA LEU B 271 2.70 31.55 2.10
C LEU B 271 1.32 30.91 1.88
N GLY B 272 1.23 29.99 0.92
CA GLY B 272 -0.03 29.36 0.49
C GLY B 272 -0.90 30.31 -0.32
N TRP B 273 -1.28 31.45 0.25
CA TRP B 273 -2.14 32.46 -0.41
C TRP B 273 -1.45 33.03 -1.65
N GLU B 274 -2.22 33.26 -2.71
CA GLU B 274 -1.83 34.20 -3.79
C GLU B 274 -2.32 35.59 -3.39
N GLU B 275 -1.50 36.61 -3.64
CA GLU B 275 -1.72 38.00 -3.19
C GLU B 275 -1.71 38.92 -4.41
N PHE B 276 -2.57 39.93 -4.42
CA PHE B 276 -2.71 40.91 -5.53
C PHE B 276 -2.93 42.30 -4.95
N SER B 277 -2.45 43.31 -5.67
CA SER B 277 -2.74 44.74 -5.40
C SER B 277 -4.25 44.94 -5.53
N TYR B 278 -4.88 45.54 -4.52
CA TYR B 278 -6.34 45.81 -4.48
C TYR B 278 -6.57 47.30 -4.70
N PRO B 279 -7.50 47.72 -5.59
CA PRO B 279 -8.35 46.80 -6.35
C PRO B 279 -7.60 46.01 -7.44
N ALA B 280 -7.99 44.76 -7.66
CA ALA B 280 -7.47 43.87 -8.71
C ALA B 280 -8.52 43.77 -9.82
N THR B 281 -8.10 43.82 -11.08
CA THR B 281 -8.99 43.53 -12.23
C THR B 281 -9.30 42.03 -12.25
N LEU B 282 -10.44 41.67 -12.84
CA LEU B 282 -10.83 40.26 -13.04
C LEU B 282 -9.71 39.53 -13.77
N GLN B 283 -9.13 40.13 -14.82
CA GLN B 283 -8.10 39.47 -15.66
C GLN B 283 -6.84 39.17 -14.85
N THR B 284 -6.46 40.07 -13.93
CA THR B 284 -5.32 39.83 -13.01
C THR B 284 -5.57 38.53 -12.22
N LEU B 285 -6.77 38.38 -11.66
CA LEU B 285 -7.12 37.19 -10.85
C LEU B 285 -7.16 35.95 -11.74
N LEU B 286 -7.70 36.07 -12.96
CA LEU B 286 -7.74 34.94 -13.94
C LEU B 286 -6.33 34.55 -14.36
N ASP B 287 -5.46 35.53 -14.66
CA ASP B 287 -4.04 35.29 -15.07
C ASP B 287 -3.30 34.43 -14.03
N SER B 288 -3.62 34.61 -12.75
CA SER B 288 -2.95 33.90 -11.62
C SER B 288 -3.05 32.38 -11.79
N ASN B 289 -4.12 31.88 -12.39
CA ASN B 289 -4.39 30.41 -12.47
C ASN B 289 -4.44 29.99 -13.95
N SER B 290 -3.68 30.68 -14.78
CA SER B 290 -3.51 30.29 -16.18
C SER B 290 -2.68 29.01 -16.25
N GLU B 291 -2.79 28.28 -17.35
CA GLU B 291 -1.97 27.05 -17.54
C GLU B 291 -0.47 27.36 -17.38
N GLN B 292 0.00 28.47 -17.95
CA GLN B 292 1.43 28.85 -17.87
C GLN B 292 1.88 28.99 -16.40
N ILE B 293 1.06 29.58 -15.54
CA ILE B 293 1.45 29.81 -14.12
C ILE B 293 1.34 28.52 -13.30
N VAL B 294 0.27 27.79 -13.49
CA VAL B 294 -0.03 26.59 -12.64
C VAL B 294 0.88 25.42 -13.04
N MET B 295 1.11 25.21 -14.35
CA MET B 295 1.64 23.91 -14.86
C MET B 295 3.12 24.01 -15.24
N LYS B 296 3.64 25.20 -15.53
CA LYS B 296 5.01 25.40 -16.07
C LYS B 296 5.88 26.13 -15.06
N PRO B 297 7.23 25.99 -15.15
CA PRO B 297 8.15 26.80 -14.34
C PRO B 297 8.09 28.24 -14.83
N ASN B 298 8.16 29.21 -13.90
CA ASN B 298 8.21 30.66 -14.24
C ASN B 298 9.29 31.32 -13.38
N LYS B 299 10.20 32.06 -14.01
CA LYS B 299 11.23 32.86 -13.32
C LYS B 299 10.52 33.89 -12.45
N VAL B 300 10.88 33.97 -11.16
CA VAL B 300 10.24 34.94 -10.21
C VAL B 300 11.01 36.24 -10.28
N THR B 301 10.38 37.36 -9.90
CA THR B 301 11.04 38.67 -9.74
C THR B 301 10.95 39.04 -8.26
N ALA B 302 11.96 39.73 -7.76
CA ALA B 302 11.93 40.43 -6.46
C ALA B 302 10.74 41.38 -6.48
N ILE B 303 10.04 41.53 -5.36
CA ILE B 303 8.93 42.53 -5.25
C ILE B 303 9.56 43.91 -5.38
N SER B 304 9.11 44.70 -6.37
CA SER B 304 9.66 46.02 -6.70
C SER B 304 8.58 47.07 -6.44
N LYS B 305 7.31 46.68 -6.41
CA LYS B 305 6.19 47.53 -5.92
C LYS B 305 5.40 46.74 -4.86
N GLU B 306 5.57 47.08 -3.59
CA GLU B 306 4.79 46.49 -2.48
C GLU B 306 3.52 47.32 -2.31
N PRO B 307 2.33 46.80 -2.69
CA PRO B 307 1.10 47.57 -2.54
C PRO B 307 0.72 47.76 -1.06
N SER B 308 0.09 48.90 -0.77
CA SER B 308 -0.50 49.22 0.57
CA SER B 308 -0.47 49.20 0.58
C SER B 308 -1.68 48.27 0.84
N VAL B 309 -2.54 48.12 -0.15
CA VAL B 309 -3.84 47.38 -0.03
C VAL B 309 -3.82 46.16 -0.94
N LYS B 310 -4.09 44.98 -0.36
CA LYS B 310 -3.98 43.67 -1.02
C LYS B 310 -5.31 42.93 -0.95
N MET B 311 -5.50 41.98 -1.86
CA MET B 311 -6.52 40.91 -1.71
C MET B 311 -5.81 39.58 -1.97
N TYR B 312 -6.44 38.49 -1.54
CA TYR B 312 -5.81 37.15 -1.51
C TYR B 312 -6.83 36.14 -2.00
N HIS B 313 -6.38 35.12 -2.73
CA HIS B 313 -7.25 34.00 -3.11
C HIS B 313 -6.45 32.70 -3.19
N LYS B 314 -7.16 31.58 -3.30
CA LYS B 314 -6.56 30.26 -3.53
C LYS B 314 -7.66 29.36 -4.10
N THR B 315 -7.33 28.66 -5.19
CA THR B 315 -8.15 27.59 -5.78
C THR B 315 -7.74 26.26 -5.14
N GLY B 316 -8.64 25.30 -5.13
CA GLY B 316 -8.34 23.91 -4.76
C GLY B 316 -9.15 22.96 -5.62
N SER B 317 -8.52 21.90 -6.09
CA SER B 317 -9.20 20.81 -6.82
C SER B 317 -8.65 19.46 -6.31
N THR B 318 -9.55 18.52 -6.08
CA THR B 318 -9.26 17.06 -6.11
C THR B 318 -9.99 16.53 -7.35
N SER B 319 -9.95 15.23 -7.61
CA SER B 319 -10.64 14.63 -8.77
C SER B 319 -12.14 14.93 -8.71
N GLY B 320 -12.72 15.01 -7.51
CA GLY B 320 -14.17 15.11 -7.32
C GLY B 320 -14.67 16.45 -6.76
N PHE B 321 -13.79 17.40 -6.41
CA PHE B 321 -14.19 18.62 -5.66
C PHE B 321 -13.46 19.86 -6.20
N GLY B 322 -14.18 20.98 -6.23
CA GLY B 322 -13.65 22.33 -6.50
C GLY B 322 -13.80 23.21 -5.28
N THR B 323 -12.78 24.02 -5.03
CA THR B 323 -12.77 25.01 -3.92
C THR B 323 -12.24 26.34 -4.44
N TYR B 324 -12.77 27.43 -3.92
CA TYR B 324 -12.23 28.80 -4.13
C TYR B 324 -12.51 29.61 -2.88
N VAL B 325 -11.46 30.24 -2.36
CA VAL B 325 -11.52 31.16 -1.18
C VAL B 325 -10.83 32.45 -1.59
N VAL B 326 -11.47 33.57 -1.26
CA VAL B 326 -10.95 34.95 -1.56
C VAL B 326 -11.32 35.85 -0.38
N PHE B 327 -10.44 36.78 0.00
CA PHE B 327 -10.79 37.83 0.97
C PHE B 327 -10.08 39.13 0.62
N ILE B 328 -10.71 40.24 1.04
CA ILE B 328 -10.27 41.64 0.79
C ILE B 328 -10.31 42.37 2.13
N PRO B 329 -9.19 42.46 2.87
CA PRO B 329 -9.17 43.09 4.19
C PRO B 329 -9.82 44.49 4.20
N LYS B 330 -9.51 45.32 3.19
CA LYS B 330 -9.96 46.74 3.11
C LYS B 330 -11.49 46.82 3.14
N GLU B 331 -12.17 45.84 2.53
CA GLU B 331 -13.65 45.82 2.42
C GLU B 331 -14.24 44.93 3.53
N ASN B 332 -13.39 44.30 4.35
CA ASN B 332 -13.79 43.38 5.44
C ASN B 332 -14.76 42.33 4.88
N ILE B 333 -14.46 41.80 3.70
CA ILE B 333 -15.35 40.83 3.01
C ILE B 333 -14.53 39.65 2.48
N GLY B 334 -15.17 38.48 2.39
CA GLY B 334 -14.57 37.28 1.81
C GLY B 334 -15.63 36.32 1.33
N LEU B 335 -15.23 35.35 0.53
CA LEU B 335 -16.17 34.38 -0.07
C LEU B 335 -15.50 33.01 -0.08
N VAL B 336 -16.30 31.97 0.15
CA VAL B 336 -15.90 30.56 -0.01
C VAL B 336 -16.89 29.91 -0.97
N MET B 337 -16.37 29.18 -1.95
CA MET B 337 -17.13 28.27 -2.84
C MET B 337 -16.63 26.85 -2.65
N LEU B 338 -17.53 25.91 -2.36
CA LEU B 338 -17.24 24.47 -2.29
C LEU B 338 -18.21 23.75 -3.25
N THR B 339 -17.69 22.92 -4.16
CA THR B 339 -18.47 22.07 -5.08
C THR B 339 -17.98 20.64 -4.96
N ASN B 340 -18.88 19.67 -5.13
CA ASN B 340 -18.50 18.24 -5.18
C ASN B 340 -18.45 17.81 -6.65
N LYS B 341 -18.05 18.74 -7.52
CA LYS B 341 -17.54 18.45 -8.88
C LYS B 341 -16.64 19.62 -9.29
N ARG B 342 -15.52 19.33 -9.95
CA ARG B 342 -14.59 20.36 -10.47
C ARG B 342 -15.34 21.16 -11.54
N ILE B 343 -15.20 22.48 -11.49
CA ILE B 343 -15.60 23.42 -12.56
C ILE B 343 -14.37 24.27 -12.87
N PRO B 344 -14.25 24.84 -14.08
CA PRO B 344 -13.07 25.63 -14.42
C PRO B 344 -12.78 26.70 -13.36
N ASN B 345 -11.50 26.86 -13.01
CA ASN B 345 -11.02 27.93 -12.09
C ASN B 345 -11.59 29.29 -12.53
N GLU B 346 -11.58 29.56 -13.84
N GLU B 346 -11.59 29.55 -13.84
CA GLU B 346 -12.07 30.82 -14.47
CA GLU B 346 -12.05 30.85 -14.42
C GLU B 346 -13.48 31.14 -13.95
C GLU B 346 -13.48 31.14 -13.95
N GLU B 347 -14.36 30.13 -13.91
CA GLU B 347 -15.78 30.32 -13.52
C GLU B 347 -15.88 30.65 -12.03
N ARG B 348 -15.06 30.00 -11.21
CA ARG B 348 -15.05 30.22 -9.73
C ARG B 348 -14.63 31.67 -9.47
N ILE B 349 -13.52 32.07 -10.10
CA ILE B 349 -12.90 33.41 -9.88
C ILE B 349 -13.88 34.48 -10.36
N LYS B 350 -14.46 34.31 -11.56
CA LYS B 350 -15.40 35.29 -12.15
C LYS B 350 -16.66 35.43 -11.27
N ALA B 351 -17.30 34.31 -10.92
CA ALA B 351 -18.55 34.35 -10.10
C ALA B 351 -18.28 35.12 -8.80
N ALA B 352 -17.19 34.81 -8.11
CA ALA B 352 -16.79 35.43 -6.83
C ALA B 352 -16.56 36.94 -7.04
N TYR B 353 -15.88 37.30 -8.14
CA TYR B 353 -15.53 38.70 -8.48
C TYR B 353 -16.81 39.53 -8.63
N VAL B 354 -17.76 39.02 -9.42
CA VAL B 354 -19.04 39.75 -9.68
C VAL B 354 -19.77 39.92 -8.35
N VAL B 355 -19.88 38.87 -7.54
CA VAL B 355 -20.65 38.91 -6.26
C VAL B 355 -19.98 39.89 -5.29
N LEU B 356 -18.66 39.78 -5.08
CA LEU B 356 -17.98 40.62 -4.06
C LEU B 356 -18.00 42.09 -4.49
N ASN B 357 -17.92 42.37 -5.79
CA ASN B 357 -17.92 43.75 -6.33
C ASN B 357 -19.34 44.35 -6.33
N ALA B 358 -20.38 43.54 -6.30
CA ALA B 358 -21.79 43.99 -6.36
C ALA B 358 -22.34 44.25 -4.95
N ILE B 359 -21.83 43.57 -3.92
CA ILE B 359 -22.41 43.61 -2.54
C ILE B 359 -22.29 45.05 -2.01
N LYS B 360 -23.40 45.60 -1.49
CA LYS B 360 -23.45 46.98 -0.93
C LYS B 360 -22.67 46.96 0.38
N LYS B 361 -21.97 48.06 0.69
CA LYS B 361 -21.04 48.19 1.84
C LYS B 361 -21.82 48.09 3.14
N PRO C 5 -6.21 3.65 14.47
CA PRO C 5 -4.80 3.25 14.24
C PRO C 5 -4.72 1.95 13.41
N LYS C 6 -5.12 0.82 14.02
CA LYS C 6 -5.27 -0.50 13.37
C LYS C 6 -6.05 -0.34 12.06
N ASP C 7 -7.20 0.35 12.10
CA ASP C 7 -8.10 0.52 10.93
C ASP C 7 -7.32 1.14 9.76
N GLN C 8 -6.41 2.08 10.04
CA GLN C 8 -5.63 2.77 8.97
C GLN C 8 -4.59 1.80 8.39
N GLU C 9 -4.01 0.93 9.22
CA GLU C 9 -2.96 -0.04 8.81
C GLU C 9 -3.59 -1.13 7.92
N ILE C 10 -4.77 -1.59 8.31
CA ILE C 10 -5.60 -2.56 7.53
C ILE C 10 -5.98 -1.90 6.20
N LYS C 11 -6.44 -0.65 6.22
CA LYS C 11 -6.82 0.09 4.99
C LYS C 11 -5.63 0.11 4.03
N LYS C 12 -4.43 0.43 4.53
CA LYS C 12 -3.21 0.56 3.69
C LYS C 12 -2.88 -0.79 3.06
N LEU C 13 -2.97 -1.88 3.82
CA LEU C 13 -2.70 -3.25 3.33
C LEU C 13 -3.68 -3.58 2.19
N VAL C 14 -4.96 -3.25 2.38
CA VAL C 14 -6.04 -3.57 1.39
C VAL C 14 -5.83 -2.67 0.17
N ASP C 15 -5.51 -1.39 0.36
CA ASP C 15 -5.15 -0.45 -0.73
C ASP C 15 -3.94 -1.01 -1.50
N GLN C 16 -2.96 -1.56 -0.80
CA GLN C 16 -1.69 -2.06 -1.41
C GLN C 16 -1.97 -3.32 -2.24
N ASN C 17 -2.89 -4.17 -1.81
CA ASN C 17 -2.98 -5.57 -2.31
C ASN C 17 -4.27 -5.80 -3.12
N PHE C 18 -5.37 -5.14 -2.79
CA PHE C 18 -6.67 -5.34 -3.48
C PHE C 18 -6.91 -4.22 -4.50
N LYS C 19 -6.70 -2.96 -4.12
CA LYS C 19 -7.05 -1.78 -4.95
C LYS C 19 -6.46 -1.89 -6.36
N PRO C 20 -5.19 -2.31 -6.54
CA PRO C 20 -4.60 -2.40 -7.88
C PRO C 20 -5.31 -3.38 -8.84
N LEU C 21 -6.04 -4.35 -8.31
CA LEU C 21 -6.79 -5.35 -9.12
C LEU C 21 -7.92 -4.67 -9.90
N LEU C 22 -8.45 -3.56 -9.40
CA LEU C 22 -9.53 -2.78 -10.06
C LEU C 22 -9.02 -2.29 -11.41
N GLU C 23 -7.87 -1.60 -11.44
CA GLU C 23 -7.26 -1.10 -12.70
C GLU C 23 -6.82 -2.29 -13.55
N LYS C 24 -6.20 -3.30 -12.94
CA LYS C 24 -5.60 -4.46 -13.66
C LYS C 24 -6.68 -5.20 -14.46
N TYR C 25 -7.86 -5.42 -13.88
CA TYR C 25 -8.93 -6.25 -14.50
C TYR C 25 -10.13 -5.39 -14.89
N ASP C 26 -10.04 -4.07 -14.74
CA ASP C 26 -11.11 -3.09 -15.11
C ASP C 26 -12.37 -3.50 -14.35
N VAL C 27 -12.26 -3.63 -13.03
CA VAL C 27 -13.36 -4.02 -12.11
C VAL C 27 -14.07 -2.75 -11.67
N PRO C 28 -15.38 -2.57 -11.94
CA PRO C 28 -16.06 -1.35 -11.56
C PRO C 28 -16.12 -1.11 -10.04
N GLY C 29 -16.41 -2.16 -9.26
CA GLY C 29 -16.69 -2.03 -7.82
C GLY C 29 -16.14 -3.20 -7.01
N MET C 30 -15.79 -2.92 -5.77
CA MET C 30 -15.21 -3.95 -4.86
C MET C 30 -15.51 -3.56 -3.41
N ALA C 31 -15.81 -4.56 -2.58
CA ALA C 31 -15.93 -4.40 -1.12
C ALA C 31 -15.00 -5.45 -0.48
N VAL C 32 -14.05 -4.99 0.34
CA VAL C 32 -13.12 -5.87 1.08
C VAL C 32 -13.30 -5.61 2.58
N GLY C 33 -13.60 -6.68 3.32
CA GLY C 33 -13.80 -6.64 4.77
C GLY C 33 -12.75 -7.50 5.46
N VAL C 34 -12.20 -7.00 6.56
CA VAL C 34 -11.37 -7.83 7.49
C VAL C 34 -12.08 -7.84 8.84
N ILE C 35 -12.09 -8.99 9.49
CA ILE C 35 -12.51 -9.08 10.92
C ILE C 35 -11.32 -9.66 11.69
N GLN C 36 -10.87 -8.96 12.73
CA GLN C 36 -9.72 -9.36 13.58
C GLN C 36 -10.09 -9.08 15.04
N ASN C 37 -10.08 -10.14 15.86
CA ASN C 37 -10.42 -10.05 17.30
C ASN C 37 -11.76 -9.33 17.45
N ASN C 38 -12.74 -9.68 16.62
CA ASN C 38 -14.16 -9.20 16.73
C ASN C 38 -14.26 -7.71 16.39
N LYS C 39 -13.24 -7.10 15.80
CA LYS C 39 -13.29 -5.73 15.21
C LYS C 39 -13.42 -5.88 13.69
N LYS C 40 -14.38 -5.18 13.09
CA LYS C 40 -14.69 -5.26 11.64
C LYS C 40 -14.14 -4.01 10.92
N TYR C 41 -13.46 -4.23 9.79
CA TYR C 41 -12.92 -3.17 8.91
C TYR C 41 -13.54 -3.33 7.51
N GLU C 42 -14.20 -2.29 7.02
CA GLU C 42 -14.90 -2.28 5.71
C GLU C 42 -14.22 -1.28 4.76
N MET C 43 -13.72 -1.76 3.62
CA MET C 43 -13.13 -0.93 2.54
C MET C 43 -14.02 -1.06 1.28
N TYR C 44 -14.47 0.07 0.73
CA TYR C 44 -15.33 0.14 -0.48
C TYR C 44 -14.61 0.92 -1.58
N TYR C 45 -14.66 0.38 -2.79
CA TYR C 45 -14.00 0.95 -4.00
C TYR C 45 -14.98 0.97 -5.18
N GLY C 46 -15.01 2.08 -5.90
CA GLY C 46 -15.67 2.17 -7.22
C GLY C 46 -17.18 2.06 -7.12
N LEU C 47 -17.79 1.45 -8.13
CA LEU C 47 -19.22 1.63 -8.47
C LEU C 47 -19.95 0.29 -8.38
N GLN C 48 -21.10 0.32 -7.73
CA GLN C 48 -22.09 -0.79 -7.66
C GLN C 48 -22.82 -0.86 -9.01
N SER C 49 -23.11 0.30 -9.61
CA SER C 49 -23.83 0.40 -10.90
C SER C 49 -23.19 1.51 -11.72
N VAL C 50 -22.64 1.18 -12.88
CA VAL C 50 -22.01 2.16 -13.82
C VAL C 50 -23.14 3.03 -14.37
N GLN C 51 -24.22 2.41 -14.84
CA GLN C 51 -25.36 3.12 -15.48
C GLN C 51 -26.00 4.11 -14.49
N ASP C 52 -26.17 3.69 -13.23
N ASP C 52 -26.18 3.69 -13.23
CA ASP C 52 -26.86 4.49 -12.18
CA ASP C 52 -26.87 4.47 -12.19
C ASP C 52 -25.87 5.35 -11.42
C ASP C 52 -25.88 5.35 -11.43
N LYS C 53 -24.58 5.27 -11.73
CA LYS C 53 -23.51 6.07 -11.09
C LYS C 53 -23.59 5.94 -9.57
N LYS C 54 -23.81 4.71 -9.08
CA LYS C 54 -23.94 4.39 -7.65
C LYS C 54 -22.60 3.85 -7.13
N ALA C 55 -22.06 4.47 -6.09
CA ALA C 55 -20.84 4.03 -5.40
C ALA C 55 -21.14 2.75 -4.60
N VAL C 56 -20.18 1.84 -4.56
CA VAL C 56 -20.20 0.68 -3.63
C VAL C 56 -20.19 1.24 -2.21
N ASN C 57 -21.06 0.71 -1.35
CA ASN C 57 -21.18 1.13 0.08
C ASN C 57 -21.64 -0.06 0.91
N SER C 58 -21.86 0.16 2.21
CA SER C 58 -22.21 -0.90 3.19
C SER C 58 -23.58 -1.53 2.86
N ASN C 59 -24.39 -0.86 2.04
CA ASN C 59 -25.73 -1.38 1.64
C ASN C 59 -25.63 -2.19 0.35
N THR C 60 -24.50 -2.17 -0.37
CA THR C 60 -24.39 -2.78 -1.71
C THR C 60 -24.55 -4.31 -1.59
N ILE C 61 -25.48 -4.87 -2.36
CA ILE C 61 -25.74 -6.34 -2.41
C ILE C 61 -24.99 -6.93 -3.61
N PHE C 62 -24.17 -7.95 -3.34
CA PHE C 62 -23.35 -8.68 -4.35
C PHE C 62 -23.85 -10.12 -4.46
N GLU C 63 -23.73 -10.70 -5.65
CA GLU C 63 -23.96 -12.16 -5.89
C GLU C 63 -22.76 -12.93 -5.32
N LEU C 64 -23.02 -13.88 -4.43
CA LEU C 64 -21.95 -14.65 -3.74
C LEU C 64 -21.48 -15.82 -4.62
N GLY C 65 -22.23 -16.19 -5.66
CA GLY C 65 -22.00 -17.41 -6.44
C GLY C 65 -21.85 -18.61 -5.51
N SER C 66 -20.80 -19.40 -5.69
CA SER C 66 -20.61 -20.69 -4.97
C SER C 66 -20.38 -20.49 -3.46
N VAL C 67 -20.08 -19.27 -3.01
CA VAL C 67 -20.06 -19.00 -1.54
C VAL C 67 -21.47 -19.24 -0.97
N SER C 68 -22.52 -19.24 -1.80
CA SER C 68 -23.89 -19.65 -1.45
C SER C 68 -23.89 -21.06 -0.82
N LYS C 69 -22.99 -21.95 -1.29
CA LYS C 69 -22.90 -23.36 -0.82
C LYS C 69 -22.64 -23.40 0.68
N LEU C 70 -21.99 -22.38 1.24
CA LEU C 70 -21.68 -22.30 2.69
C LEU C 70 -22.98 -22.14 3.50
N PHE C 71 -23.94 -21.38 2.96
CA PHE C 71 -25.28 -21.21 3.60
C PHE C 71 -26.08 -22.51 3.46
N THR C 72 -25.98 -23.17 2.30
CA THR C 72 -26.63 -24.48 2.06
C THR C 72 -26.09 -25.51 3.06
N ALA C 73 -24.77 -25.54 3.25
CA ALA C 73 -24.08 -26.39 4.24
C ALA C 73 -24.59 -26.09 5.65
N THR C 74 -24.68 -24.81 6.01
CA THR C 74 -25.14 -24.34 7.34
C THR C 74 -26.59 -24.81 7.54
N ALA C 75 -27.44 -24.65 6.53
CA ALA C 75 -28.86 -25.10 6.55
C ALA C 75 -28.92 -26.60 6.82
N GLY C 76 -28.04 -27.37 6.15
CA GLY C 76 -27.92 -28.83 6.33
C GLY C 76 -27.53 -29.18 7.75
N GLY C 77 -26.48 -28.54 8.28
CA GLY C 77 -26.01 -28.72 9.66
C GLY C 77 -27.08 -28.40 10.69
N TYR C 78 -27.90 -27.37 10.43
CA TYR C 78 -29.01 -26.94 11.32
C TYR C 78 -30.08 -28.02 11.35
N ALA C 79 -30.50 -28.48 10.17
CA ALA C 79 -31.53 -29.53 9.99
C ALA C 79 -31.07 -30.80 10.71
N LYS C 80 -29.80 -31.20 10.53
CA LYS C 80 -29.24 -32.44 11.12
C LYS C 80 -29.28 -32.37 12.65
N ASN C 81 -28.80 -31.28 13.23
CA ASN C 81 -28.63 -31.14 14.71
C ASN C 81 -30.00 -30.92 15.37
N LYS C 82 -31.02 -30.56 14.59
CA LYS C 82 -32.44 -30.52 15.05
C LYS C 82 -33.11 -31.87 14.80
N GLY C 83 -32.38 -32.83 14.22
CA GLY C 83 -32.85 -34.20 13.97
C GLY C 83 -33.85 -34.28 12.82
N LYS C 84 -33.94 -33.24 11.99
CA LYS C 84 -34.87 -33.18 10.82
C LYS C 84 -34.35 -34.09 9.70
N ILE C 85 -33.03 -34.30 9.66
CA ILE C 85 -32.34 -35.21 8.69
C ILE C 85 -31.19 -35.93 9.39
N SER C 86 -30.77 -37.05 8.81
CA SER C 86 -29.45 -37.71 9.03
C SER C 86 -28.67 -37.65 7.72
N PHE C 87 -27.36 -37.44 7.79
CA PHE C 87 -26.46 -37.39 6.60
C PHE C 87 -26.36 -38.77 5.95
N ASP C 88 -26.76 -39.82 6.68
CA ASP C 88 -26.83 -41.23 6.18
C ASP C 88 -28.10 -41.43 5.34
N ASP C 89 -29.10 -40.56 5.49
CA ASP C 89 -30.39 -40.64 4.75
C ASP C 89 -30.15 -40.48 3.25
N THR C 90 -31.13 -40.90 2.45
CA THR C 90 -31.14 -40.78 0.97
C THR C 90 -32.28 -39.84 0.59
N PRO C 91 -32.22 -39.22 -0.61
CA PRO C 91 -33.17 -38.17 -0.98
C PRO C 91 -34.64 -38.61 -1.05
N GLY C 92 -34.88 -39.87 -1.45
CA GLY C 92 -36.22 -40.47 -1.59
C GLY C 92 -37.02 -40.43 -0.29
N LYS C 93 -36.33 -40.42 0.86
CA LYS C 93 -36.96 -40.34 2.21
C LYS C 93 -37.73 -39.02 2.35
N TYR C 94 -37.32 -37.97 1.63
CA TYR C 94 -37.86 -36.59 1.76
C TYR C 94 -38.54 -36.16 0.46
N TRP C 95 -37.92 -36.41 -0.70
CA TRP C 95 -38.56 -36.23 -2.04
C TRP C 95 -39.14 -37.57 -2.48
N LYS C 96 -40.40 -37.82 -2.14
CA LYS C 96 -41.07 -39.16 -2.23
C LYS C 96 -40.95 -39.70 -3.67
N GLU C 97 -41.04 -38.83 -4.68
CA GLU C 97 -41.06 -39.22 -6.11
C GLU C 97 -39.68 -39.76 -6.53
N LEU C 98 -38.65 -39.64 -5.68
CA LEU C 98 -37.31 -40.23 -5.94
C LEU C 98 -37.11 -41.53 -5.14
N LYS C 99 -38.05 -41.89 -4.27
CA LYS C 99 -37.99 -43.17 -3.51
C LYS C 99 -37.82 -44.31 -4.52
N ASN C 100 -36.87 -45.23 -4.26
CA ASN C 100 -36.68 -46.48 -5.05
C ASN C 100 -36.14 -46.15 -6.46
N THR C 101 -35.54 -44.97 -6.67
CA THR C 101 -34.80 -44.59 -7.91
C THR C 101 -33.31 -44.77 -7.64
N PRO C 102 -32.46 -44.93 -8.67
CA PRO C 102 -31.01 -45.10 -8.48
C PRO C 102 -30.35 -44.02 -7.60
N ILE C 103 -30.73 -42.75 -7.76
CA ILE C 103 -30.18 -41.61 -6.98
C ILE C 103 -30.50 -41.82 -5.49
N ASP C 104 -31.51 -42.62 -5.17
CA ASP C 104 -31.94 -42.92 -3.76
C ASP C 104 -30.95 -43.88 -3.10
N GLN C 105 -29.86 -44.26 -3.78
CA GLN C 105 -28.74 -45.05 -3.20
C GLN C 105 -27.62 -44.10 -2.73
N VAL C 106 -27.74 -42.81 -3.01
CA VAL C 106 -26.73 -41.78 -2.62
C VAL C 106 -27.23 -41.08 -1.35
N ASN C 107 -26.37 -40.95 -0.32
CA ASN C 107 -26.79 -40.34 0.95
C ASN C 107 -26.59 -38.83 0.87
N LEU C 108 -27.13 -38.10 1.84
CA LEU C 108 -27.16 -36.62 1.84
C LEU C 108 -25.72 -36.07 1.91
N LEU C 109 -24.83 -36.70 2.68
CA LEU C 109 -23.43 -36.23 2.82
C LEU C 109 -22.72 -36.31 1.45
N GLN C 110 -22.93 -37.42 0.73
CA GLN C 110 -22.30 -37.65 -0.60
C GLN C 110 -22.80 -36.59 -1.59
N LEU C 111 -24.08 -36.23 -1.53
CA LEU C 111 -24.64 -35.16 -2.38
C LEU C 111 -23.99 -33.81 -2.00
N ALA C 112 -23.91 -33.50 -0.71
CA ALA C 112 -23.38 -32.21 -0.20
C ALA C 112 -21.90 -32.06 -0.55
N THR C 113 -21.14 -33.17 -0.63
CA THR C 113 -19.67 -33.16 -0.81
C THR C 113 -19.26 -33.73 -2.18
N TYR C 114 -20.22 -33.84 -3.11
CA TYR C 114 -20.00 -33.97 -4.57
C TYR C 114 -19.45 -35.36 -4.94
N THR C 115 -19.84 -36.43 -4.25
CA THR C 115 -19.28 -37.80 -4.46
C THR C 115 -20.36 -38.80 -4.91
N SER C 116 -21.43 -38.34 -5.55
CA SER C 116 -22.47 -39.23 -6.17
C SER C 116 -21.81 -40.16 -7.20
N GLY C 117 -20.71 -39.71 -7.83
CA GLY C 117 -19.96 -40.47 -8.83
C GLY C 117 -20.50 -40.28 -10.24
N ASN C 118 -21.54 -39.45 -10.43
CA ASN C 118 -22.08 -39.14 -11.79
C ASN C 118 -22.91 -37.84 -11.79
N LEU C 119 -22.35 -36.73 -11.28
CA LEU C 119 -22.97 -35.38 -11.41
C LEU C 119 -21.87 -34.37 -11.76
N ALA C 120 -22.04 -33.69 -12.88
CA ALA C 120 -21.09 -32.69 -13.45
C ALA C 120 -21.29 -31.33 -12.78
N LEU C 121 -20.48 -30.34 -13.15
CA LEU C 121 -20.52 -28.95 -12.59
C LEU C 121 -21.93 -28.40 -12.74
N GLN C 122 -22.52 -28.52 -13.92
CA GLN C 122 -23.84 -27.92 -14.26
C GLN C 122 -24.81 -29.02 -14.69
N PHE C 123 -26.11 -28.77 -14.49
CA PHE C 123 -27.21 -29.48 -15.18
C PHE C 123 -27.01 -29.36 -16.70
N PRO C 124 -27.46 -30.35 -17.49
CA PRO C 124 -27.55 -30.17 -18.94
C PRO C 124 -28.40 -28.96 -19.32
N ASP C 125 -28.04 -28.28 -20.40
CA ASP C 125 -28.69 -27.03 -20.89
C ASP C 125 -30.22 -27.20 -20.91
N GLU C 126 -30.70 -28.36 -21.37
CA GLU C 126 -32.14 -28.64 -21.61
C GLU C 126 -32.93 -28.63 -20.30
N VAL C 127 -32.28 -28.95 -19.17
CA VAL C 127 -32.91 -28.99 -17.82
C VAL C 127 -33.10 -27.54 -17.34
N GLN C 128 -34.36 -27.12 -17.15
CA GLN C 128 -34.72 -25.72 -16.79
C GLN C 128 -35.86 -25.74 -15.76
N THR C 129 -36.98 -26.40 -16.08
CA THR C 129 -38.21 -26.44 -15.24
C THR C 129 -38.02 -27.44 -14.09
N ASP C 130 -38.83 -27.32 -13.04
CA ASP C 130 -38.81 -28.24 -11.87
C ASP C 130 -39.13 -29.66 -12.33
N GLN C 131 -40.02 -29.79 -13.34
CA GLN C 131 -40.43 -31.11 -13.91
C GLN C 131 -39.21 -31.74 -14.60
N GLN C 132 -38.48 -30.96 -15.39
CA GLN C 132 -37.23 -31.40 -16.07
C GLN C 132 -36.17 -31.75 -15.03
N VAL C 133 -36.11 -31.03 -13.91
CA VAL C 133 -35.15 -31.30 -12.79
C VAL C 133 -35.55 -32.62 -12.11
N LEU C 134 -36.83 -32.81 -11.80
CA LEU C 134 -37.33 -34.08 -11.19
C LEU C 134 -36.99 -35.24 -12.14
N THR C 135 -37.33 -35.09 -13.43
CA THR C 135 -37.06 -36.08 -14.51
C THR C 135 -35.58 -36.43 -14.53
N PHE C 136 -34.70 -35.42 -14.50
CA PHE C 136 -33.23 -35.59 -14.53
C PHE C 136 -32.81 -36.57 -13.43
N PHE C 137 -33.30 -36.39 -12.20
CA PHE C 137 -32.89 -37.19 -11.01
C PHE C 137 -33.58 -38.57 -11.02
N LYS C 138 -34.81 -38.65 -11.51
CA LYS C 138 -35.51 -39.95 -11.72
C LYS C 138 -34.70 -40.82 -12.70
N ASP C 139 -34.21 -40.21 -13.79
CA ASP C 139 -33.50 -40.91 -14.89
C ASP C 139 -32.01 -41.12 -14.55
N TRP C 140 -31.53 -40.51 -13.46
CA TRP C 140 -30.10 -40.58 -13.05
C TRP C 140 -29.73 -42.05 -12.79
N LYS C 141 -28.56 -42.47 -13.27
CA LYS C 141 -27.96 -43.80 -13.02
C LYS C 141 -26.54 -43.60 -12.53
N PRO C 142 -26.00 -44.52 -11.68
CA PRO C 142 -24.63 -44.38 -11.18
C PRO C 142 -23.60 -44.57 -12.29
N LYS C 143 -22.37 -44.10 -12.07
CA LYS C 143 -21.22 -44.38 -12.97
C LYS C 143 -20.02 -44.82 -12.13
N ASN C 144 -19.33 -43.90 -11.45
CA ASN C 144 -18.20 -44.26 -10.56
C ASN C 144 -18.76 -44.81 -9.26
N PRO C 145 -17.98 -45.62 -8.50
CA PRO C 145 -18.42 -46.06 -7.18
C PRO C 145 -18.91 -44.88 -6.33
N ILE C 146 -20.14 -44.95 -5.82
CA ILE C 146 -20.77 -43.92 -4.97
C ILE C 146 -19.86 -43.63 -3.78
N GLY C 147 -19.52 -42.37 -3.53
CA GLY C 147 -18.74 -41.93 -2.36
C GLY C 147 -17.24 -41.89 -2.61
N GLU C 148 -16.77 -42.35 -3.78
CA GLU C 148 -15.31 -42.56 -4.02
C GLU C 148 -14.68 -41.39 -4.80
N TYR C 149 -15.43 -40.70 -5.66
CA TYR C 149 -14.90 -39.65 -6.57
C TYR C 149 -15.58 -38.29 -6.31
N ARG C 150 -14.78 -37.26 -6.06
CA ARG C 150 -15.25 -35.86 -5.94
C ARG C 150 -15.31 -35.23 -7.33
N GLN C 151 -16.51 -34.82 -7.75
CA GLN C 151 -16.68 -33.93 -8.94
C GLN C 151 -17.51 -32.72 -8.50
N TYR C 152 -16.88 -31.57 -8.34
CA TYR C 152 -17.52 -30.29 -7.92
C TYR C 152 -18.78 -30.10 -8.78
N SER C 153 -19.95 -30.00 -8.15
CA SER C 153 -21.26 -30.14 -8.84
C SER C 153 -22.35 -29.26 -8.21
N ASN C 154 -22.93 -28.35 -9.01
CA ASN C 154 -24.12 -27.54 -8.62
C ASN C 154 -25.33 -28.45 -8.45
N PRO C 155 -25.64 -29.35 -9.41
CA PRO C 155 -26.75 -30.30 -9.21
C PRO C 155 -26.65 -31.12 -7.91
N SER C 156 -25.44 -31.53 -7.53
CA SER C 156 -25.20 -32.40 -6.35
C SER C 156 -25.62 -31.67 -5.08
N ILE C 157 -25.03 -30.52 -4.79
CA ILE C 157 -25.35 -29.74 -3.56
C ILE C 157 -26.74 -29.10 -3.72
N GLY C 158 -27.16 -28.82 -4.97
CA GLY C 158 -28.54 -28.43 -5.29
C GLY C 158 -29.56 -29.41 -4.72
N LEU C 159 -29.40 -30.69 -5.04
CA LEU C 159 -30.34 -31.74 -4.57
C LEU C 159 -30.30 -31.83 -3.05
N PHE C 160 -29.10 -31.74 -2.45
CA PHE C 160 -28.91 -31.71 -0.99
C PHE C 160 -29.76 -30.56 -0.40
N GLY C 161 -29.62 -29.36 -0.98
CA GLY C 161 -30.39 -28.18 -0.54
C GLY C 161 -31.90 -28.42 -0.60
N LYS C 162 -32.40 -28.98 -1.70
CA LYS C 162 -33.85 -29.25 -1.89
C LYS C 162 -34.33 -30.22 -0.79
N VAL C 163 -33.54 -31.26 -0.50
CA VAL C 163 -33.88 -32.29 0.53
C VAL C 163 -33.91 -31.63 1.92
N VAL C 164 -32.92 -30.79 2.23
CA VAL C 164 -32.86 -30.06 3.53
C VAL C 164 -34.16 -29.25 3.66
N ALA C 165 -34.57 -28.55 2.59
CA ALA C 165 -35.79 -27.72 2.55
C ALA C 165 -37.02 -28.59 2.83
N LEU C 166 -37.16 -29.72 2.13
CA LEU C 166 -38.28 -30.68 2.33
C LEU C 166 -38.32 -31.14 3.80
N SER C 167 -37.15 -31.44 4.39
CA SER C 167 -37.03 -31.89 5.80
C SER C 167 -37.56 -30.84 6.76
N MET C 168 -37.55 -29.56 6.37
CA MET C 168 -37.99 -28.43 7.23
C MET C 168 -39.35 -27.89 6.74
N ASN C 169 -39.97 -28.56 5.77
CA ASN C 169 -41.35 -28.29 5.29
C ASN C 169 -41.47 -26.82 4.86
N LYS C 170 -40.44 -26.29 4.19
CA LYS C 170 -40.36 -24.90 3.67
C LYS C 170 -39.63 -24.93 2.34
N PRO C 171 -39.97 -24.07 1.36
CA PRO C 171 -39.13 -23.91 0.18
C PRO C 171 -37.73 -23.43 0.62
N PHE C 172 -36.70 -23.78 -0.14
CA PHE C 172 -35.28 -23.50 0.20
C PHE C 172 -35.08 -22.00 0.47
N ASP C 173 -35.69 -21.12 -0.34
CA ASP C 173 -35.56 -19.65 -0.17
C ASP C 173 -35.98 -19.25 1.24
N GLN C 174 -37.06 -19.85 1.75
CA GLN C 174 -37.63 -19.56 3.10
C GLN C 174 -36.74 -20.19 4.19
N VAL C 175 -36.17 -21.36 3.94
CA VAL C 175 -35.22 -21.99 4.90
C VAL C 175 -34.13 -20.97 5.25
N LEU C 176 -33.54 -20.34 4.23
CA LEU C 176 -32.45 -19.34 4.45
C LEU C 176 -33.06 -18.04 5.00
N GLU C 177 -34.06 -17.48 4.32
CA GLU C 177 -34.55 -16.10 4.60
C GLU C 177 -35.30 -16.05 5.93
N LYS C 178 -36.00 -17.13 6.32
CA LYS C 178 -36.87 -17.14 7.52
C LYS C 178 -36.18 -17.84 8.71
N THR C 179 -35.24 -18.77 8.48
CA THR C 179 -34.61 -19.55 9.59
C THR C 179 -33.11 -19.23 9.72
N ILE C 180 -32.32 -19.48 8.67
CA ILE C 180 -30.83 -19.50 8.78
C ILE C 180 -30.28 -18.08 8.89
N PHE C 181 -30.68 -17.16 8.02
CA PHE C 181 -30.15 -15.78 8.01
C PHE C 181 -30.50 -15.12 9.34
N PRO C 182 -31.76 -15.17 9.82
CA PRO C 182 -32.13 -14.58 11.11
C PRO C 182 -31.31 -15.16 12.28
N ALA C 183 -31.11 -16.48 12.28
CA ALA C 183 -30.32 -17.19 13.31
C ALA C 183 -28.86 -16.69 13.33
N LEU C 184 -28.34 -16.27 12.17
CA LEU C 184 -26.95 -15.75 12.05
C LEU C 184 -26.95 -14.22 12.23
N GLY C 185 -28.11 -13.61 12.44
CA GLY C 185 -28.28 -12.16 12.60
C GLY C 185 -27.93 -11.39 11.34
N LEU C 186 -28.21 -11.96 10.16
CA LEU C 186 -27.95 -11.32 8.84
C LEU C 186 -29.23 -10.59 8.42
N LYS C 187 -29.12 -9.28 8.16
CA LYS C 187 -30.27 -8.37 7.90
C LYS C 187 -30.47 -8.14 6.40
N HIS C 188 -29.41 -8.26 5.58
CA HIS C 188 -29.48 -7.93 4.13
C HIS C 188 -28.87 -9.05 3.30
N SER C 189 -29.25 -10.29 3.59
CA SER C 189 -28.85 -11.50 2.82
C SER C 189 -30.12 -12.14 2.23
N TYR C 190 -30.08 -12.48 0.95
CA TYR C 190 -31.27 -12.84 0.14
C TYR C 190 -30.98 -14.01 -0.80
N VAL C 191 -32.01 -14.84 -1.02
CA VAL C 191 -32.13 -15.72 -2.22
C VAL C 191 -32.84 -14.91 -3.31
N ASN C 192 -33.91 -14.21 -2.94
CA ASN C 192 -34.69 -13.30 -3.81
C ASN C 192 -34.58 -11.89 -3.24
N VAL C 193 -33.89 -10.98 -3.95
CA VAL C 193 -33.73 -9.58 -3.48
C VAL C 193 -35.09 -8.92 -3.64
N PRO C 194 -35.70 -8.39 -2.55
CA PRO C 194 -37.02 -7.75 -2.65
C PRO C 194 -36.98 -6.41 -3.38
N LYS C 195 -38.14 -5.97 -3.88
CA LYS C 195 -38.35 -4.67 -4.58
C LYS C 195 -37.61 -3.56 -3.83
N THR C 196 -37.74 -3.54 -2.51
CA THR C 196 -37.25 -2.46 -1.62
C THR C 196 -35.72 -2.43 -1.58
N GLN C 197 -35.04 -3.49 -2.06
CA GLN C 197 -33.56 -3.60 -1.98
C GLN C 197 -32.94 -3.62 -3.37
N MET C 198 -33.74 -3.60 -4.44
CA MET C 198 -33.22 -3.63 -5.83
C MET C 198 -32.29 -2.43 -6.06
N GLN C 199 -32.57 -1.28 -5.42
CA GLN C 199 -31.73 -0.05 -5.52
C GLN C 199 -30.31 -0.33 -4.98
N ASN C 200 -30.16 -1.32 -4.10
CA ASN C 200 -28.85 -1.66 -3.47
C ASN C 200 -28.19 -2.86 -4.17
N TYR C 201 -28.90 -3.54 -5.08
CA TYR C 201 -28.40 -4.75 -5.80
C TYR C 201 -27.45 -4.27 -6.90
N ALA C 202 -26.14 -4.50 -6.72
CA ALA C 202 -25.10 -4.21 -7.74
C ALA C 202 -25.43 -4.93 -9.03
N PHE C 203 -25.09 -4.34 -10.17
CA PHE C 203 -24.93 -5.09 -11.42
C PHE C 203 -23.60 -5.81 -11.37
N GLY C 204 -23.56 -7.02 -11.91
CA GLY C 204 -22.32 -7.69 -12.32
C GLY C 204 -21.87 -7.16 -13.67
N TYR C 205 -20.60 -7.32 -14.01
CA TYR C 205 -20.02 -6.87 -15.30
C TYR C 205 -19.25 -8.04 -15.92
N ASN C 206 -19.53 -8.31 -17.19
CA ASN C 206 -18.89 -9.38 -17.99
C ASN C 206 -17.54 -8.86 -18.51
N GLN C 207 -16.90 -9.62 -19.40
CA GLN C 207 -15.52 -9.34 -19.88
C GLN C 207 -15.54 -8.13 -20.82
N GLU C 208 -16.71 -7.70 -21.30
CA GLU C 208 -16.90 -6.46 -22.11
C GLU C 208 -17.34 -5.30 -21.20
N ASN C 209 -17.28 -5.46 -19.86
CA ASN C 209 -17.73 -4.48 -18.85
C ASN C 209 -19.18 -4.05 -19.14
N GLN C 210 -20.02 -5.00 -19.56
CA GLN C 210 -21.49 -4.82 -19.75
C GLN C 210 -22.22 -5.41 -18.56
N PRO C 211 -23.34 -4.80 -18.12
CA PRO C 211 -24.04 -5.25 -16.92
C PRO C 211 -24.76 -6.59 -17.14
N ILE C 212 -24.66 -7.47 -16.15
CA ILE C 212 -25.33 -8.80 -16.13
CA ILE C 212 -25.27 -8.83 -16.14
C ILE C 212 -25.66 -9.16 -14.70
N ARG C 213 -26.79 -9.84 -14.52
CA ARG C 213 -27.22 -10.39 -13.23
C ARG C 213 -27.45 -11.88 -13.42
N VAL C 214 -27.31 -12.65 -12.35
CA VAL C 214 -27.43 -14.13 -12.40
C VAL C 214 -28.85 -14.47 -12.88
N ASN C 215 -28.97 -15.43 -13.78
CA ASN C 215 -30.26 -15.85 -14.38
C ASN C 215 -30.87 -16.94 -13.51
N PRO C 216 -32.22 -17.01 -13.41
CA PRO C 216 -32.86 -18.16 -12.76
C PRO C 216 -32.37 -19.45 -13.42
N GLY C 217 -32.13 -20.49 -12.63
CA GLY C 217 -31.65 -21.79 -13.11
C GLY C 217 -32.19 -22.90 -12.22
N PRO C 218 -32.05 -24.19 -12.65
CA PRO C 218 -32.49 -25.32 -11.84
C PRO C 218 -31.66 -25.43 -10.55
N LEU C 219 -32.35 -25.50 -9.41
CA LEU C 219 -31.78 -25.54 -8.03
C LEU C 219 -30.64 -24.52 -7.88
N ASP C 220 -30.86 -23.31 -8.41
CA ASP C 220 -29.87 -22.20 -8.40
C ASP C 220 -29.58 -21.76 -6.96
N ALA C 221 -30.63 -21.58 -6.15
CA ALA C 221 -30.54 -20.97 -4.80
C ALA C 221 -29.49 -21.72 -3.97
N PRO C 222 -29.61 -23.05 -3.78
CA PRO C 222 -28.62 -23.77 -2.96
C PRO C 222 -27.20 -23.85 -3.53
N ALA C 223 -27.02 -23.72 -4.84
CA ALA C 223 -25.72 -23.91 -5.54
C ALA C 223 -24.97 -22.58 -5.66
N TYR C 224 -25.64 -21.48 -6.02
CA TYR C 224 -24.94 -20.21 -6.35
C TYR C 224 -25.87 -19.00 -6.25
N GLY C 225 -26.98 -19.09 -5.51
CA GLY C 225 -28.11 -18.17 -5.69
C GLY C 225 -28.26 -17.13 -4.59
N VAL C 226 -27.29 -17.00 -3.66
CA VAL C 226 -27.42 -16.07 -2.50
C VAL C 226 -26.71 -14.74 -2.83
N LYS C 227 -27.30 -13.65 -2.34
CA LYS C 227 -26.80 -12.26 -2.46
C LYS C 227 -26.68 -11.69 -1.05
N SER C 228 -25.64 -10.92 -0.80
CA SER C 228 -25.36 -10.38 0.56
C SER C 228 -24.50 -9.10 0.45
N THR C 229 -24.36 -8.42 1.59
CA THR C 229 -23.60 -7.16 1.74
C THR C 229 -22.28 -7.50 2.42
N LEU C 230 -21.31 -6.60 2.39
CA LEU C 230 -20.03 -6.81 3.12
C LEU C 230 -20.30 -6.95 4.62
N PRO C 231 -21.09 -6.07 5.28
CA PRO C 231 -21.32 -6.20 6.72
C PRO C 231 -21.90 -7.57 7.09
N ASP C 232 -22.90 -8.03 6.32
CA ASP C 232 -23.52 -9.37 6.55
C ASP C 232 -22.47 -10.46 6.43
N MET C 233 -21.60 -10.40 5.42
CA MET C 233 -20.61 -11.47 5.17
C MET C 233 -19.54 -11.43 6.27
N LEU C 234 -19.21 -10.24 6.80
CA LEU C 234 -18.30 -10.13 7.97
C LEU C 234 -18.96 -10.73 9.22
N SER C 235 -20.27 -10.55 9.39
CA SER C 235 -21.04 -11.18 10.49
C SER C 235 -20.99 -12.70 10.34
N PHE C 236 -21.16 -13.20 9.11
CA PHE C 236 -21.12 -14.65 8.82
C PHE C 236 -19.73 -15.21 9.17
N ILE C 237 -18.66 -14.50 8.80
CA ILE C 237 -17.28 -14.92 9.17
C ILE C 237 -17.12 -14.86 10.70
N HIS C 238 -17.68 -13.84 11.35
CA HIS C 238 -17.65 -13.71 12.83
C HIS C 238 -18.29 -14.96 13.46
N ALA C 239 -19.45 -15.38 12.97
CA ALA C 239 -20.19 -16.57 13.44
C ALA C 239 -19.31 -17.82 13.29
N ASN C 240 -18.58 -17.94 12.17
CA ASN C 240 -17.69 -19.09 11.88
C ASN C 240 -16.45 -19.06 12.80
N LEU C 241 -15.97 -17.86 13.15
CA LEU C 241 -14.81 -17.70 14.07
C LEU C 241 -15.23 -17.90 15.54
N ASN C 242 -16.48 -17.58 15.90
CA ASN C 242 -16.96 -17.60 17.31
C ASN C 242 -18.35 -18.23 17.41
N PRO C 243 -18.53 -19.51 17.00
CA PRO C 243 -19.85 -20.14 17.06
C PRO C 243 -20.43 -20.29 18.48
N GLN C 244 -19.55 -20.36 19.49
CA GLN C 244 -19.92 -20.46 20.93
C GLN C 244 -20.82 -19.28 21.33
N LYS C 245 -20.67 -18.13 20.68
CA LYS C 245 -21.41 -16.88 21.02
C LYS C 245 -22.86 -16.96 20.50
N TYR C 246 -23.22 -17.99 19.74
CA TYR C 246 -24.54 -18.11 19.05
C TYR C 246 -25.41 -19.15 19.75
N PRO C 247 -26.75 -19.06 19.60
CA PRO C 247 -27.65 -20.08 20.15
C PRO C 247 -27.26 -21.49 19.66
N THR C 248 -27.55 -22.50 20.50
CA THR C 248 -27.08 -23.90 20.37
C THR C 248 -27.32 -24.43 18.96
N ASP C 249 -28.54 -24.29 18.42
CA ASP C 249 -28.98 -24.88 17.13
C ASP C 249 -28.06 -24.39 16.00
N ILE C 250 -27.78 -23.08 15.95
CA ILE C 250 -26.97 -22.49 14.85
C ILE C 250 -25.48 -22.70 15.15
N GLN C 251 -25.08 -22.69 16.42
CA GLN C 251 -23.69 -23.04 16.85
C GLN C 251 -23.34 -24.44 16.32
N ARG C 252 -24.23 -25.41 16.56
CA ARG C 252 -24.05 -26.81 16.12
C ARG C 252 -23.99 -26.85 14.59
N ALA C 253 -24.88 -26.13 13.91
CA ALA C 253 -24.93 -26.03 12.43
C ALA C 253 -23.58 -25.54 11.89
N ILE C 254 -23.04 -24.47 12.47
CA ILE C 254 -21.74 -23.87 12.05
C ILE C 254 -20.62 -24.91 12.26
N ASN C 255 -20.56 -25.52 13.44
CA ASN C 255 -19.49 -26.52 13.77
C ASN C 255 -19.58 -27.69 12.78
N GLU C 256 -20.79 -28.11 12.41
CA GLU C 256 -21.03 -29.20 11.42
C GLU C 256 -20.33 -28.86 10.10
N THR C 257 -20.31 -27.59 9.68
CA THR C 257 -19.73 -27.18 8.38
C THR C 257 -18.19 -27.18 8.45
N HIS C 258 -17.60 -27.23 9.66
CA HIS C 258 -16.12 -27.19 9.85
C HIS C 258 -15.53 -28.60 9.86
N GLN C 259 -16.35 -29.64 9.90
CA GLN C 259 -15.89 -31.05 10.03
C GLN C 259 -15.45 -31.56 8.64
N GLY C 260 -14.14 -31.80 8.48
CA GLY C 260 -13.58 -32.47 7.28
C GLY C 260 -14.21 -33.84 7.08
N ARG C 261 -14.56 -34.18 5.85
CA ARG C 261 -15.27 -35.44 5.50
C ARG C 261 -14.33 -36.39 4.75
N TYR C 262 -13.39 -35.85 3.97
CA TYR C 262 -12.39 -36.62 3.19
C TYR C 262 -11.29 -35.66 2.71
N GLN C 263 -10.25 -36.19 2.08
CA GLN C 263 -9.10 -35.40 1.57
C GLN C 263 -8.97 -35.58 0.06
N VAL C 264 -8.52 -34.52 -0.63
CA VAL C 264 -7.97 -34.55 -2.01
C VAL C 264 -6.64 -33.78 -1.95
N ASN C 265 -5.52 -34.51 -1.88
CA ASN C 265 -4.17 -33.98 -1.60
C ASN C 265 -4.23 -33.14 -0.31
N THR C 266 -3.89 -31.85 -0.40
CA THR C 266 -3.74 -30.95 0.77
C THR C 266 -5.10 -30.35 1.17
N MET C 267 -6.14 -30.57 0.36
CA MET C 267 -7.48 -29.99 0.62
C MET C 267 -8.36 -31.03 1.32
N TYR C 268 -8.95 -30.62 2.45
CA TYR C 268 -9.98 -31.38 3.19
C TYR C 268 -11.35 -30.80 2.80
N GLN C 269 -12.25 -31.64 2.27
CA GLN C 269 -13.63 -31.22 1.94
C GLN C 269 -14.46 -31.24 3.23
N ALA C 270 -14.82 -30.07 3.75
CA ALA C 270 -15.82 -29.94 4.82
C ALA C 270 -17.19 -29.76 4.16
N LEU C 271 -18.22 -29.43 4.92
CA LEU C 271 -19.57 -29.11 4.38
C LEU C 271 -19.53 -27.69 3.80
N GLY C 272 -19.51 -27.57 2.47
CA GLY C 272 -19.35 -26.29 1.76
C GLY C 272 -17.92 -25.77 1.82
N TRP C 273 -17.41 -25.52 3.02
CA TRP C 273 -16.04 -24.98 3.24
C TRP C 273 -15.00 -25.96 2.70
N GLU C 274 -13.93 -25.42 2.11
CA GLU C 274 -12.65 -26.13 1.90
C GLU C 274 -11.79 -25.88 3.15
N GLU C 275 -11.12 -26.92 3.65
CA GLU C 275 -10.39 -26.91 4.94
C GLU C 275 -8.93 -27.28 4.66
N PHE C 276 -8.00 -26.63 5.37
CA PHE C 276 -6.55 -26.84 5.22
C PHE C 276 -5.90 -26.83 6.60
N SER C 277 -4.82 -27.59 6.73
CA SER C 277 -3.89 -27.51 7.89
C SER C 277 -3.33 -26.09 7.93
N TYR C 278 -3.39 -25.45 9.10
CA TYR C 278 -2.87 -24.09 9.33
C TYR C 278 -1.59 -24.18 10.15
N PRO C 279 -0.50 -23.48 9.78
CA PRO C 279 -0.46 -22.60 8.61
C PRO C 279 -0.50 -23.33 7.26
N ALA C 280 -1.19 -22.75 6.27
CA ALA C 280 -1.21 -23.24 4.87
C ALA C 280 -0.32 -22.35 4.02
N THR C 281 0.46 -22.94 3.13
CA THR C 281 1.27 -22.20 2.13
C THR C 281 0.32 -21.60 1.09
N LEU C 282 0.73 -20.52 0.44
CA LEU C 282 -0.02 -19.90 -0.67
C LEU C 282 -0.34 -20.97 -1.72
N GLN C 283 0.63 -21.80 -2.08
CA GLN C 283 0.45 -22.80 -3.17
C GLN C 283 -0.60 -23.85 -2.79
N THR C 284 -0.68 -24.23 -1.51
CA THR C 284 -1.73 -25.16 -1.01
C THR C 284 -3.11 -24.54 -1.31
N LEU C 285 -3.28 -23.27 -0.99
CA LEU C 285 -4.57 -22.56 -1.18
C LEU C 285 -4.86 -22.42 -2.67
N LEU C 286 -3.84 -22.11 -3.49
CA LEU C 286 -3.98 -22.00 -4.98
C LEU C 286 -4.34 -23.36 -5.57
N ASP C 287 -3.65 -24.43 -5.14
CA ASP C 287 -3.89 -25.82 -5.61
C ASP C 287 -5.35 -26.22 -5.44
N SER C 288 -5.99 -25.76 -4.35
CA SER C 288 -7.39 -26.12 -3.99
C SER C 288 -8.35 -25.79 -5.15
N ASN C 289 -8.07 -24.76 -5.94
CA ASN C 289 -8.99 -24.29 -7.00
C ASN C 289 -8.29 -24.40 -8.37
N SER C 290 -7.39 -25.38 -8.51
CA SER C 290 -6.76 -25.78 -9.80
C SER C 290 -7.83 -26.37 -10.73
N GLU C 291 -7.60 -26.32 -12.04
CA GLU C 291 -8.48 -26.95 -13.07
C GLU C 291 -8.75 -28.40 -12.67
N GLN C 292 -7.71 -29.13 -12.26
CA GLN C 292 -7.78 -30.57 -11.91
C GLN C 292 -8.83 -30.80 -10.80
N ILE C 293 -8.79 -29.99 -9.75
CA ILE C 293 -9.70 -30.12 -8.56
C ILE C 293 -11.10 -29.65 -8.94
N VAL C 294 -11.24 -28.50 -9.59
CA VAL C 294 -12.56 -27.84 -9.81
C VAL C 294 -13.32 -28.55 -10.94
N MET C 295 -12.65 -28.97 -12.02
CA MET C 295 -13.33 -29.34 -13.30
C MET C 295 -13.38 -30.86 -13.51
N LYS C 296 -12.48 -31.63 -12.87
CA LYS C 296 -12.31 -33.07 -13.15
C LYS C 296 -12.70 -33.90 -11.93
N PRO C 297 -13.12 -35.18 -12.12
CA PRO C 297 -13.33 -36.08 -10.99
C PRO C 297 -11.97 -36.40 -10.34
N ASN C 298 -11.94 -36.52 -9.02
CA ASN C 298 -10.72 -36.90 -8.26
C ASN C 298 -11.12 -37.93 -7.19
N LYS C 299 -10.42 -39.06 -7.14
CA LYS C 299 -10.64 -40.12 -6.13
C LYS C 299 -10.33 -39.52 -4.76
N VAL C 300 -11.25 -39.65 -3.80
CA VAL C 300 -11.09 -39.05 -2.44
C VAL C 300 -10.34 -40.07 -1.57
N THR C 301 -9.66 -39.60 -0.53
CA THR C 301 -8.99 -40.47 0.48
C THR C 301 -9.67 -40.21 1.82
N ALA C 302 -9.93 -41.26 2.61
CA ALA C 302 -10.46 -41.13 3.98
C ALA C 302 -9.46 -40.29 4.77
N ILE C 303 -9.94 -39.44 5.67
CA ILE C 303 -9.05 -38.67 6.59
C ILE C 303 -8.39 -39.69 7.52
N SER C 304 -7.06 -39.70 7.56
CA SER C 304 -6.26 -40.45 8.57
C SER C 304 -6.14 -39.63 9.87
N LYS C 305 -5.63 -38.40 9.77
CA LYS C 305 -5.37 -37.51 10.92
C LYS C 305 -5.90 -36.11 10.58
N GLU C 306 -6.98 -35.71 11.26
CA GLU C 306 -7.67 -34.40 11.13
C GLU C 306 -6.80 -33.33 11.80
N PRO C 307 -6.25 -32.36 11.04
CA PRO C 307 -5.29 -31.39 11.56
C PRO C 307 -5.78 -30.76 12.88
N SER C 308 -4.86 -30.47 13.79
CA SER C 308 -5.13 -29.81 15.09
C SER C 308 -5.60 -28.39 14.84
N VAL C 309 -4.91 -27.65 13.97
CA VAL C 309 -5.19 -26.22 13.66
C VAL C 309 -5.52 -26.13 12.17
N LYS C 310 -6.69 -25.54 11.85
CA LYS C 310 -7.26 -25.51 10.49
C LYS C 310 -7.52 -24.07 10.06
N MET C 311 -7.57 -23.83 8.75
CA MET C 311 -8.16 -22.61 8.16
C MET C 311 -9.11 -23.08 7.05
N TYR C 312 -10.00 -22.19 6.63
CA TYR C 312 -11.09 -22.51 5.69
C TYR C 312 -11.19 -21.39 4.66
N HIS C 313 -11.56 -21.74 3.43
CA HIS C 313 -11.88 -20.72 2.41
C HIS C 313 -12.93 -21.26 1.44
N LYS C 314 -13.48 -20.36 0.64
CA LYS C 314 -14.39 -20.71 -0.47
C LYS C 314 -14.34 -19.55 -1.46
N THR C 315 -14.21 -19.89 -2.74
CA THR C 315 -14.36 -18.96 -3.88
C THR C 315 -15.81 -19.02 -4.36
N GLY C 316 -16.27 -17.93 -4.97
CA GLY C 316 -17.58 -17.91 -5.66
C GLY C 316 -17.46 -17.05 -6.90
N SER C 317 -18.06 -17.50 -7.98
CA SER C 317 -18.18 -16.73 -9.24
C SER C 317 -19.58 -16.92 -9.80
N THR C 318 -20.18 -15.83 -10.25
CA THR C 318 -21.25 -15.83 -11.27
C THR C 318 -20.64 -15.19 -12.51
N SER C 319 -21.40 -14.99 -13.58
CA SER C 319 -20.88 -14.40 -14.82
C SER C 319 -20.33 -12.99 -14.52
N GLY C 320 -20.92 -12.27 -13.55
CA GLY C 320 -20.61 -10.85 -13.30
C GLY C 320 -19.95 -10.56 -11.96
N PHE C 321 -19.73 -11.56 -11.09
CA PHE C 321 -19.28 -11.32 -9.69
C PHE C 321 -18.20 -12.33 -9.29
N GLY C 322 -17.24 -11.84 -8.52
CA GLY C 322 -16.23 -12.63 -7.80
C GLY C 322 -16.40 -12.51 -6.31
N THR C 323 -16.25 -13.63 -5.60
CA THR C 323 -16.31 -13.68 -4.13
C THR C 323 -15.14 -14.54 -3.62
N TYR C 324 -14.58 -14.15 -2.50
CA TYR C 324 -13.62 -14.96 -1.73
C TYR C 324 -13.82 -14.69 -0.25
N VAL C 325 -13.99 -15.78 0.52
CA VAL C 325 -14.10 -15.72 1.99
C VAL C 325 -13.07 -16.71 2.56
N VAL C 326 -12.37 -16.28 3.59
CA VAL C 326 -11.31 -17.09 4.27
C VAL C 326 -11.35 -16.73 5.77
N PHE C 327 -11.18 -17.72 6.65
CA PHE C 327 -11.01 -17.44 8.09
C PHE C 327 -10.03 -18.45 8.71
N ILE C 328 -9.39 -17.99 9.78
CA ILE C 328 -8.34 -18.74 10.54
C ILE C 328 -8.71 -18.64 12.02
N PRO C 329 -9.43 -19.64 12.58
CA PRO C 329 -9.87 -19.59 13.97
C PRO C 329 -8.75 -19.25 14.97
N LYS C 330 -7.59 -19.89 14.80
CA LYS C 330 -6.41 -19.76 15.70
C LYS C 330 -5.97 -18.30 15.82
N GLU C 331 -6.08 -17.53 14.73
CA GLU C 331 -5.65 -16.10 14.68
C GLU C 331 -6.86 -15.18 14.89
N ASN C 332 -8.06 -15.74 15.04
CA ASN C 332 -9.33 -14.99 15.23
C ASN C 332 -9.47 -13.92 14.13
N ILE C 333 -9.13 -14.28 12.89
CA ILE C 333 -9.14 -13.32 11.75
C ILE C 333 -9.84 -13.96 10.54
N GLY C 334 -10.45 -13.12 9.69
CA GLY C 334 -11.07 -13.55 8.44
C GLY C 334 -11.16 -12.39 7.47
N LEU C 335 -11.40 -12.70 6.20
CA LEU C 335 -11.47 -11.68 5.12
C LEU C 335 -12.59 -12.06 4.16
N VAL C 336 -13.30 -11.04 3.68
CA VAL C 336 -14.32 -11.17 2.61
C VAL C 336 -13.92 -10.20 1.49
N MET C 337 -13.89 -10.71 0.26
CA MET C 337 -13.74 -9.89 -0.97
C MET C 337 -14.98 -10.10 -1.83
N LEU C 338 -15.64 -8.99 -2.21
CA LEU C 338 -16.78 -8.99 -3.16
C LEU C 338 -16.41 -8.05 -4.30
N THR C 339 -16.49 -8.52 -5.55
CA THR C 339 -16.29 -7.70 -6.77
C THR C 339 -17.51 -7.90 -7.69
N ASN C 340 -17.88 -6.87 -8.44
CA ASN C 340 -18.95 -6.97 -9.46
C ASN C 340 -18.27 -7.09 -10.84
N LYS C 341 -17.11 -7.73 -10.87
CA LYS C 341 -16.54 -8.36 -12.08
C LYS C 341 -15.65 -9.51 -11.62
N ARG C 342 -15.70 -10.63 -12.34
CA ARG C 342 -14.82 -11.80 -12.07
C ARG C 342 -13.37 -11.37 -12.24
N ILE C 343 -12.52 -11.74 -11.29
CA ILE C 343 -11.05 -11.68 -11.41
C ILE C 343 -10.55 -13.10 -11.12
N PRO C 344 -9.37 -13.51 -11.64
CA PRO C 344 -8.88 -14.87 -11.42
C PRO C 344 -8.89 -15.24 -9.93
N ASN C 345 -9.31 -16.47 -9.61
CA ASN C 345 -9.27 -17.02 -8.22
C ASN C 345 -7.88 -16.81 -7.62
N GLU C 346 -6.82 -17.02 -8.40
CA GLU C 346 -5.41 -16.91 -7.94
C GLU C 346 -5.19 -15.51 -7.35
N GLU C 347 -5.71 -14.46 -7.99
CA GLU C 347 -5.52 -13.05 -7.52
C GLU C 347 -6.25 -12.83 -6.19
N ARG C 348 -7.46 -13.39 -6.04
CA ARG C 348 -8.27 -13.25 -4.82
C ARG C 348 -7.51 -13.91 -3.66
N ILE C 349 -7.08 -15.15 -3.88
CA ILE C 349 -6.41 -15.99 -2.84
C ILE C 349 -5.09 -15.31 -2.45
N LYS C 350 -4.31 -14.87 -3.43
CA LYS C 350 -2.99 -14.22 -3.18
C LYS C 350 -3.19 -12.90 -2.44
N ALA C 351 -4.07 -12.00 -2.89
CA ALA C 351 -4.29 -10.69 -2.23
C ALA C 351 -4.65 -10.90 -0.76
N ALA C 352 -5.59 -11.83 -0.49
CA ALA C 352 -6.05 -12.15 0.88
C ALA C 352 -4.89 -12.72 1.70
N TYR C 353 -4.09 -13.59 1.11
CA TYR C 353 -2.93 -14.27 1.75
C TYR C 353 -1.93 -13.22 2.22
N VAL C 354 -1.53 -12.29 1.33
CA VAL C 354 -0.57 -11.20 1.64
C VAL C 354 -1.14 -10.38 2.80
N VAL C 355 -2.41 -9.96 2.73
CA VAL C 355 -3.02 -9.05 3.75
C VAL C 355 -3.08 -9.77 5.10
N LEU C 356 -3.60 -10.99 5.15
CA LEU C 356 -3.81 -11.72 6.43
C LEU C 356 -2.44 -12.05 7.05
N ASN C 357 -1.42 -12.36 6.24
CA ASN C 357 -0.06 -12.76 6.71
C ASN C 357 0.85 -11.55 6.93
N ALA C 358 0.38 -10.32 6.69
CA ALA C 358 1.17 -9.08 6.90
C ALA C 358 0.57 -8.27 8.05
N ILE C 359 -0.73 -8.44 8.29
CA ILE C 359 -1.51 -7.70 9.33
C ILE C 359 -0.85 -7.87 10.70
N PRO D 5 46.39 -5.63 19.54
CA PRO D 5 45.68 -6.69 20.28
C PRO D 5 44.18 -6.36 20.44
N LYS D 6 43.87 -5.33 21.23
CA LYS D 6 42.51 -4.83 21.54
C LYS D 6 41.99 -5.55 22.80
N ASP D 7 42.00 -6.89 22.80
CA ASP D 7 41.60 -7.74 23.95
C ASP D 7 42.37 -7.31 25.19
N GLN D 8 43.67 -6.98 25.04
CA GLN D 8 44.55 -6.61 26.18
C GLN D 8 44.15 -5.22 26.69
N GLU D 9 43.76 -4.30 25.79
CA GLU D 9 43.41 -2.90 26.12
C GLU D 9 42.08 -2.89 26.89
N ILE D 10 41.12 -3.69 26.43
CA ILE D 10 39.80 -3.90 27.10
C ILE D 10 40.07 -4.50 28.49
N LYS D 11 40.91 -5.54 28.57
CA LYS D 11 41.24 -6.19 29.87
C LYS D 11 41.77 -5.15 30.84
N LYS D 12 42.69 -4.29 30.40
CA LYS D 12 43.34 -3.26 31.28
C LYS D 12 42.28 -2.27 31.78
N LEU D 13 41.37 -1.84 30.91
CA LEU D 13 40.27 -0.90 31.29
C LEU D 13 39.40 -1.57 32.37
N VAL D 14 39.05 -2.84 32.19
CA VAL D 14 38.15 -3.57 33.13
C VAL D 14 38.92 -3.80 34.44
N ASP D 15 40.20 -4.17 34.36
CA ASP D 15 41.10 -4.29 35.54
C ASP D 15 41.13 -2.96 36.29
N GLN D 16 41.22 -1.84 35.55
CA GLN D 16 41.34 -0.48 36.14
C GLN D 16 40.04 -0.08 36.86
N ASN D 17 38.88 -0.47 36.33
CA ASN D 17 37.57 0.14 36.69
C ASN D 17 36.69 -0.85 37.49
N PHE D 18 36.76 -2.15 37.20
CA PHE D 18 35.88 -3.16 37.84
C PHE D 18 36.65 -3.88 38.96
N LYS D 19 37.88 -4.32 38.70
CA LYS D 19 38.65 -5.20 39.62
C LYS D 19 38.72 -4.60 41.03
N PRO D 20 38.97 -3.27 41.21
CA PRO D 20 39.08 -2.70 42.54
C PRO D 20 37.81 -2.83 43.41
N LEU D 21 36.64 -3.00 42.79
CA LEU D 21 35.33 -3.12 43.49
C LEU D 21 35.31 -4.42 44.32
N LEU D 22 36.05 -5.45 43.90
CA LEU D 22 36.12 -6.75 44.63
C LEU D 22 36.67 -6.50 46.04
N GLU D 23 37.83 -5.84 46.15
CA GLU D 23 38.45 -5.54 47.47
C GLU D 23 37.57 -4.53 48.21
N LYS D 24 37.06 -3.52 47.51
CA LYS D 24 36.28 -2.40 48.12
C LYS D 24 35.04 -2.94 48.83
N TYR D 25 34.31 -3.88 48.22
CA TYR D 25 33.01 -4.38 48.73
C TYR D 25 33.11 -5.85 49.20
N ASP D 26 34.32 -6.41 49.18
CA ASP D 26 34.60 -7.79 49.63
C ASP D 26 33.72 -8.75 48.82
N VAL D 27 33.78 -8.63 47.49
CA VAL D 27 32.97 -9.43 46.53
C VAL D 27 33.79 -10.66 46.18
N PRO D 28 33.29 -11.90 46.44
CA PRO D 28 34.06 -13.09 46.11
C PRO D 28 34.37 -13.26 44.61
N GLY D 29 33.38 -13.02 43.74
CA GLY D 29 33.49 -13.32 42.30
C GLY D 29 32.80 -12.31 41.42
N MET D 30 33.29 -12.14 40.19
CA MET D 30 32.74 -11.17 39.21
C MET D 30 33.06 -11.64 37.78
N ALA D 31 32.11 -11.44 36.86
CA ALA D 31 32.32 -11.64 35.42
C ALA D 31 31.91 -10.35 34.71
N VAL D 32 32.83 -9.78 33.92
CA VAL D 32 32.58 -8.55 33.12
C VAL D 32 32.84 -8.88 31.65
N GLY D 33 31.84 -8.63 30.81
CA GLY D 33 31.89 -8.88 29.36
C GLY D 33 31.68 -7.60 28.60
N VAL D 34 32.44 -7.41 27.52
CA VAL D 34 32.20 -6.34 26.52
C VAL D 34 31.94 -7.02 25.18
N ILE D 35 30.99 -6.50 24.41
CA ILE D 35 30.80 -6.90 23.00
C ILE D 35 30.96 -5.63 22.14
N GLN D 36 31.80 -5.70 21.11
CA GLN D 36 31.92 -4.66 20.05
C GLN D 36 31.87 -5.34 18.67
N ASN D 37 30.93 -4.90 17.83
CA ASN D 37 30.60 -5.55 16.53
C ASN D 37 30.13 -6.98 16.81
N ASN D 38 30.92 -7.97 16.45
CA ASN D 38 30.63 -9.40 16.72
C ASN D 38 31.75 -10.00 17.59
N LYS D 39 32.52 -9.15 18.28
CA LYS D 39 33.71 -9.58 19.08
C LYS D 39 33.36 -9.49 20.57
N LYS D 40 33.49 -10.62 21.28
CA LYS D 40 33.12 -10.75 22.72
C LYS D 40 34.41 -10.81 23.52
N TYR D 41 34.47 -10.03 24.60
CA TYR D 41 35.62 -9.98 25.55
C TYR D 41 35.12 -10.34 26.94
N GLU D 42 35.67 -11.41 27.52
CA GLU D 42 35.20 -11.98 28.81
C GLU D 42 36.33 -11.86 29.85
N MET D 43 36.06 -11.14 30.94
CA MET D 43 37.00 -10.99 32.10
C MET D 43 36.36 -11.63 33.34
N TYR D 44 37.08 -12.56 33.98
CA TYR D 44 36.60 -13.34 35.15
C TYR D 44 37.53 -13.08 36.34
N TYR D 45 36.95 -12.84 37.52
CA TYR D 45 37.66 -12.50 38.77
C TYR D 45 37.12 -13.33 39.93
N GLY D 46 38.02 -13.87 40.75
CA GLY D 46 37.67 -14.46 42.05
C GLY D 46 36.87 -15.75 41.90
N LEU D 47 35.96 -15.98 42.84
CA LEU D 47 35.38 -17.32 43.12
C LEU D 47 33.86 -17.31 42.90
N GLN D 48 33.37 -18.33 42.21
CA GLN D 48 31.93 -18.64 42.05
C GLN D 48 31.42 -19.25 43.36
N SER D 49 32.25 -20.05 44.03
CA SER D 49 31.92 -20.72 45.30
C SER D 49 33.16 -20.69 46.20
N VAL D 50 33.07 -20.00 47.33
CA VAL D 50 34.16 -19.90 48.33
C VAL D 50 34.36 -21.31 48.91
N GLN D 51 33.27 -21.96 49.34
CA GLN D 51 33.29 -23.28 50.01
C GLN D 51 33.91 -24.33 49.08
N ASP D 52 33.53 -24.31 47.80
CA ASP D 52 33.94 -25.33 46.81
C ASP D 52 35.25 -24.90 46.11
N LYS D 53 35.79 -23.73 46.45
CA LYS D 53 37.06 -23.21 45.88
C LYS D 53 36.99 -23.23 44.35
N LYS D 54 35.85 -22.81 43.80
CA LYS D 54 35.59 -22.79 42.34
C LYS D 54 35.79 -21.36 41.84
N ALA D 55 36.69 -21.18 40.86
CA ALA D 55 36.95 -19.89 40.19
C ALA D 55 35.77 -19.55 39.28
N VAL D 56 35.43 -18.27 39.21
CA VAL D 56 34.48 -17.76 38.19
C VAL D 56 35.07 -18.05 36.82
N ASN D 57 34.26 -18.55 35.90
CA ASN D 57 34.67 -18.90 34.51
C ASN D 57 33.46 -18.76 33.59
N SER D 58 33.65 -19.09 32.31
CA SER D 58 32.61 -18.93 31.25
C SER D 58 31.39 -19.80 31.51
N ASN D 59 31.51 -20.82 32.37
CA ASN D 59 30.38 -21.74 32.70
C ASN D 59 29.62 -21.22 33.93
N THR D 60 30.14 -20.23 34.65
CA THR D 60 29.54 -19.79 35.94
C THR D 60 28.14 -19.22 35.68
N ILE D 61 27.14 -19.73 36.39
CA ILE D 61 25.72 -19.27 36.32
C ILE D 61 25.49 -18.29 37.48
N PHE D 62 25.00 -17.09 37.15
CA PHE D 62 24.71 -16.00 38.11
C PHE D 62 23.20 -15.72 38.11
N GLU D 63 22.65 -15.32 39.25
CA GLU D 63 21.27 -14.80 39.37
C GLU D 63 21.21 -13.39 38.76
N LEU D 64 20.32 -13.17 37.80
CA LEU D 64 20.20 -11.89 37.06
C LEU D 64 19.35 -10.89 37.84
N GLY D 65 18.60 -11.35 38.84
CA GLY D 65 17.58 -10.52 39.53
C GLY D 65 16.68 -9.84 38.52
N SER D 66 16.50 -8.52 38.63
CA SER D 66 15.53 -7.74 37.81
C SER D 66 15.93 -7.69 36.33
N VAL D 67 17.17 -8.05 35.98
CA VAL D 67 17.52 -8.21 34.55
C VAL D 67 16.67 -9.35 33.95
N SER D 68 16.09 -10.23 34.77
CA SER D 68 15.07 -11.24 34.38
C SER D 68 13.90 -10.57 33.66
N LYS D 69 13.53 -9.35 34.07
CA LYS D 69 12.38 -8.60 33.51
C LYS D 69 12.59 -8.38 31.99
N LEU D 70 13.84 -8.32 31.53
CA LEU D 70 14.16 -8.14 30.08
C LEU D 70 13.71 -9.39 29.29
N PHE D 71 13.85 -10.58 29.87
CA PHE D 71 13.38 -11.84 29.25
C PHE D 71 11.86 -11.91 29.31
N THR D 72 11.26 -11.45 30.41
CA THR D 72 9.77 -11.37 30.55
C THR D 72 9.22 -10.43 29.48
N ALA D 73 9.85 -9.28 29.29
CA ALA D 73 9.51 -8.27 28.25
C ALA D 73 9.62 -8.93 26.87
N THR D 74 10.72 -9.64 26.61
CA THR D 74 10.97 -10.33 25.31
C THR D 74 9.87 -11.37 25.08
N ALA D 75 9.52 -12.16 26.10
CA ALA D 75 8.43 -13.17 26.05
C ALA D 75 7.11 -12.48 25.69
N GLY D 76 6.84 -11.31 26.29
CA GLY D 76 5.63 -10.51 26.00
C GLY D 76 5.63 -10.00 24.56
N GLY D 77 6.74 -9.46 24.08
CA GLY D 77 6.92 -9.00 22.68
C GLY D 77 6.72 -10.14 21.69
N TYR D 78 7.17 -11.34 22.04
CA TYR D 78 7.05 -12.57 21.21
C TYR D 78 5.56 -12.95 21.11
N ALA D 79 4.89 -13.03 22.26
CA ALA D 79 3.46 -13.38 22.36
C ALA D 79 2.62 -12.37 21.55
N LYS D 80 2.92 -11.07 21.67
CA LYS D 80 2.17 -10.00 20.96
C LYS D 80 2.30 -10.17 19.45
N ASN D 81 3.54 -10.33 18.96
CA ASN D 81 3.82 -10.33 17.50
C ASN D 81 3.38 -11.66 16.88
N LYS D 82 3.13 -12.69 17.71
CA LYS D 82 2.50 -13.97 17.30
C LYS D 82 0.97 -13.87 17.41
N GLY D 83 0.46 -12.73 17.90
CA GLY D 83 -0.97 -12.45 18.05
C GLY D 83 -1.61 -13.23 19.18
N LYS D 84 -0.82 -13.79 20.12
CA LYS D 84 -1.30 -14.58 21.27
C LYS D 84 -1.92 -13.64 22.30
N ILE D 85 -1.44 -12.39 22.36
CA ILE D 85 -1.94 -11.31 23.25
C ILE D 85 -1.92 -9.99 22.49
N SER D 86 -2.73 -9.04 22.96
CA SER D 86 -2.64 -7.59 22.66
C SER D 86 -2.31 -6.86 23.96
N PHE D 87 -1.47 -5.84 23.89
CA PHE D 87 -1.06 -5.00 25.04
C PHE D 87 -2.27 -4.20 25.56
N ASP D 88 -3.33 -4.09 24.76
CA ASP D 88 -4.61 -3.42 25.12
C ASP D 88 -5.47 -4.37 25.97
N ASP D 89 -5.21 -5.68 25.90
CA ASP D 89 -5.98 -6.72 26.65
C ASP D 89 -5.83 -6.51 28.16
N THR D 90 -6.74 -7.11 28.93
CA THR D 90 -6.73 -7.09 30.42
C THR D 90 -6.51 -8.53 30.89
N PRO D 91 -6.01 -8.72 32.14
CA PRO D 91 -5.59 -10.04 32.61
C PRO D 91 -6.71 -11.09 32.66
N GLY D 92 -7.94 -10.66 32.96
CA GLY D 92 -9.13 -11.53 33.07
C GLY D 92 -9.41 -12.31 31.80
N LYS D 93 -8.99 -11.78 30.64
CA LYS D 93 -9.14 -12.43 29.32
C LYS D 93 -8.37 -13.76 29.28
N TYR D 94 -7.30 -13.88 30.08
CA TYR D 94 -6.38 -15.04 30.07
C TYR D 94 -6.44 -15.78 31.42
N TRP D 95 -6.40 -15.05 32.54
CA TRP D 95 -6.63 -15.61 33.90
C TRP D 95 -8.11 -15.42 34.25
N LYS D 96 -8.95 -16.41 33.93
CA LYS D 96 -10.43 -16.33 33.97
C LYS D 96 -10.91 -15.89 35.35
N GLU D 97 -10.25 -16.34 36.42
CA GLU D 97 -10.65 -16.05 37.83
C GLU D 97 -10.49 -14.56 38.15
N LEU D 98 -9.85 -13.77 37.28
CA LEU D 98 -9.70 -12.30 37.45
C LEU D 98 -10.70 -11.54 36.57
N LYS D 99 -11.44 -12.24 35.68
CA LYS D 99 -12.46 -11.62 34.80
C LYS D 99 -13.44 -10.84 35.68
N ASN D 100 -13.73 -9.58 35.29
CA ASN D 100 -14.74 -8.68 35.91
C ASN D 100 -14.35 -8.33 37.36
N THR D 101 -13.06 -8.41 37.71
CA THR D 101 -12.49 -7.90 38.99
C THR D 101 -11.84 -6.54 38.71
N PRO D 102 -11.62 -5.69 39.73
CA PRO D 102 -10.99 -4.38 39.52
C PRO D 102 -9.67 -4.41 38.74
N ILE D 103 -8.79 -5.39 39.00
CA ILE D 103 -7.48 -5.52 38.30
C ILE D 103 -7.72 -5.72 36.80
N ASP D 104 -8.90 -6.22 36.42
CA ASP D 104 -9.27 -6.49 35.00
C ASP D 104 -9.56 -5.18 34.25
N GLN D 105 -9.39 -4.02 34.90
CA GLN D 105 -9.48 -2.68 34.26
C GLN D 105 -8.08 -2.21 33.85
N VAL D 106 -7.03 -2.95 34.22
CA VAL D 106 -5.62 -2.61 33.90
C VAL D 106 -5.20 -3.43 32.68
N ASN D 107 -4.59 -2.83 31.66
CA ASN D 107 -4.19 -3.56 30.43
C ASN D 107 -2.78 -4.15 30.64
N LEU D 108 -2.36 -5.02 29.72
CA LEU D 108 -1.09 -5.79 29.84
C LEU D 108 0.10 -4.84 29.80
N LEU D 109 0.05 -3.78 28.98
CA LEU D 109 1.18 -2.82 28.86
C LEU D 109 1.36 -2.09 30.20
N GLN D 110 0.26 -1.69 30.84
CA GLN D 110 0.28 -0.96 32.14
C GLN D 110 0.89 -1.88 33.21
N LEU D 111 0.56 -3.17 33.19
CA LEU D 111 1.15 -4.17 34.13
C LEU D 111 2.66 -4.28 33.85
N ALA D 112 3.05 -4.42 32.58
CA ALA D 112 4.45 -4.63 32.16
C ALA D 112 5.31 -3.40 32.52
N THR D 113 4.73 -2.20 32.51
CA THR D 113 5.47 -0.91 32.66
C THR D 113 5.08 -0.21 33.97
N TYR D 114 4.45 -0.94 34.90
CA TYR D 114 4.36 -0.60 36.35
C TYR D 114 3.41 0.59 36.61
N THR D 115 2.33 0.74 35.84
CA THR D 115 1.40 1.91 35.95
C THR D 115 -0.03 1.49 36.34
N SER D 116 -0.20 0.35 37.02
CA SER D 116 -1.52 -0.07 37.59
C SER D 116 -2.05 1.00 38.54
N GLY D 117 -1.14 1.75 39.19
CA GLY D 117 -1.46 2.81 40.16
C GLY D 117 -1.65 2.29 41.57
N ASN D 118 -1.50 0.98 41.82
CA ASN D 118 -1.58 0.42 43.20
C ASN D 118 -0.88 -0.95 43.30
N LEU D 119 0.38 -1.05 42.87
CA LEU D 119 1.24 -2.25 43.11
C LEU D 119 2.63 -1.76 43.50
N ALA D 120 3.08 -2.20 44.68
CA ALA D 120 4.37 -1.83 45.31
C ALA D 120 5.48 -2.72 44.74
N LEU D 121 6.73 -2.51 45.16
CA LEU D 121 7.91 -3.27 44.72
C LEU D 121 7.67 -4.76 44.92
N GLN D 122 7.19 -5.16 46.10
CA GLN D 122 7.03 -6.59 46.49
C GLN D 122 5.57 -6.87 46.84
N PHE D 123 5.16 -8.12 46.67
CA PHE D 123 3.96 -8.71 47.31
C PHE D 123 4.07 -8.54 48.82
N PRO D 124 2.93 -8.45 49.54
CA PRO D 124 2.95 -8.59 51.00
C PRO D 124 3.57 -9.92 51.43
N ASP D 125 4.27 -9.93 52.57
CA ASP D 125 4.98 -11.10 53.15
C ASP D 125 4.05 -12.33 53.15
N GLU D 126 2.77 -12.14 53.51
CA GLU D 126 1.79 -13.23 53.73
C GLU D 126 1.50 -13.97 52.42
N VAL D 127 1.64 -13.29 51.27
CA VAL D 127 1.39 -13.87 49.93
C VAL D 127 2.58 -14.76 49.56
N GLN D 128 2.36 -16.06 49.39
CA GLN D 128 3.42 -17.08 49.10
C GLN D 128 2.90 -18.08 48.06
N THR D 129 1.74 -18.70 48.32
CA THR D 129 1.16 -19.78 47.46
C THR D 129 0.45 -19.14 46.26
N ASP D 130 0.23 -19.92 45.20
CA ASP D 130 -0.50 -19.48 43.98
C ASP D 130 -1.92 -19.06 44.36
N GLN D 131 -2.53 -19.74 45.33
CA GLN D 131 -3.91 -19.43 45.82
C GLN D 131 -3.89 -18.05 46.49
N GLN D 132 -2.90 -17.79 47.33
CA GLN D 132 -2.71 -16.47 48.00
C GLN D 132 -2.43 -15.39 46.96
N VAL D 133 -1.72 -15.72 45.88
CA VAL D 133 -1.41 -14.78 44.76
C VAL D 133 -2.72 -14.48 44.01
N LEU D 134 -3.51 -15.51 43.68
CA LEU D 134 -4.82 -15.32 43.01
C LEU D 134 -5.71 -14.43 43.90
N THR D 135 -5.83 -14.78 45.19
CA THR D 135 -6.60 -14.02 46.22
C THR D 135 -6.17 -12.55 46.22
N PHE D 136 -4.85 -12.29 46.26
CA PHE D 136 -4.28 -10.92 46.29
C PHE D 136 -4.86 -10.11 45.13
N PHE D 137 -4.86 -10.66 43.90
CA PHE D 137 -5.28 -9.94 42.67
C PHE D 137 -6.81 -9.85 42.59
N LYS D 138 -7.53 -10.86 43.07
CA LYS D 138 -9.02 -10.81 43.18
C LYS D 138 -9.42 -9.64 44.10
N ASP D 139 -8.72 -9.48 45.22
CA ASP D 139 -9.03 -8.48 46.28
C ASP D 139 -8.46 -7.10 45.91
N TRP D 140 -7.63 -7.01 44.87
CA TRP D 140 -6.95 -5.75 44.44
C TRP D 140 -7.99 -4.70 44.06
N LYS D 141 -7.80 -3.46 44.52
CA LYS D 141 -8.63 -2.28 44.14
C LYS D 141 -7.70 -1.16 43.67
N PRO D 142 -8.15 -0.27 42.76
CA PRO D 142 -7.31 0.82 42.26
C PRO D 142 -7.00 1.86 43.34
N LYS D 143 -5.96 2.68 43.11
CA LYS D 143 -5.66 3.84 44.00
C LYS D 143 -5.40 5.06 43.11
N ASN D 144 -4.22 5.18 42.50
CA ASN D 144 -3.91 6.30 41.57
C ASN D 144 -4.61 6.02 40.24
N PRO D 145 -4.88 7.07 39.43
CA PRO D 145 -5.43 6.89 38.09
C PRO D 145 -4.59 5.87 37.30
N ILE D 146 -5.26 4.83 36.79
CA ILE D 146 -4.61 3.72 36.03
C ILE D 146 -3.86 4.32 34.84
N GLY D 147 -2.58 3.98 34.69
CA GLY D 147 -1.75 4.36 33.54
C GLY D 147 -0.97 5.64 33.75
N GLU D 148 -1.20 6.35 34.86
CA GLU D 148 -0.67 7.72 35.08
C GLU D 148 0.60 7.72 35.94
N TYR D 149 0.76 6.75 36.85
CA TYR D 149 1.88 6.73 37.83
C TYR D 149 2.72 5.45 37.69
N ARG D 150 4.03 5.62 37.51
CA ARG D 150 5.00 4.49 37.50
C ARG D 150 5.44 4.19 38.94
N GLN D 151 5.17 2.98 39.41
CA GLN D 151 5.77 2.43 40.65
C GLN D 151 6.42 1.08 40.32
N TYR D 152 7.75 1.06 40.26
CA TYR D 152 8.55 -0.16 39.95
C TYR D 152 8.03 -1.30 40.83
N SER D 153 7.58 -2.40 40.20
CA SER D 153 6.77 -3.45 40.91
C SER D 153 7.05 -4.86 40.35
N ASN D 154 7.50 -5.78 41.21
CA ASN D 154 7.63 -7.23 40.90
C ASN D 154 6.24 -7.83 40.66
N PRO D 155 5.23 -7.60 41.54
CA PRO D 155 3.89 -8.12 41.30
C PRO D 155 3.30 -7.69 39.94
N SER D 156 3.58 -6.45 39.52
CA SER D 156 3.01 -5.86 38.28
C SER D 156 3.51 -6.64 37.07
N ILE D 157 4.82 -6.71 36.86
CA ILE D 157 5.42 -7.42 35.71
C ILE D 157 5.28 -8.94 35.94
N GLY D 158 5.25 -9.39 37.20
CA GLY D 158 4.90 -10.77 37.57
C GLY D 158 3.57 -11.21 36.97
N LEU D 159 2.51 -10.41 37.18
CA LEU D 159 1.16 -10.73 36.64
C LEU D 159 1.21 -10.73 35.12
N PHE D 160 1.91 -9.76 34.52
CA PHE D 160 2.11 -9.68 33.06
C PHE D 160 2.73 -11.00 32.57
N GLY D 161 3.81 -11.45 33.24
CA GLY D 161 4.49 -12.71 32.89
C GLY D 161 3.55 -13.90 32.95
N LYS D 162 2.76 -14.02 34.01
CA LYS D 162 1.79 -15.13 34.20
C LYS D 162 0.79 -15.13 33.03
N VAL D 163 0.29 -13.95 32.65
CA VAL D 163 -0.71 -13.78 31.56
C VAL D 163 -0.06 -14.17 30.23
N VAL D 164 1.18 -13.74 29.98
CA VAL D 164 1.93 -14.11 28.73
C VAL D 164 2.00 -15.62 28.66
N ALA D 165 2.32 -16.29 29.77
CA ALA D 165 2.43 -17.76 29.87
C ALA D 165 1.07 -18.40 29.54
N LEU D 166 -0.01 -17.93 30.16
CA LEU D 166 -1.39 -18.43 29.90
C LEU D 166 -1.71 -18.29 28.41
N SER D 167 -1.35 -17.16 27.79
CA SER D 167 -1.61 -16.86 26.35
C SER D 167 -0.90 -17.89 25.46
N MET D 168 0.18 -18.49 25.93
CA MET D 168 1.00 -19.46 25.15
C MET D 168 0.75 -20.89 25.66
N ASN D 169 -0.19 -21.07 26.59
CA ASN D 169 -0.65 -22.39 27.11
C ASN D 169 0.55 -23.21 27.61
N LYS D 170 1.46 -22.55 28.31
CA LYS D 170 2.69 -23.16 28.90
C LYS D 170 2.96 -22.46 30.23
N PRO D 171 3.47 -23.17 31.26
CA PRO D 171 3.95 -22.48 32.46
C PRO D 171 5.10 -21.54 32.06
N PHE D 172 5.25 -20.44 32.80
CA PHE D 172 6.22 -19.34 32.49
C PHE D 172 7.63 -19.92 32.33
N ASP D 173 8.04 -20.85 33.20
CA ASP D 173 9.39 -21.46 33.16
C ASP D 173 9.63 -22.10 31.79
N GLN D 174 8.61 -22.75 31.24
CA GLN D 174 8.68 -23.44 29.92
C GLN D 174 8.66 -22.42 28.78
N VAL D 175 7.90 -21.34 28.93
CA VAL D 175 7.90 -20.23 27.92
C VAL D 175 9.35 -19.81 27.66
N LEU D 176 10.13 -19.57 28.72
CA LEU D 176 11.53 -19.11 28.58
C LEU D 176 12.41 -20.28 28.14
N GLU D 177 12.36 -21.41 28.85
CA GLU D 177 13.34 -22.51 28.68
C GLU D 177 13.10 -23.23 27.35
N LYS D 178 11.85 -23.33 26.88
CA LYS D 178 11.49 -24.13 25.67
C LYS D 178 11.31 -23.23 24.44
N THR D 179 10.95 -21.95 24.59
CA THR D 179 10.64 -21.06 23.44
C THR D 179 11.67 -19.91 23.33
N ILE D 180 11.77 -19.07 24.36
CA ILE D 180 12.48 -17.76 24.25
C ILE D 180 13.99 -17.97 24.26
N PHE D 181 14.54 -18.74 25.20
CA PHE D 181 16.01 -18.95 25.30
C PHE D 181 16.53 -19.61 24.03
N PRO D 182 15.88 -20.71 23.55
CA PRO D 182 16.31 -21.35 22.30
C PRO D 182 16.28 -20.38 21.10
N ALA D 183 15.22 -19.57 21.00
CA ALA D 183 15.04 -18.56 19.92
C ALA D 183 16.19 -17.54 19.96
N LEU D 184 16.73 -17.24 21.14
CA LEU D 184 17.85 -16.27 21.30
C LEU D 184 19.20 -17.00 21.23
N GLY D 185 19.18 -18.33 21.04
CA GLY D 185 20.38 -19.18 20.98
C GLY D 185 21.17 -19.19 22.29
N LEU D 186 20.46 -19.12 23.43
CA LEU D 186 21.07 -19.16 24.78
C LEU D 186 21.07 -20.63 25.25
N LYS D 187 22.26 -21.13 25.60
CA LYS D 187 22.53 -22.56 25.91
C LYS D 187 22.50 -22.80 27.43
N HIS D 188 22.82 -21.79 28.26
CA HIS D 188 22.97 -21.95 29.72
C HIS D 188 22.21 -20.86 30.47
N SER D 189 20.96 -20.61 30.08
CA SER D 189 20.05 -19.65 30.74
C SER D 189 18.84 -20.42 31.27
N TYR D 190 18.46 -20.19 32.53
CA TYR D 190 17.49 -21.04 33.28
C TYR D 190 16.56 -20.19 34.15
N VAL D 191 15.31 -20.66 34.30
CA VAL D 191 14.41 -20.30 35.42
C VAL D 191 14.69 -21.29 36.57
N ASN D 192 14.80 -22.58 36.24
CA ASN D 192 15.16 -23.67 37.20
C ASN D 192 16.47 -24.30 36.70
N VAL D 193 17.56 -24.12 37.46
CA VAL D 193 18.87 -24.69 37.07
C VAL D 193 18.78 -26.19 37.27
N PRO D 194 19.00 -27.01 36.22
CA PRO D 194 18.90 -28.47 36.33
C PRO D 194 20.03 -29.07 37.17
N LYS D 195 19.81 -30.28 37.71
CA LYS D 195 20.80 -31.05 38.52
C LYS D 195 22.18 -30.98 37.86
N THR D 196 22.21 -31.16 36.53
CA THR D 196 23.46 -31.28 35.73
C THR D 196 24.23 -29.95 35.68
N GLN D 197 23.61 -28.84 36.07
CA GLN D 197 24.24 -27.49 35.99
C GLN D 197 24.46 -26.89 37.37
N MET D 198 24.01 -27.56 38.44
CA MET D 198 24.14 -27.04 39.82
C MET D 198 25.62 -26.80 40.15
N GLN D 199 26.53 -27.61 39.61
CA GLN D 199 28.00 -27.47 39.80
C GLN D 199 28.48 -26.11 39.24
N ASN D 200 27.76 -25.51 38.30
CA ASN D 200 28.15 -24.23 37.66
C ASN D 200 27.39 -23.05 38.29
N TYR D 201 26.40 -23.32 39.13
CA TYR D 201 25.55 -22.28 39.78
C TYR D 201 26.34 -21.67 40.92
N ALA D 202 26.78 -20.42 40.75
CA ALA D 202 27.49 -19.64 41.79
C ALA D 202 26.61 -19.57 43.04
N PHE D 203 27.23 -19.52 44.20
CA PHE D 203 26.55 -19.01 45.43
C PHE D 203 26.56 -17.50 45.35
N GLY D 204 25.48 -16.87 45.78
CA GLY D 204 25.46 -15.45 46.17
C GLY D 204 26.04 -15.31 47.56
N TYR D 205 26.49 -14.12 47.93
CA TYR D 205 27.04 -13.85 49.29
C TYR D 205 26.38 -12.60 49.86
N ASN D 206 25.93 -12.70 51.13
CA ASN D 206 25.30 -11.58 51.86
C ASN D 206 26.41 -10.70 52.45
N GLN D 207 26.03 -9.72 53.27
CA GLN D 207 26.94 -8.69 53.82
C GLN D 207 27.92 -9.32 54.82
N GLU D 208 27.64 -10.53 55.31
CA GLU D 208 28.52 -11.30 56.23
C GLU D 208 29.31 -12.36 55.43
N ASN D 209 29.28 -12.28 54.10
CA ASN D 209 29.94 -13.24 53.15
C ASN D 209 29.51 -14.66 53.49
N GLN D 210 28.23 -14.85 53.82
CA GLN D 210 27.57 -16.17 53.95
C GLN D 210 26.87 -16.48 52.63
N PRO D 211 26.96 -17.75 52.16
CA PRO D 211 26.33 -18.13 50.90
C PRO D 211 24.80 -18.08 51.00
N ILE D 212 24.18 -17.57 49.95
CA ILE D 212 22.70 -17.46 49.81
C ILE D 212 22.37 -17.61 48.33
N ARG D 213 21.24 -18.22 48.06
CA ARG D 213 20.64 -18.34 46.71
C ARG D 213 19.21 -17.80 46.82
N VAL D 214 18.67 -17.34 45.70
CA VAL D 214 17.33 -16.71 45.65
C VAL D 214 16.32 -17.76 46.13
N ASN D 215 15.36 -17.35 46.96
CA ASN D 215 14.34 -18.25 47.55
C ASN D 215 13.14 -18.27 46.62
N PRO D 216 12.39 -19.40 46.53
CA PRO D 216 11.13 -19.41 45.81
C PRO D 216 10.22 -18.30 46.37
N GLY D 217 9.48 -17.62 45.51
CA GLY D 217 8.58 -16.53 45.89
C GLY D 217 7.41 -16.44 44.92
N PRO D 218 6.34 -15.66 45.25
CA PRO D 218 5.20 -15.50 44.36
C PRO D 218 5.59 -14.79 43.06
N LEU D 219 5.26 -15.40 41.92
CA LEU D 219 5.59 -14.95 40.55
C LEU D 219 7.06 -14.50 40.46
N ASP D 220 7.96 -15.27 41.07
CA ASP D 220 9.41 -14.96 41.15
C ASP D 220 10.03 -14.99 39.74
N ALA D 221 9.72 -16.01 38.95
CA ALA D 221 10.39 -16.29 37.65
C ALA D 221 10.31 -15.04 36.76
N PRO D 222 9.11 -14.48 36.47
CA PRO D 222 9.03 -13.32 35.59
C PRO D 222 9.62 -12.01 36.15
N ALA D 223 9.73 -11.87 37.48
CA ALA D 223 10.16 -10.61 38.14
C ALA D 223 11.67 -10.61 38.36
N TYR D 224 12.28 -11.72 38.80
CA TYR D 224 13.71 -11.71 39.22
C TYR D 224 14.32 -13.12 39.20
N GLY D 225 13.73 -14.06 38.46
CA GLY D 225 13.97 -15.51 38.69
C GLY D 225 14.90 -16.16 37.68
N VAL D 226 15.56 -15.42 36.79
CA VAL D 226 16.40 -16.01 35.70
C VAL D 226 17.87 -16.03 36.11
N LYS D 227 18.57 -17.09 35.71
CA LYS D 227 20.03 -17.32 35.93
C LYS D 227 20.68 -17.54 34.57
N SER D 228 21.89 -17.00 34.38
CA SER D 228 22.61 -17.06 33.08
C SER D 228 24.11 -16.92 33.29
N THR D 229 24.88 -17.18 32.23
CA THR D 229 26.36 -17.12 32.18
C THR D 229 26.77 -15.82 31.50
N LEU D 230 28.03 -15.40 31.62
CA LEU D 230 28.52 -14.20 30.90
C LEU D 230 28.38 -14.40 29.39
N PRO D 231 28.82 -15.54 28.79
CA PRO D 231 28.68 -15.73 27.34
C PRO D 231 27.23 -15.61 26.87
N ASP D 232 26.28 -16.23 27.57
CA ASP D 232 24.83 -16.14 27.24
C ASP D 232 24.38 -14.68 27.29
N MET D 233 24.79 -13.92 28.31
CA MET D 233 24.33 -12.52 28.47
C MET D 233 24.97 -11.65 27.39
N LEU D 234 26.19 -11.95 26.95
CA LEU D 234 26.83 -11.25 25.79
C LEU D 234 26.06 -11.60 24.50
N SER D 235 25.58 -12.83 24.34
CA SER D 235 24.74 -13.24 23.19
C SER D 235 23.42 -12.47 23.24
N PHE D 236 22.83 -12.31 24.41
CA PHE D 236 21.55 -11.57 24.60
C PHE D 236 21.76 -10.11 24.20
N ILE D 237 22.86 -9.49 24.62
CA ILE D 237 23.21 -8.09 24.22
C ILE D 237 23.43 -8.04 22.70
N HIS D 238 24.09 -9.06 22.12
CA HIS D 238 24.32 -9.16 20.66
C HIS D 238 22.97 -9.12 19.94
N ALA D 239 22.01 -9.93 20.40
CA ALA D 239 20.63 -10.00 19.85
C ALA D 239 19.96 -8.63 19.90
N ASN D 240 20.16 -7.89 21.00
CA ASN D 240 19.57 -6.53 21.20
C ASN D 240 20.25 -5.51 20.30
N LEU D 241 21.55 -5.68 20.03
CA LEU D 241 22.33 -4.78 19.13
C LEU D 241 22.02 -5.09 17.65
N ASN D 242 21.71 -6.35 17.31
CA ASN D 242 21.53 -6.81 15.91
C ASN D 242 20.30 -7.72 15.77
N PRO D 243 19.08 -7.25 16.08
CA PRO D 243 17.89 -8.11 16.01
C PRO D 243 17.54 -8.62 14.58
N GLN D 244 17.96 -7.87 13.57
CA GLN D 244 17.79 -8.21 12.12
C GLN D 244 18.39 -9.59 11.84
N LYS D 245 19.43 -10.01 12.58
CA LYS D 245 20.17 -11.27 12.32
C LYS D 245 19.38 -12.47 12.85
N TYR D 246 18.26 -12.24 13.56
CA TYR D 246 17.47 -13.30 14.25
C TYR D 246 16.20 -13.62 13.47
N PRO D 247 15.62 -14.83 13.65
CA PRO D 247 14.35 -15.18 13.04
C PRO D 247 13.27 -14.14 13.36
N THR D 248 12.31 -13.97 12.45
CA THR D 248 11.31 -12.86 12.43
C THR D 248 10.63 -12.72 13.80
N ASP D 249 10.10 -13.82 14.36
CA ASP D 249 9.28 -13.82 15.60
C ASP D 249 10.09 -13.23 16.77
N ILE D 250 11.36 -13.62 16.93
CA ILE D 250 12.21 -13.16 18.05
C ILE D 250 12.78 -11.77 17.71
N GLN D 251 13.06 -11.49 16.44
CA GLN D 251 13.48 -10.13 15.97
C GLN D 251 12.40 -9.13 16.37
N ARG D 252 11.13 -9.42 16.06
CA ARG D 252 9.96 -8.57 16.40
C ARG D 252 9.88 -8.40 17.91
N ALA D 253 10.01 -9.51 18.66
CA ALA D 253 9.97 -9.53 20.14
C ALA D 253 11.04 -8.57 20.70
N ILE D 254 12.28 -8.66 20.20
CA ILE D 254 13.42 -7.81 20.66
C ILE D 254 13.10 -6.34 20.35
N ASN D 255 12.68 -6.03 19.13
CA ASN D 255 12.37 -4.64 18.71
C ASN D 255 11.26 -4.08 19.60
N GLU D 256 10.26 -4.90 19.95
CA GLU D 256 9.13 -4.52 20.83
C GLU D 256 9.70 -4.01 22.17
N THR D 257 10.77 -4.61 22.69
CA THR D 257 11.35 -4.25 24.02
C THR D 257 12.12 -2.93 23.93
N HIS D 258 12.45 -2.45 22.72
CA HIS D 258 13.25 -1.20 22.53
C HIS D 258 12.33 0.02 22.41
N GLN D 259 11.01 -0.18 22.27
CA GLN D 259 10.04 0.90 22.03
C GLN D 259 9.71 1.59 23.36
N GLY D 260 10.14 2.85 23.51
CA GLY D 260 9.73 3.72 24.62
C GLY D 260 8.21 3.83 24.70
N ARG D 261 7.65 3.76 25.90
CA ARG D 261 6.18 3.77 26.13
C ARG D 261 5.75 5.09 26.79
N TYR D 262 6.63 5.67 27.61
CA TYR D 262 6.41 6.95 28.33
C TYR D 262 7.75 7.43 28.90
N GLN D 263 7.75 8.63 29.50
CA GLN D 263 8.96 9.27 30.08
C GLN D 263 8.73 9.54 31.56
N VAL D 264 9.81 9.46 32.35
CA VAL D 264 9.96 10.05 33.71
C VAL D 264 11.28 10.83 33.70
N ASN D 265 11.18 12.15 33.50
CA ASN D 265 12.34 13.07 33.30
C ASN D 265 13.17 12.52 32.13
N THR D 266 14.44 12.19 32.36
CA THR D 266 15.42 11.81 31.30
C THR D 266 15.30 10.31 30.98
N MET D 267 14.52 9.56 31.76
CA MET D 267 14.38 8.09 31.58
C MET D 267 13.11 7.80 30.78
N TYR D 268 13.25 7.05 29.69
CA TYR D 268 12.14 6.48 28.88
C TYR D 268 11.93 5.03 29.31
N GLN D 269 10.72 4.68 29.74
CA GLN D 269 10.37 3.28 30.08
C GLN D 269 10.05 2.54 28.78
N ALA D 270 10.93 1.62 28.35
CA ALA D 270 10.62 0.63 27.30
C ALA D 270 10.04 -0.63 27.97
N LEU D 271 9.90 -1.72 27.25
CA LEU D 271 9.47 -3.02 27.84
C LEU D 271 10.67 -3.65 28.53
N GLY D 272 10.69 -3.61 29.87
CA GLY D 272 11.82 -4.09 30.70
C GLY D 272 12.98 -3.11 30.68
N TRP D 273 13.53 -2.82 29.50
CA TRP D 273 14.69 -1.91 29.33
C TRP D 273 14.33 -0.49 29.78
N GLU D 274 15.28 0.18 30.44
CA GLU D 274 15.28 1.65 30.58
C GLU D 274 16.02 2.21 29.36
N GLU D 275 15.48 3.31 28.79
CA GLU D 275 15.94 3.89 27.51
C GLU D 275 16.33 5.35 27.77
N PHE D 276 17.39 5.82 27.13
CA PHE D 276 17.91 7.21 27.28
C PHE D 276 18.35 7.74 25.91
N SER D 277 18.25 9.05 25.74
CA SER D 277 18.88 9.79 24.63
C SER D 277 20.39 9.55 24.70
N TYR D 278 20.99 9.13 23.58
CA TYR D 278 22.45 8.92 23.46
C TYR D 278 23.05 10.06 22.66
N PRO D 279 24.18 10.67 23.09
CA PRO D 279 24.86 10.29 24.33
C PRO D 279 24.12 10.68 25.60
N ALA D 280 24.20 9.84 26.64
CA ALA D 280 23.66 10.13 27.99
C ALA D 280 24.83 10.49 28.91
N THR D 281 24.64 11.49 29.78
CA THR D 281 25.63 11.83 30.84
C THR D 281 25.59 10.73 31.90
N LEU D 282 26.69 10.57 32.63
CA LEU D 282 26.79 9.62 33.77
C LEU D 282 25.64 9.89 34.74
N GLN D 283 25.36 11.17 35.05
CA GLN D 283 24.35 11.54 36.07
C GLN D 283 22.95 11.13 35.61
N THR D 284 22.65 11.23 34.31
CA THR D 284 21.36 10.76 33.72
C THR D 284 21.19 9.27 34.05
N LEU D 285 22.23 8.48 33.81
CA LEU D 285 22.19 7.00 34.02
C LEU D 285 22.07 6.72 35.52
N LEU D 286 22.78 7.46 36.37
CA LEU D 286 22.70 7.32 37.86
C LEU D 286 21.29 7.70 38.34
N ASP D 287 20.75 8.83 37.85
CA ASP D 287 19.39 9.33 38.23
C ASP D 287 18.32 8.26 37.98
N SER D 288 18.48 7.45 36.93
CA SER D 288 17.50 6.40 36.52
C SER D 288 17.21 5.45 37.69
N ASN D 289 18.19 5.20 38.56
CA ASN D 289 18.05 4.20 39.65
C ASN D 289 18.18 4.89 41.01
N SER D 290 17.79 6.17 41.08
CA SER D 290 17.65 6.94 42.35
C SER D 290 16.51 6.35 43.20
N GLU D 291 16.56 6.57 44.51
CA GLU D 291 15.48 6.18 45.46
C GLU D 291 14.14 6.65 44.92
N GLN D 292 14.06 7.90 44.46
CA GLN D 292 12.82 8.56 43.96
C GLN D 292 12.21 7.71 42.83
N ILE D 293 13.02 7.28 41.86
CA ILE D 293 12.55 6.54 40.66
C ILE D 293 12.21 5.09 41.05
N VAL D 294 13.08 4.43 41.80
CA VAL D 294 12.97 2.97 42.08
C VAL D 294 11.87 2.70 43.11
N MET D 295 11.75 3.54 44.16
CA MET D 295 10.98 3.19 45.38
C MET D 295 9.63 3.91 45.45
N LYS D 296 9.47 5.04 44.75
CA LYS D 296 8.29 5.94 44.91
C LYS D 296 7.48 5.97 43.61
N PRO D 297 6.17 6.26 43.68
CA PRO D 297 5.38 6.49 42.48
C PRO D 297 5.84 7.80 41.81
N ASN D 298 5.87 7.83 40.48
CA ASN D 298 6.21 9.05 39.68
C ASN D 298 5.24 9.16 38.52
N LYS D 299 4.62 10.34 38.37
CA LYS D 299 3.67 10.65 37.28
C LYS D 299 4.42 10.52 35.96
N VAL D 300 3.87 9.77 35.01
CA VAL D 300 4.51 9.56 33.67
C VAL D 300 4.08 10.69 32.75
N THR D 301 4.89 10.99 31.73
CA THR D 301 4.55 11.90 30.61
C THR D 301 4.48 11.05 29.34
N ALA D 302 3.47 11.28 28.51
CA ALA D 302 3.31 10.57 27.23
C ALA D 302 4.55 10.84 26.39
N ILE D 303 4.98 9.85 25.61
CA ILE D 303 6.09 10.01 24.62
C ILE D 303 5.64 11.07 23.60
N SER D 304 6.46 12.11 23.45
CA SER D 304 6.34 13.14 22.39
C SER D 304 7.02 12.66 21.10
N PRO D 307 13.43 10.74 20.28
CA PRO D 307 14.63 10.00 20.69
C PRO D 307 15.30 9.34 19.47
N SER D 308 16.11 10.09 18.72
CA SER D 308 16.67 9.67 17.41
C SER D 308 17.72 8.58 17.64
N VAL D 309 18.62 8.83 18.59
CA VAL D 309 19.73 7.89 18.96
C VAL D 309 19.55 7.55 20.44
N LYS D 310 19.46 6.26 20.78
CA LYS D 310 19.10 5.77 22.13
C LYS D 310 20.20 4.84 22.66
N MET D 311 20.27 4.74 23.99
CA MET D 311 21.00 3.64 24.67
C MET D 311 20.06 3.07 25.73
N TYR D 312 20.35 1.88 26.22
CA TYR D 312 19.46 1.11 27.11
C TYR D 312 20.30 0.50 28.23
N HIS D 313 19.74 0.40 29.42
CA HIS D 313 20.38 -0.36 30.52
C HIS D 313 19.32 -0.99 31.43
N LYS D 314 19.78 -1.87 32.32
CA LYS D 314 18.94 -2.45 33.39
C LYS D 314 19.89 -2.95 34.48
N THR D 315 19.57 -2.63 35.73
CA THR D 315 20.22 -3.20 36.94
C THR D 315 19.41 -4.42 37.38
N GLY D 316 20.06 -5.34 38.07
CA GLY D 316 19.39 -6.45 38.75
C GLY D 316 20.09 -6.74 40.07
N SER D 317 19.32 -7.00 41.11
CA SER D 317 19.84 -7.46 42.42
C SER D 317 18.94 -8.57 42.96
N THR D 318 19.56 -9.63 43.47
CA THR D 318 18.96 -10.54 44.47
C THR D 318 19.73 -10.29 45.77
N SER D 319 19.45 -11.03 46.83
CA SER D 319 20.14 -10.84 48.13
C SER D 319 21.65 -11.06 47.95
N GLY D 320 22.05 -11.96 47.05
CA GLY D 320 23.46 -12.39 46.93
C GLY D 320 24.12 -12.01 45.61
N PHE D 321 23.43 -11.34 44.68
CA PHE D 321 23.97 -11.09 43.32
C PHE D 321 23.65 -9.67 42.83
N GLY D 322 24.61 -9.08 42.11
CA GLY D 322 24.44 -7.82 41.37
C GLY D 322 24.60 -8.05 39.88
N THR D 323 23.76 -7.40 39.07
CA THR D 323 23.81 -7.46 37.60
C THR D 323 23.68 -6.04 37.04
N TYR D 324 24.38 -5.77 35.95
CA TYR D 324 24.18 -4.54 35.13
C TYR D 324 24.45 -4.91 33.67
N VAL D 325 23.49 -4.55 32.82
CA VAL D 325 23.59 -4.71 31.34
C VAL D 325 23.28 -3.36 30.70
N VAL D 326 24.09 -2.98 29.72
CA VAL D 326 23.95 -1.71 28.96
C VAL D 326 24.34 -1.97 27.51
N PHE D 327 23.63 -1.37 26.55
CA PHE D 327 24.06 -1.41 25.13
C PHE D 327 23.72 -0.09 24.44
N ILE D 328 24.50 0.23 23.41
CA ILE D 328 24.43 1.47 22.60
C ILE D 328 24.41 1.07 21.14
N PRO D 329 23.23 0.92 20.50
CA PRO D 329 23.15 0.47 19.10
C PRO D 329 24.05 1.27 18.15
N LYS D 330 24.08 2.59 18.29
CA LYS D 330 24.84 3.53 17.41
C LYS D 330 26.32 3.17 17.40
N GLU D 331 26.86 2.73 18.53
CA GLU D 331 28.31 2.40 18.70
C GLU D 331 28.53 0.90 18.54
N ASN D 332 27.46 0.13 18.34
CA ASN D 332 27.49 -1.35 18.18
C ASN D 332 28.26 -1.98 19.34
N ILE D 333 28.05 -1.49 20.57
CA ILE D 333 28.80 -1.95 21.78
C ILE D 333 27.82 -2.21 22.93
N GLY D 334 28.21 -3.10 23.84
CA GLY D 334 27.45 -3.36 25.08
C GLY D 334 28.35 -3.94 26.16
N LEU D 335 27.88 -3.94 27.40
CA LEU D 335 28.65 -4.46 28.56
C LEU D 335 27.70 -5.21 29.50
N VAL D 336 28.20 -6.31 30.07
CA VAL D 336 27.51 -7.10 31.12
C VAL D 336 28.46 -7.18 32.32
N MET D 337 27.93 -6.88 33.51
CA MET D 337 28.60 -7.09 34.80
C MET D 337 27.76 -8.06 35.64
N LEU D 338 28.37 -9.15 36.11
CA LEU D 338 27.74 -10.12 37.04
C LEU D 338 28.65 -10.23 38.27
N THR D 339 28.10 -10.06 39.48
CA THR D 339 28.81 -10.28 40.77
C THR D 339 27.98 -11.23 41.63
N ASN D 340 28.64 -12.05 42.46
CA ASN D 340 27.94 -12.91 43.45
C ASN D 340 28.04 -12.25 44.82
N LYS D 341 28.04 -10.92 44.84
CA LYS D 341 27.68 -10.09 46.01
C LYS D 341 27.14 -8.76 45.48
N ARG D 342 26.09 -8.22 46.09
CA ARG D 342 25.54 -6.90 45.72
C ARG D 342 26.60 -5.83 45.95
N ILE D 343 26.77 -4.94 44.96
CA ILE D 343 27.53 -3.68 45.11
C ILE D 343 26.61 -2.55 44.68
N PRO D 344 26.80 -1.31 45.18
CA PRO D 344 25.90 -0.22 44.84
C PRO D 344 25.71 -0.07 43.32
N ASN D 345 24.48 0.15 42.89
CA ASN D 345 24.12 0.45 41.48
C ASN D 345 25.06 1.52 40.91
N GLU D 346 25.34 2.56 41.70
CA GLU D 346 26.17 3.72 41.29
C GLU D 346 27.53 3.21 40.78
N GLU D 347 28.13 2.23 41.48
CA GLU D 347 29.47 1.70 41.14
C GLU D 347 29.40 0.93 39.82
N ARG D 348 28.33 0.15 39.62
CA ARG D 348 28.14 -0.67 38.38
C ARG D 348 28.05 0.29 37.19
N ILE D 349 27.17 1.30 37.32
CA ILE D 349 26.85 2.24 36.21
C ILE D 349 28.11 3.05 35.90
N LYS D 350 28.81 3.55 36.92
CA LYS D 350 30.04 4.38 36.73
C LYS D 350 31.15 3.55 36.08
N ALA D 351 31.46 2.35 36.61
CA ALA D 351 32.54 1.49 36.07
C ALA D 351 32.29 1.24 34.58
N ALA D 352 31.04 0.86 34.22
CA ALA D 352 30.63 0.57 32.83
C ALA D 352 30.79 1.81 31.96
N TYR D 353 30.38 2.97 32.48
CA TYR D 353 30.43 4.28 31.78
C TYR D 353 31.88 4.62 31.40
N VAL D 354 32.79 4.53 32.35
CA VAL D 354 34.25 4.81 32.12
C VAL D 354 34.77 3.85 31.04
N VAL D 355 34.47 2.56 31.15
CA VAL D 355 35.03 1.53 30.21
C VAL D 355 34.46 1.76 28.81
N LEU D 356 33.14 1.90 28.68
CA LEU D 356 32.50 2.04 27.34
C LEU D 356 32.94 3.35 26.68
N ASN D 357 33.15 4.41 27.45
CA ASN D 357 33.56 5.77 26.97
C ASN D 357 35.09 5.85 27.09
N ALA D 358 35.79 4.85 26.56
CA ALA D 358 37.27 4.72 26.52
C ALA D 358 37.66 3.67 25.47
N ILE D 359 36.76 2.70 25.20
CA ILE D 359 36.92 1.64 24.16
C ILE D 359 37.22 2.28 22.79
N LYS D 360 38.21 1.74 22.08
CA LYS D 360 38.72 2.26 20.77
C LYS D 360 37.76 1.89 19.63
O5 LP0 E . 9.08 0.94 -40.28
P1 LP0 E . 10.20 0.03 -40.72
O2 LP0 E . 11.09 0.84 -41.64
O3 LP0 E . 9.72 -1.19 -41.49
O20 LP0 E . 11.03 -0.51 -39.47
B1 LP0 E . 10.96 -1.89 -39.04
O21 LP0 E . 9.58 -2.52 -39.03
C1 LP0 E . 11.99 -2.81 -39.89
N2 LP0 E . 11.27 -3.66 -40.82
C3 LP0 E . 11.65 -4.91 -41.09
O4 LP0 E . 12.62 -5.49 -40.60
C5 LP0 E . 10.85 -5.66 -42.04
N6 LP0 E . 10.75 -5.23 -43.23
O7 LP0 E . 11.31 -4.16 -43.59
C8 LP0 E . 10.77 -3.27 -44.58
C11 LP0 E . 9.41 -2.81 -44.13
O13 LP0 E . 9.12 -1.58 -44.12
O12 LP0 E . 8.59 -3.67 -43.78
C10 LP0 E . 11.72 -2.08 -44.74
C9 LP0 E . 10.63 -4.02 -45.90
C14 LP0 E . 10.25 -6.93 -41.60
N18 LP0 E . 10.54 -7.54 -40.39
C17 LP0 E . 9.85 -8.70 -40.26
N19 LP0 E . 9.92 -9.56 -39.13
S16 LP0 E . 8.85 -9.10 -41.60
C15 LP0 E . 9.35 -7.65 -42.40
O5 LP0 F . -6.33 24.44 -7.49
P1 LP0 F . -5.04 23.67 -7.72
O2 LP0 F . -4.11 24.68 -8.36
O3 LP0 F . -5.26 22.48 -8.63
O20 LP0 F . -4.20 23.20 -6.49
B1 LP0 F . -4.33 21.91 -5.85
O21 LP0 F . -5.73 21.34 -5.62
C1 LP0 F . -3.38 20.84 -6.59
N2 LP0 F . -4.14 19.86 -7.35
C3 LP0 F . -3.81 18.55 -7.36
O4 LP0 F . -2.82 18.09 -6.80
C5 LP0 F . -4.65 17.59 -8.07
N6 LP0 F . -4.76 17.83 -9.31
O7 LP0 F . -4.15 18.85 -9.80
C8 LP0 F . -4.40 19.45 -11.09
C11 LP0 F . -5.88 19.63 -11.24
O13 LP0 F . -6.40 20.75 -11.00
O12 LP0 F . -6.55 18.64 -11.61
C10 LP0 F . -3.70 20.81 -11.22
C9 LP0 F . -3.91 18.52 -12.20
C14 LP0 F . -5.25 16.43 -7.30
N18 LP0 F . -6.10 15.44 -7.78
C17 LP0 F . -6.42 14.56 -6.80
N19 LP0 F . -7.27 13.42 -7.03
S16 LP0 F . -5.72 14.85 -5.23
C15 LP0 F . -4.95 16.23 -5.93
O5 LP0 G . -16.85 -20.88 -9.57
P1 LP0 G . -16.48 -21.55 -8.26
O2 LP0 G . -15.66 -20.64 -7.35
O3 LP0 G . -15.66 -22.78 -8.62
O20 LP0 G . -17.80 -22.04 -7.50
B1 LP0 G . -19.12 -21.57 -7.89
O21 LP0 G . -19.27 -20.03 -8.01
C1 LP0 G . -19.64 -22.27 -9.24
N2 LP0 G . -19.69 -21.40 -10.41
C3 LP0 G . -20.66 -21.50 -11.33
O4 LP0 G . -21.55 -22.34 -11.22
C5 LP0 G . -20.76 -20.58 -12.48
N6 LP0 G . -19.84 -20.59 -13.35
O7 LP0 G . -18.84 -21.34 -13.23
C8 LP0 G . -17.73 -21.32 -14.14
C11 LP0 G . -16.48 -21.47 -13.29
O13 LP0 G . -16.33 -20.69 -12.32
O12 LP0 G . -15.63 -22.35 -13.58
C10 LP0 G . -17.85 -22.48 -15.13
C9 LP0 G . -17.64 -20.02 -14.92
C14 LP0 G . -21.97 -19.71 -12.64
N18 LP0 G . -22.17 -18.77 -13.64
C17 LP0 G . -23.39 -18.17 -13.52
N19 LP0 G . -23.89 -17.13 -14.39
S16 LP0 G . -24.33 -18.73 -12.20
C15 LP0 G . -23.07 -19.82 -11.77
N GLY H . -25.95 -22.39 -14.53
CA GLY H . -24.64 -21.70 -14.36
C GLY H . -24.03 -21.33 -15.70
O GLY H . -22.92 -20.80 -15.77
OXT GLY H . -24.63 -21.56 -16.74
O5 LP0 I . 15.94 -2.32 41.13
P1 LP0 I . 16.56 -3.70 40.94
O2 LP0 I . 17.90 -3.59 40.24
O3 LP0 I . 16.72 -4.33 42.30
O20 LP0 I . 15.50 -4.55 40.12
B1 LP0 I . 15.22 -5.89 40.63
O21 LP0 I . 16.48 -6.73 40.95
C1 LP0 I . 14.19 -5.92 41.87
N2 LP0 I . 14.83 -6.42 43.07
C3 LP0 I . 14.19 -7.12 44.02
O4 LP0 I . 13.01 -7.38 43.95
C5 LP0 I . 14.94 -7.57 45.20
N6 LP0 I . 15.44 -6.67 45.93
O7 LP0 I . 15.25 -5.46 45.59
C8 LP0 I . 16.02 -4.33 46.03
C11 LP0 I . 16.02 -4.31 47.55
O13 LP0 I . 14.99 -3.94 48.15
O12 LP0 I . 17.03 -4.68 48.18
C10 LP0 I . 17.44 -4.41 45.47
C9 LP0 I . 15.37 -3.05 45.50
C14 LP0 I . 15.07 -9.04 45.48
N18 LP0 I . 15.76 -9.62 46.53
C17 LP0 I . 15.67 -10.98 46.48
N19 LP0 I . 16.30 -11.88 47.45
S16 LP0 I . 14.76 -11.61 45.16
C15 LP0 I . 14.47 -9.99 44.63
#